data_9FMM
#
_entry.id   9FMM
#
_cell.length_a   99.300
_cell.length_b   82.900
_cell.length_c   105.500
_cell.angle_alpha   90.000
_cell.angle_beta   104.200
_cell.angle_gamma   90.000
#
_symmetry.space_group_name_H-M   'P 1 21 1'
#
loop_
_entity.id
_entity.type
_entity.pdbx_description
1 polymer 'Angiotensin-converting enzyme 2'
2 non-polymer '(2~{S})-2-[[(2~{S})-3-[3-[(3-chloranyl-5-fluoranyl-phenyl)methyl]imidazol-4-yl]-1-oxidanyl-1-oxidanylidene-propan-2-yl]amino]-4-methyl-pentanoic acid'
3 non-polymer 2-acetamido-2-deoxy-beta-D-glucopyranose
4 non-polymer 1,2-ETHANEDIOL
5 non-polymer 'CHLORIDE ION'
6 non-polymer 'SODIUM ION'
7 non-polymer 'ZINC ION'
8 water water
#
_entity_poly.entity_id   1
_entity_poly.type   'polypeptide(L)'
_entity_poly.pdbx_seq_one_letter_code
;STIEEQAKTFLDKFNHEAEDLFYQSSLASWNYNTNITEENVQNMNNAGDKWSAFLKEQSTLAQMYPLQEIQNLTVKLQLQ
ALQQNGSSVLSEDKSKRLNTILNTMSTIYSTGKVCNPDNPQECLLLEPGLNEIMANSLDYNERLWAWESWRSEVGKQLRP
LYEEYVVLKNEMARANHYEDYGDYWRGDYEVNGVDGYDYSRGQLIEDVEHTFEEIKPLYEHLHAYVRAKLMNAYPSYISP
IGCLPAHLLGDMWGRFWTNLYSLTVPFGQKPNIDVTDAMVDQAWDAQRIFKEAEKFFVSVGLPNMTQGFWENSMLTDPGN
VQKAVCHPTAWDLGKGDFRILMCTKVTMDDFLTAHHEMGHIQYDMAYAAQPFLLRNGANEGFHEAVGEIMSLSAATPKHL
KSIGLLSPDFQEDNETEINFLLKQALTIVGTLPFTYMLEKWRWMVFKGEIPKDQWMKKWWEMKREIVGVVEPVPHDETYC
DPASLFHVSNDYSFIRYYTRTLYQFQFQEALCQAAKHEGPLHKCDISNSTEAGQKLFNMLRLGKSEPWTLALENVVGAKN
MNVRPLLNYFEPLFTWLKDQNKNSFVGWSTDWSPYADQSIKVRISLKSALGDKAYEWNDNEMYLFRSSVAYAMRQYFLKV
KNQMILFGEEDVRVANLKPRISFNFFVTAPKNVSDIIPRTEVEKAIRMSRSRINDAFRLNDNSLEFLGIQPTLGPPNQPP
VSHHHHHHHH
;
_entity_poly.pdbx_strand_id   A,B
#
# COMPACT_ATOMS: atom_id res chain seq x y z
N THR A 2 -25.09 53.98 22.50
CA THR A 2 -26.10 53.02 22.93
C THR A 2 -25.58 51.58 22.75
N ILE A 3 -26.31 50.62 23.33
CA ILE A 3 -25.88 49.22 23.23
C ILE A 3 -25.99 48.73 21.80
N GLU A 4 -27.17 48.89 21.19
CA GLU A 4 -27.41 48.38 19.84
C GLU A 4 -26.37 48.91 18.86
N GLU A 5 -26.19 50.23 18.78
CA GLU A 5 -25.28 50.81 17.80
C GLU A 5 -23.86 50.26 17.95
N GLN A 6 -23.43 50.00 19.18
CA GLN A 6 -22.13 49.38 19.38
C GLN A 6 -22.14 47.95 18.85
N ALA A 7 -23.07 47.12 19.37
CA ALA A 7 -23.16 45.73 18.95
C ALA A 7 -23.27 45.63 17.44
N LYS A 8 -24.12 46.46 16.84
CA LYS A 8 -24.24 46.50 15.38
C LYS A 8 -22.88 46.60 14.72
N THR A 9 -22.06 47.56 15.16
CA THR A 9 -20.73 47.70 14.58
C THR A 9 -19.85 46.51 14.94
N PHE A 10 -20.00 45.95 16.14
CA PHE A 10 -19.24 44.77 16.53
C PHE A 10 -19.52 43.58 15.61
N LEU A 11 -20.80 43.21 15.48
CA LEU A 11 -21.20 42.11 14.60
C LEU A 11 -20.86 42.41 13.15
N ASP A 12 -21.03 43.67 12.73
CA ASP A 12 -20.61 44.08 11.40
C ASP A 12 -19.12 43.85 11.18
N LYS A 13 -18.29 44.21 12.18
CA LYS A 13 -16.84 43.98 12.07
C LYS A 13 -16.52 42.50 12.18
N PHE A 14 -17.15 41.79 13.12
CA PHE A 14 -16.92 40.36 13.27
C PHE A 14 -17.25 39.59 11.98
N ASN A 15 -18.42 39.88 11.39
CA ASN A 15 -18.85 39.13 10.22
C ASN A 15 -17.85 39.24 9.08
N HIS A 16 -17.36 40.45 8.80
CA HIS A 16 -16.39 40.59 7.72
C HIS A 16 -15.02 40.04 8.10
N GLU A 17 -14.61 40.22 9.35
CA GLU A 17 -13.33 39.63 9.73
C GLU A 17 -13.43 38.12 9.74
N ALA A 18 -14.58 37.58 10.19
CA ALA A 18 -14.77 36.14 10.25
C ALA A 18 -14.82 35.52 8.86
N GLU A 19 -15.35 36.22 7.87
CA GLU A 19 -15.34 35.64 6.53
C GLU A 19 -13.93 35.36 6.05
N ASP A 20 -13.01 36.31 6.26
CA ASP A 20 -11.66 36.20 5.70
C ASP A 20 -10.83 35.14 6.44
N LEU A 21 -10.98 35.04 7.76
CA LEU A 21 -10.35 33.94 8.47
C LEU A 21 -10.97 32.60 8.11
N PHE A 22 -12.29 32.55 7.94
CA PHE A 22 -12.96 31.31 7.54
C PHE A 22 -12.49 30.86 6.17
N TYR A 23 -12.42 31.77 5.20
CA TYR A 23 -11.89 31.41 3.89
C TYR A 23 -10.53 30.73 4.02
N GLN A 24 -9.72 31.19 4.98
CA GLN A 24 -8.34 30.70 5.11
C GLN A 24 -8.29 29.24 5.55
N SER A 25 -8.98 28.89 6.65
CA SER A 25 -8.99 27.49 7.06
C SER A 25 -9.80 26.62 6.10
N SER A 26 -10.90 27.16 5.54
CA SER A 26 -11.63 26.44 4.49
C SER A 26 -10.66 25.99 3.40
N LEU A 27 -9.91 26.94 2.88
CA LEU A 27 -9.02 26.66 1.76
C LEU A 27 -7.89 25.73 2.17
N ALA A 28 -7.47 25.78 3.43
CA ALA A 28 -6.46 24.82 3.90
C ALA A 28 -7.07 23.44 4.10
N SER A 29 -8.34 23.37 4.48
CA SER A 29 -9.04 22.10 4.55
C SER A 29 -9.27 21.54 3.16
N TRP A 30 -9.54 22.42 2.18
CA TRP A 30 -9.70 21.97 0.82
C TRP A 30 -8.44 21.28 0.32
N ASN A 31 -7.29 21.93 0.47
CA ASN A 31 -6.06 21.36 -0.04
C ASN A 31 -5.69 20.09 0.68
N TYR A 32 -5.94 20.01 1.99
CA TYR A 32 -5.75 18.75 2.68
C TYR A 32 -6.65 17.66 2.09
N ASN A 33 -7.94 17.96 1.91
CA ASN A 33 -8.91 16.95 1.47
C ASN A 33 -8.70 16.56 0.02
N THR A 34 -8.23 17.50 -0.81
CA THR A 34 -7.91 17.21 -2.19
C THR A 34 -6.51 16.62 -2.35
N ASN A 35 -5.67 16.78 -1.33
CA ASN A 35 -4.25 16.46 -1.44
C ASN A 35 -3.76 16.15 -0.02
N ILE A 36 -4.18 14.99 0.49
CA ILE A 36 -3.76 14.52 1.80
C ILE A 36 -2.24 14.51 1.80
N THR A 37 -1.65 15.37 2.63
CA THR A 37 -0.21 15.52 2.72
C THR A 37 0.11 16.05 4.10
N GLU A 38 1.29 15.65 4.61
CA GLU A 38 1.78 16.13 5.90
C GLU A 38 1.86 17.65 5.95
N GLU A 39 2.37 18.26 4.88
CA GLU A 39 2.40 19.73 4.80
C GLU A 39 1.01 20.32 4.96
N ASN A 40 0.03 19.79 4.19
CA ASN A 40 -1.31 20.35 4.18
C ASN A 40 -2.02 20.12 5.50
N VAL A 41 -1.76 19.00 6.16
CA VAL A 41 -2.21 18.83 7.54
C VAL A 41 -1.70 19.99 8.39
N GLN A 42 -0.45 20.40 8.16
CA GLN A 42 0.16 21.46 8.96
C GLN A 42 -0.40 22.83 8.60
N ASN A 43 -0.55 23.13 7.30
CA ASN A 43 -1.24 24.36 6.91
C ASN A 43 -2.70 24.37 7.34
N MET A 44 -3.35 23.22 7.38
CA MET A 44 -4.69 23.14 7.95
C MET A 44 -4.66 23.50 9.43
N ASN A 45 -3.84 22.79 10.20
CA ASN A 45 -3.83 22.99 11.64
C ASN A 45 -3.52 24.43 12.03
N ASN A 46 -2.61 25.10 11.31
CA ASN A 46 -2.34 26.50 11.61
C ASN A 46 -3.55 27.37 11.29
N ALA A 47 -4.12 27.21 10.10
CA ALA A 47 -5.28 28.01 9.72
C ALA A 47 -6.45 27.80 10.67
N GLY A 48 -6.63 26.56 11.12
CA GLY A 48 -7.68 26.29 12.09
C GLY A 48 -7.38 26.90 13.44
N ASP A 49 -6.15 26.72 13.93
CA ASP A 49 -5.73 27.33 15.19
C ASP A 49 -6.00 28.83 15.17
N LYS A 50 -5.68 29.50 14.07
CA LYS A 50 -6.02 30.91 13.92
C LYS A 50 -7.51 31.12 14.08
N TRP A 51 -8.31 30.39 13.28
CA TRP A 51 -9.76 30.54 13.35
C TRP A 51 -10.27 30.32 14.77
N SER A 52 -9.82 29.27 15.43
CA SER A 52 -10.34 28.99 16.77
C SER A 52 -9.95 30.08 17.75
N ALA A 53 -8.68 30.52 17.72
CA ALA A 53 -8.22 31.57 18.63
C ALA A 53 -9.00 32.87 18.40
N PHE A 54 -9.26 33.20 17.14
CA PHE A 54 -10.07 34.39 16.83
C PHE A 54 -11.46 34.29 17.42
N LEU A 55 -12.09 33.12 17.33
CA LEU A 55 -13.43 32.99 17.88
C LEU A 55 -13.44 33.11 19.40
N LYS A 56 -12.41 32.56 20.07
CA LYS A 56 -12.31 32.69 21.52
C LYS A 56 -12.19 34.15 21.92
N GLU A 57 -11.40 34.92 21.19
CA GLU A 57 -11.31 36.36 21.44
C GLU A 57 -12.67 37.02 21.28
N GLN A 58 -13.28 36.88 20.10
CA GLN A 58 -14.57 37.53 19.87
C GLN A 58 -15.66 36.96 20.77
N SER A 59 -15.50 35.71 21.21
CA SER A 59 -16.48 35.12 22.13
C SER A 59 -16.49 35.87 23.46
N THR A 60 -15.31 36.05 24.06
CA THR A 60 -15.24 36.81 25.31
C THR A 60 -15.58 38.27 25.06
N LEU A 61 -15.02 38.85 23.98
CA LEU A 61 -15.30 40.25 23.67
C LEU A 61 -16.77 40.49 23.33
N ALA A 62 -17.52 39.45 22.94
CA ALA A 62 -18.96 39.57 22.74
C ALA A 62 -19.76 39.32 24.00
N GLN A 63 -19.21 38.56 24.96
CA GLN A 63 -19.87 38.35 26.24
C GLN A 63 -20.09 39.66 26.99
N MET A 64 -19.41 40.74 26.59
CA MET A 64 -19.62 42.06 27.21
C MET A 64 -21.00 42.60 26.89
N TYR A 65 -21.28 42.80 25.58
CA TYR A 65 -22.57 43.26 25.10
C TYR A 65 -23.67 42.45 25.77
N PRO A 66 -24.62 43.10 26.44
CA PRO A 66 -25.65 42.35 27.19
C PRO A 66 -26.23 41.24 26.34
N LEU A 67 -26.20 40.02 26.88
CA LEU A 67 -26.78 38.88 26.18
C LEU A 67 -28.25 39.14 25.86
N GLN A 68 -28.91 39.94 26.69
CA GLN A 68 -30.27 40.41 26.46
C GLN A 68 -30.21 41.82 25.87
N GLU A 69 -31.39 42.44 25.74
CA GLU A 69 -31.53 43.83 25.29
C GLU A 69 -30.99 44.03 23.87
N ILE A 70 -31.70 43.46 22.90
CA ILE A 70 -31.35 43.62 21.51
C ILE A 70 -32.58 44.08 20.75
N GLN A 71 -32.46 45.21 20.04
CA GLN A 71 -33.60 45.77 19.32
C GLN A 71 -33.94 44.93 18.09
N ASN A 72 -32.94 44.65 17.24
CA ASN A 72 -33.14 43.86 16.03
C ASN A 72 -32.75 42.41 16.36
N LEU A 73 -33.75 41.52 16.36
CA LEU A 73 -33.50 40.11 16.64
C LEU A 73 -32.44 39.52 15.72
N THR A 74 -32.28 40.12 14.54
CA THR A 74 -31.09 39.85 13.72
C THR A 74 -29.82 40.04 14.52
N VAL A 75 -29.77 41.08 15.37
CA VAL A 75 -28.57 41.40 16.11
C VAL A 75 -28.56 40.68 17.45
N LYS A 76 -29.50 39.76 17.67
CA LYS A 76 -29.54 39.07 18.94
C LYS A 76 -29.06 37.63 18.86
N LEU A 77 -29.60 36.83 17.93
CA LEU A 77 -29.20 35.42 17.84
C LEU A 77 -27.73 35.31 17.46
N GLN A 78 -27.28 36.18 16.54
CA GLN A 78 -25.87 36.27 16.22
C GLN A 78 -25.03 36.36 17.50
N LEU A 79 -25.34 37.34 18.35
CA LEU A 79 -24.65 37.46 19.63
C LEU A 79 -24.75 36.18 20.44
N GLN A 80 -25.94 35.57 20.47
CA GLN A 80 -26.14 34.37 21.28
C GLN A 80 -25.18 33.26 20.87
N ALA A 81 -24.94 33.11 19.57
CA ALA A 81 -23.97 32.12 19.12
C ALA A 81 -22.55 32.53 19.49
N LEU A 82 -22.20 33.80 19.23
CA LEU A 82 -20.83 34.27 19.45
C LEU A 82 -20.45 34.22 20.93
N GLN A 83 -21.43 34.22 21.83
CA GLN A 83 -21.13 34.15 23.25
C GLN A 83 -20.76 32.74 23.71
N GLN A 84 -21.17 31.71 22.95
CA GLN A 84 -20.87 30.31 23.26
C GLN A 84 -19.40 30.04 22.92
N ASN A 85 -18.53 30.11 23.94
CA ASN A 85 -17.09 29.95 23.71
C ASN A 85 -16.72 28.46 23.75
N GLY A 86 -17.07 27.78 22.65
CA GLY A 86 -16.67 26.39 22.47
C GLY A 86 -15.17 26.24 22.24
N SER A 87 -14.75 24.97 22.17
CA SER A 87 -13.37 24.59 21.92
C SER A 87 -12.46 25.14 23.02
N SER A 88 -12.50 26.46 23.21
CA SER A 88 -11.67 27.08 24.24
C SER A 88 -11.98 26.55 25.62
N VAL A 89 -13.16 25.96 25.82
CA VAL A 89 -13.44 25.28 27.07
C VAL A 89 -12.39 24.24 27.38
N LEU A 90 -11.79 23.64 26.34
CA LEU A 90 -10.79 22.61 26.55
C LEU A 90 -9.42 23.29 26.66
N SER A 91 -8.57 22.75 27.55
CA SER A 91 -7.20 23.23 27.67
C SER A 91 -6.50 23.25 26.32
N GLU A 92 -5.37 23.95 26.19
CA GLU A 92 -4.65 23.91 24.92
C GLU A 92 -4.06 22.52 24.67
N ASP A 93 -3.81 21.75 25.73
CA ASP A 93 -3.35 20.37 25.56
C ASP A 93 -4.48 19.47 25.10
N LYS A 94 -5.66 19.61 25.71
CA LYS A 94 -6.84 18.87 25.26
C LYS A 94 -7.18 19.21 23.81
N SER A 95 -7.25 20.50 23.48
CA SER A 95 -7.72 20.90 22.14
C SER A 95 -6.78 20.42 21.05
N LYS A 96 -5.47 20.43 21.29
CA LYS A 96 -4.55 19.96 20.28
C LYS A 96 -4.64 18.45 20.13
N ARG A 97 -4.95 17.76 21.22
CA ARG A 97 -5.11 16.31 21.18
C ARG A 97 -6.34 15.93 20.37
N LEU A 98 -7.47 16.61 20.61
CA LEU A 98 -8.68 16.34 19.86
C LEU A 98 -8.51 16.63 18.38
N ASN A 99 -7.83 17.73 18.03
CA ASN A 99 -7.60 17.96 16.60
C ASN A 99 -6.69 16.89 16.02
N THR A 100 -5.76 16.37 16.83
CA THR A 100 -4.94 15.26 16.38
C THR A 100 -5.78 14.00 16.19
N ILE A 101 -6.69 13.74 17.11
CA ILE A 101 -7.56 12.57 16.94
C ILE A 101 -8.42 12.70 15.69
N LEU A 102 -9.00 13.89 15.47
CA LEU A 102 -9.82 14.10 14.29
C LEU A 102 -9.03 13.90 13.01
N ASN A 103 -7.81 14.44 12.92
CA ASN A 103 -7.04 14.26 11.70
C ASN A 103 -6.60 12.82 11.53
N THR A 104 -6.41 12.10 12.64
CA THR A 104 -5.98 10.70 12.57
C THR A 104 -7.12 9.81 12.09
N MET A 105 -8.30 9.95 12.70
CA MET A 105 -9.46 9.20 12.23
C MET A 105 -9.71 9.48 10.76
N SER A 106 -9.78 10.76 10.40
CA SER A 106 -10.03 11.12 9.03
C SER A 106 -9.01 10.49 8.10
N THR A 107 -7.74 10.53 8.49
CA THR A 107 -6.67 10.04 7.62
C THR A 107 -6.71 8.53 7.49
N ILE A 108 -6.96 7.84 8.61
CA ILE A 108 -7.06 6.38 8.60
C ILE A 108 -8.17 5.95 7.65
N TYR A 109 -9.33 6.60 7.74
CA TYR A 109 -10.50 6.17 6.98
C TYR A 109 -10.29 6.39 5.50
N SER A 110 -9.60 7.47 5.13
CA SER A 110 -9.40 7.79 3.73
C SER A 110 -8.20 7.09 3.13
N THR A 111 -7.28 6.59 3.95
CA THR A 111 -6.09 5.90 3.45
C THR A 111 -6.03 4.44 3.81
N GLY A 112 -6.85 3.98 4.77
CA GLY A 112 -6.96 2.57 5.09
C GLY A 112 -6.97 1.63 3.90
N LYS A 113 -6.25 0.53 3.99
CA LYS A 113 -6.19 -0.42 2.89
C LYS A 113 -6.28 -1.83 3.43
N VAL A 114 -6.94 -2.70 2.68
CA VAL A 114 -6.94 -4.12 2.95
C VAL A 114 -6.25 -4.81 1.77
N CYS A 115 -5.72 -5.99 2.04
CA CYS A 115 -5.01 -6.69 0.99
C CYS A 115 -5.60 -8.08 0.83
N ASN A 116 -5.59 -8.56 -0.41
CA ASN A 116 -6.01 -9.93 -0.75
C ASN A 116 -5.13 -10.94 -0.03
N PRO A 117 -5.70 -11.89 0.72
CA PRO A 117 -4.86 -12.88 1.42
C PRO A 117 -4.08 -13.77 0.47
N ASP A 118 -4.58 -13.99 -0.74
CA ASP A 118 -3.85 -14.81 -1.71
C ASP A 118 -2.77 -14.02 -2.45
N ASN A 119 -2.80 -12.69 -2.40
CA ASN A 119 -1.83 -11.84 -3.08
C ASN A 119 -1.62 -10.59 -2.24
N PRO A 120 -0.67 -10.63 -1.29
CA PRO A 120 -0.53 -9.50 -0.35
C PRO A 120 -0.20 -8.18 -1.03
N GLN A 121 0.41 -8.20 -2.21
CA GLN A 121 0.70 -6.96 -2.92
C GLN A 121 -0.51 -6.37 -3.63
N GLU A 122 -1.70 -6.99 -3.53
CA GLU A 122 -2.92 -6.46 -4.12
C GLU A 122 -3.79 -5.90 -2.99
N CYS A 123 -3.67 -4.61 -2.74
CA CYS A 123 -4.41 -3.98 -1.67
C CYS A 123 -5.49 -3.06 -2.24
N LEU A 124 -6.51 -2.80 -1.42
CA LEU A 124 -7.71 -2.14 -1.90
C LEU A 124 -8.09 -1.03 -0.93
N LEU A 125 -8.22 0.19 -1.44
CA LEU A 125 -8.79 1.25 -0.65
C LEU A 125 -10.29 1.03 -0.47
N LEU A 126 -10.87 1.75 0.48
CA LEU A 126 -12.31 1.75 0.55
C LEU A 126 -12.91 2.30 -0.74
N GLU A 127 -12.41 3.44 -1.21
CA GLU A 127 -12.88 4.00 -2.48
C GLU A 127 -11.73 4.01 -3.50
N PRO A 128 -11.85 3.31 -4.63
CA PRO A 128 -13.04 2.67 -5.15
C PRO A 128 -13.15 1.17 -4.93
N GLY A 129 -12.06 0.49 -4.55
CA GLY A 129 -12.01 -0.95 -4.56
C GLY A 129 -13.05 -1.67 -3.72
N LEU A 130 -13.01 -1.47 -2.41
CA LEU A 130 -13.99 -2.11 -1.56
C LEU A 130 -15.41 -1.66 -1.91
N ASN A 131 -15.58 -0.38 -2.21
CA ASN A 131 -16.90 0.11 -2.59
C ASN A 131 -17.42 -0.62 -3.82
N GLU A 132 -16.56 -0.82 -4.81
CA GLU A 132 -16.98 -1.52 -6.03
C GLU A 132 -17.37 -2.97 -5.72
N ILE A 133 -16.60 -3.65 -4.86
CA ILE A 133 -16.98 -4.99 -4.45
C ILE A 133 -18.36 -4.97 -3.79
N MET A 134 -18.58 -4.02 -2.87
CA MET A 134 -19.83 -4.06 -2.12
C MET A 134 -21.03 -3.62 -2.95
N ALA A 135 -20.81 -2.83 -3.99
CA ALA A 135 -21.88 -2.50 -4.93
C ALA A 135 -22.20 -3.64 -5.87
N ASN A 136 -21.19 -4.39 -6.33
CA ASN A 136 -21.41 -5.20 -7.52
C ASN A 136 -21.16 -6.70 -7.36
N SER A 137 -20.35 -7.13 -6.43
CA SER A 137 -20.06 -8.55 -6.34
C SER A 137 -21.31 -9.31 -5.91
N LEU A 138 -21.59 -10.42 -6.61
CA LEU A 138 -22.64 -11.35 -6.21
C LEU A 138 -22.09 -12.54 -5.45
N ASP A 139 -20.81 -12.51 -5.12
CA ASP A 139 -20.18 -13.60 -4.40
C ASP A 139 -20.28 -13.35 -2.89
N TYR A 140 -20.99 -14.25 -2.20
CA TYR A 140 -21.16 -14.18 -0.76
C TYR A 140 -19.82 -14.13 -0.02
N ASN A 141 -18.83 -14.92 -0.46
CA ASN A 141 -17.57 -14.97 0.27
C ASN A 141 -16.79 -13.69 0.10
N GLU A 142 -16.64 -13.24 -1.15
CA GLU A 142 -15.89 -12.03 -1.41
C GLU A 142 -16.54 -10.81 -0.77
N ARG A 143 -17.87 -10.77 -0.78
CA ARG A 143 -18.55 -9.68 -0.07
C ARG A 143 -18.27 -9.76 1.42
N LEU A 144 -18.12 -10.98 1.94
CA LEU A 144 -17.77 -11.14 3.35
C LEU A 144 -16.37 -10.63 3.60
N TRP A 145 -15.43 -11.03 2.72
CA TRP A 145 -14.04 -10.62 2.89
C TRP A 145 -13.93 -9.11 3.00
N ALA A 146 -14.50 -8.39 2.02
CA ALA A 146 -14.42 -6.93 2.04
C ALA A 146 -15.07 -6.33 3.30
N TRP A 147 -16.21 -6.87 3.70
CA TRP A 147 -16.95 -6.30 4.84
C TRP A 147 -16.16 -6.42 6.13
N GLU A 148 -15.49 -7.57 6.33
CA GLU A 148 -14.81 -7.86 7.59
C GLU A 148 -13.39 -7.28 7.65
N SER A 149 -12.65 -7.40 6.54
CA SER A 149 -11.38 -6.72 6.40
C SER A 149 -11.50 -5.27 6.81
N TRP A 150 -12.41 -4.53 6.17
CA TRP A 150 -12.55 -3.11 6.45
C TRP A 150 -12.78 -2.87 7.94
N ARG A 151 -13.66 -3.63 8.57
CA ARG A 151 -13.89 -3.40 9.99
C ARG A 151 -12.78 -3.93 10.88
N SER A 152 -11.95 -4.88 10.41
CA SER A 152 -10.89 -5.41 11.27
C SER A 152 -9.53 -4.81 10.97
N GLU A 153 -9.27 -4.37 9.74
CA GLU A 153 -8.02 -3.67 9.46
C GLU A 153 -8.10 -2.20 9.74
N VAL A 154 -9.24 -1.58 9.52
CA VAL A 154 -9.38 -0.16 9.61
C VAL A 154 -10.18 0.25 10.85
N GLY A 155 -11.31 -0.41 11.07
CA GLY A 155 -12.11 -0.08 12.24
C GLY A 155 -11.38 -0.30 13.55
N LYS A 156 -10.60 -1.38 13.64
CA LYS A 156 -9.85 -1.61 14.87
C LYS A 156 -8.86 -0.48 15.16
N GLN A 157 -8.28 0.11 14.13
CA GLN A 157 -7.41 1.27 14.35
C GLN A 157 -8.18 2.44 14.88
N LEU A 158 -9.48 2.49 14.59
CA LEU A 158 -10.32 3.60 15.01
C LEU A 158 -10.83 3.48 16.44
N ARG A 159 -10.90 2.25 16.99
CA ARG A 159 -11.53 2.06 18.30
C ARG A 159 -10.90 2.91 19.40
N PRO A 160 -9.58 2.80 19.71
CA PRO A 160 -9.03 3.63 20.81
C PRO A 160 -9.14 5.13 20.56
N LEU A 161 -8.88 5.59 19.34
CA LEU A 161 -9.07 7.01 19.05
C LEU A 161 -10.50 7.42 19.34
N TYR A 162 -11.47 6.63 18.85
CA TYR A 162 -12.87 7.01 19.04
C TYR A 162 -13.22 7.14 20.52
N GLU A 163 -12.64 6.28 21.38
CA GLU A 163 -12.95 6.38 22.80
C GLU A 163 -12.49 7.71 23.37
N GLU A 164 -11.29 8.15 23.00
CA GLU A 164 -10.80 9.47 23.42
C GLU A 164 -11.67 10.56 22.84
N TYR A 165 -11.96 10.48 21.54
CA TYR A 165 -12.86 11.44 20.87
C TYR A 165 -14.12 11.69 21.69
N VAL A 166 -14.74 10.63 22.22
CA VAL A 166 -15.98 10.80 22.97
C VAL A 166 -15.71 11.55 24.28
N VAL A 167 -14.63 11.21 24.97
CA VAL A 167 -14.26 11.90 26.20
C VAL A 167 -14.06 13.39 25.95
N LEU A 168 -13.24 13.72 24.96
CA LEU A 168 -12.93 15.12 24.67
C LEU A 168 -14.16 15.89 24.21
N LYS A 169 -14.92 15.32 23.25
CA LYS A 169 -16.09 16.02 22.77
C LYS A 169 -17.12 16.24 23.88
N ASN A 170 -17.28 15.27 24.77
CA ASN A 170 -18.24 15.45 25.86
C ASN A 170 -17.79 16.57 26.80
N GLU A 171 -16.49 16.67 27.06
CA GLU A 171 -15.99 17.76 27.89
C GLU A 171 -16.25 19.12 27.23
N MET A 172 -15.93 19.26 25.94
CA MET A 172 -16.17 20.56 25.30
C MET A 172 -17.64 20.93 25.38
N ALA A 173 -18.53 19.92 25.37
CA ALA A 173 -19.96 20.18 25.32
C ALA A 173 -20.52 20.48 26.71
N ARG A 174 -20.19 19.63 27.70
CA ARG A 174 -20.65 19.85 29.06
C ARG A 174 -20.16 21.18 29.64
N ALA A 175 -19.08 21.73 29.09
CA ALA A 175 -18.58 23.04 29.46
C ALA A 175 -19.25 24.16 28.66
N ASN A 176 -19.62 23.89 27.40
CA ASN A 176 -20.49 24.77 26.63
C ASN A 176 -21.95 24.68 27.06
N HIS A 177 -22.24 23.97 28.16
CA HIS A 177 -23.55 23.94 28.80
C HIS A 177 -24.59 23.04 28.11
N TYR A 178 -24.19 21.87 27.57
CA TYR A 178 -25.14 20.91 27.06
C TYR A 178 -25.03 19.62 27.88
N GLU A 179 -26.00 18.72 27.76
CA GLU A 179 -25.90 17.49 28.53
C GLU A 179 -24.71 16.65 28.07
N ASP A 180 -24.40 16.67 26.77
CA ASP A 180 -23.24 16.01 26.18
C ASP A 180 -23.13 16.41 24.71
N TYR A 181 -22.17 15.81 24.00
CA TYR A 181 -22.01 16.09 22.58
C TYR A 181 -23.27 15.78 21.80
N GLY A 182 -23.97 14.70 22.16
CA GLY A 182 -25.24 14.37 21.53
C GLY A 182 -26.14 15.57 21.61
N ASP A 183 -26.47 15.97 22.85
CA ASP A 183 -27.33 17.12 23.07
C ASP A 183 -26.80 18.36 22.34
N TYR A 184 -25.48 18.54 22.30
CA TYR A 184 -24.93 19.66 21.53
C TYR A 184 -25.38 19.58 20.07
N TRP A 185 -25.38 18.38 19.51
CA TRP A 185 -25.76 18.19 18.11
C TRP A 185 -27.24 18.49 17.89
N ARG A 186 -28.11 17.88 18.69
CA ARG A 186 -29.53 18.20 18.60
C ARG A 186 -29.81 19.69 18.75
N GLY A 187 -28.84 20.46 19.25
CA GLY A 187 -29.04 21.90 19.36
C GLY A 187 -29.17 22.60 18.04
N ASP A 188 -28.73 21.97 16.95
CA ASP A 188 -28.93 22.52 15.63
C ASP A 188 -30.41 22.78 15.33
N TYR A 189 -31.32 21.99 15.94
CA TYR A 189 -32.73 22.12 15.65
C TYR A 189 -33.48 23.04 16.61
N GLU A 190 -32.79 23.62 17.60
CA GLU A 190 -33.43 24.34 18.71
C GLU A 190 -33.90 25.72 18.29
N VAL A 191 -35.14 26.05 18.64
CA VAL A 191 -35.70 27.37 18.45
C VAL A 191 -36.15 27.87 19.81
N ASN A 192 -35.75 29.10 20.15
CA ASN A 192 -36.15 29.67 21.42
C ASN A 192 -36.54 31.12 21.24
N GLY A 193 -37.38 31.60 22.16
CA GLY A 193 -37.78 32.99 22.16
C GLY A 193 -38.69 33.40 21.02
N VAL A 194 -39.42 32.46 20.41
CA VAL A 194 -40.35 32.78 19.32
C VAL A 194 -41.61 31.94 19.46
N ASP A 195 -42.55 32.38 20.31
CA ASP A 195 -43.71 31.56 20.66
C ASP A 195 -44.42 31.03 19.43
N GLY A 196 -44.95 29.82 19.55
CA GLY A 196 -45.55 29.19 18.40
C GLY A 196 -44.56 28.70 17.37
N TYR A 197 -43.27 28.83 17.63
CA TYR A 197 -42.25 28.27 16.76
C TYR A 197 -41.11 27.66 17.55
N ASP A 198 -41.20 27.61 18.86
CA ASP A 198 -40.12 27.09 19.67
C ASP A 198 -39.97 25.58 19.47
N TYR A 199 -38.76 25.10 19.67
CA TYR A 199 -38.44 23.69 19.46
C TYR A 199 -37.27 23.35 20.37
N SER A 200 -37.41 22.31 21.19
CA SER A 200 -36.38 21.97 22.16
C SER A 200 -35.55 20.78 21.69
N ARG A 201 -34.36 20.66 22.28
CA ARG A 201 -33.46 19.58 21.87
C ARG A 201 -34.06 18.22 22.13
N GLY A 202 -34.83 18.08 23.22
CA GLY A 202 -35.49 16.81 23.48
C GLY A 202 -36.67 16.53 22.57
N GLN A 203 -37.33 17.59 22.10
CA GLN A 203 -38.38 17.44 21.10
C GLN A 203 -37.87 16.66 19.90
N LEU A 204 -36.60 16.89 19.53
CA LEU A 204 -36.06 16.22 18.35
C LEU A 204 -36.04 14.72 18.55
N ILE A 205 -35.60 14.26 19.73
CA ILE A 205 -35.63 12.82 20.02
C ILE A 205 -37.05 12.29 19.88
N GLU A 206 -38.04 12.99 20.45
CA GLU A 206 -39.40 12.48 20.45
C GLU A 206 -39.98 12.44 19.04
N ASP A 207 -39.95 13.58 18.35
CA ASP A 207 -40.48 13.63 16.99
C ASP A 207 -39.88 12.55 16.12
N VAL A 208 -38.57 12.31 16.26
CA VAL A 208 -37.88 11.29 15.46
C VAL A 208 -38.41 9.91 15.79
N GLU A 209 -38.57 9.61 17.09
CA GLU A 209 -39.09 8.30 17.48
C GLU A 209 -40.57 8.15 17.15
N HIS A 210 -41.35 9.22 17.23
CA HIS A 210 -42.74 9.10 16.87
C HIS A 210 -42.88 8.79 15.38
N THR A 211 -42.28 9.63 14.53
CA THR A 211 -42.35 9.40 13.09
C THR A 211 -41.76 8.05 12.70
N PHE A 212 -40.72 7.59 13.39
CA PHE A 212 -40.12 6.31 13.01
C PHE A 212 -41.09 5.17 13.22
N GLU A 213 -42.00 5.29 14.18
CA GLU A 213 -43.03 4.26 14.35
C GLU A 213 -43.92 4.16 13.10
N GLU A 214 -44.33 5.31 12.57
CA GLU A 214 -45.19 5.33 11.40
C GLU A 214 -44.49 4.79 10.16
N ILE A 215 -43.17 4.73 10.16
CA ILE A 215 -42.41 4.28 9.00
C ILE A 215 -42.09 2.79 9.09
N LYS A 216 -42.13 2.20 10.29
CA LYS A 216 -41.79 0.78 10.44
C LYS A 216 -42.58 -0.13 9.51
N PRO A 217 -43.93 -0.09 9.46
CA PRO A 217 -44.67 -1.02 8.57
C PRO A 217 -44.15 -1.05 7.15
N LEU A 218 -44.01 0.11 6.50
CA LEU A 218 -43.48 0.12 5.15
C LEU A 218 -42.02 -0.36 5.12
N TYR A 219 -41.25 -0.09 6.16
CA TYR A 219 -39.91 -0.66 6.18
C TYR A 219 -39.95 -2.17 6.29
N GLU A 220 -40.80 -2.67 7.19
CA GLU A 220 -40.85 -4.10 7.42
C GLU A 220 -41.20 -4.86 6.15
N HIS A 221 -42.17 -4.33 5.40
CA HIS A 221 -42.57 -4.97 4.15
C HIS A 221 -41.49 -4.86 3.08
N LEU A 222 -40.82 -3.69 3.00
CA LEU A 222 -39.67 -3.60 2.11
C LEU A 222 -38.58 -4.56 2.54
N HIS A 223 -38.39 -4.70 3.86
CA HIS A 223 -37.43 -5.66 4.39
C HIS A 223 -37.83 -7.10 4.05
N ALA A 224 -39.12 -7.43 4.15
CA ALA A 224 -39.55 -8.81 3.85
C ALA A 224 -39.40 -9.14 2.36
N TYR A 225 -39.76 -8.20 1.48
CA TYR A 225 -39.61 -8.40 0.04
C TYR A 225 -38.17 -8.55 -0.34
N VAL A 226 -37.30 -7.72 0.26
CA VAL A 226 -35.88 -7.76 -0.08
C VAL A 226 -35.26 -9.05 0.44
N ARG A 227 -35.59 -9.44 1.67
CA ARG A 227 -35.08 -10.70 2.21
C ARG A 227 -35.39 -11.84 1.25
N ALA A 228 -36.66 -11.97 0.85
CA ALA A 228 -37.09 -13.02 -0.06
C ALA A 228 -36.26 -13.03 -1.35
N LYS A 229 -36.14 -11.89 -2.01
CA LYS A 229 -35.28 -11.80 -3.19
C LYS A 229 -33.86 -12.21 -2.88
N LEU A 230 -33.32 -11.78 -1.72
CA LEU A 230 -31.92 -12.11 -1.42
C LEU A 230 -31.77 -13.58 -1.07
N MET A 231 -32.83 -14.23 -0.59
CA MET A 231 -32.77 -15.70 -0.47
C MET A 231 -32.62 -16.34 -1.84
N ASN A 232 -33.23 -15.74 -2.87
CA ASN A 232 -33.05 -16.26 -4.21
C ASN A 232 -31.63 -16.01 -4.71
N ALA A 233 -31.07 -14.82 -4.45
CA ALA A 233 -29.74 -14.53 -4.99
C ALA A 233 -28.64 -15.22 -4.22
N TYR A 234 -28.79 -15.45 -2.92
CA TYR A 234 -27.79 -16.18 -2.13
C TYR A 234 -28.49 -17.38 -1.49
N PRO A 235 -28.75 -18.44 -2.26
CA PRO A 235 -29.52 -19.57 -1.73
C PRO A 235 -28.81 -20.25 -0.57
N SER A 236 -29.61 -20.59 0.45
CA SER A 236 -29.23 -21.27 1.69
C SER A 236 -28.46 -20.40 2.69
N TYR A 237 -28.32 -19.09 2.47
CA TYR A 237 -27.58 -18.26 3.42
C TYR A 237 -28.46 -17.40 4.34
N ILE A 238 -29.75 -17.27 4.05
CA ILE A 238 -30.60 -16.31 4.75
C ILE A 238 -31.81 -17.05 5.27
N SER A 239 -32.09 -16.87 6.55
CA SER A 239 -33.29 -17.39 7.19
C SER A 239 -34.51 -16.56 6.80
N PRO A 240 -35.63 -17.19 6.44
CA PRO A 240 -36.82 -16.40 6.08
C PRO A 240 -37.44 -15.62 7.24
N ILE A 241 -37.00 -15.84 8.49
CA ILE A 241 -37.43 -15.04 9.64
C ILE A 241 -36.26 -14.32 10.30
N GLY A 242 -35.08 -14.35 9.68
CA GLY A 242 -33.90 -13.74 10.26
C GLY A 242 -33.59 -12.37 9.69
N CYS A 243 -32.59 -11.74 10.29
CA CYS A 243 -32.10 -10.46 9.84
C CYS A 243 -31.23 -10.61 8.60
N LEU A 244 -31.16 -9.56 7.81
CA LEU A 244 -30.31 -9.58 6.62
C LEU A 244 -28.83 -9.50 6.99
N PRO A 245 -27.99 -10.39 6.48
CA PRO A 245 -26.54 -10.29 6.74
C PRO A 245 -25.96 -8.96 6.25
N ALA A 246 -25.09 -8.37 7.07
CA ALA A 246 -24.70 -6.98 6.87
C ALA A 246 -23.88 -6.75 5.60
N HIS A 247 -23.19 -7.78 5.08
CA HIS A 247 -22.38 -7.65 3.88
C HIS A 247 -23.17 -7.84 2.59
N LEU A 248 -24.49 -8.00 2.68
CA LEU A 248 -25.29 -8.39 1.52
C LEU A 248 -26.19 -7.27 1.04
N LEU A 249 -25.87 -6.01 1.35
CA LEU A 249 -26.83 -4.93 1.23
C LEU A 249 -26.51 -3.86 0.20
N GLY A 250 -25.49 -4.05 -0.63
CA GLY A 250 -25.24 -3.11 -1.70
C GLY A 250 -24.18 -2.06 -1.41
N ASP A 251 -23.80 -1.85 -0.15
CA ASP A 251 -22.68 -0.98 0.13
C ASP A 251 -22.01 -1.46 1.41
N MET A 252 -20.93 -0.77 1.81
CA MET A 252 -20.11 -1.28 2.90
C MET A 252 -20.89 -1.44 4.19
N TRP A 253 -21.98 -0.70 4.36
CA TRP A 253 -22.72 -0.72 5.61
C TRP A 253 -24.20 -1.06 5.47
N GLY A 254 -24.72 -1.11 4.25
CA GLY A 254 -26.17 -1.11 4.14
C GLY A 254 -26.78 0.22 4.51
N ARG A 255 -26.04 1.30 4.33
CA ARG A 255 -26.62 2.62 4.53
C ARG A 255 -27.76 2.83 3.55
N PHE A 256 -27.52 2.49 2.29
CA PHE A 256 -28.53 2.48 1.28
C PHE A 256 -28.62 1.07 0.74
N TRP A 257 -29.84 0.59 0.48
CA TRP A 257 -30.02 -0.67 -0.22
C TRP A 257 -30.08 -0.46 -1.72
N THR A 258 -29.58 0.69 -2.21
CA THR A 258 -29.72 1.06 -3.61
C THR A 258 -29.15 -0.01 -4.54
N ASN A 259 -27.94 -0.50 -4.27
CA ASN A 259 -27.41 -1.42 -5.27
C ASN A 259 -28.08 -2.79 -5.25
N LEU A 260 -29.06 -3.02 -4.38
CA LEU A 260 -29.86 -4.24 -4.47
C LEU A 260 -30.92 -4.21 -5.56
N TYR A 261 -30.97 -3.15 -6.39
CA TYR A 261 -32.05 -3.06 -7.36
C TYR A 261 -31.94 -4.17 -8.40
N SER A 262 -30.71 -4.53 -8.79
CA SER A 262 -30.53 -5.57 -9.80
C SER A 262 -31.02 -6.92 -9.29
N LEU A 263 -31.04 -7.12 -7.96
CA LEU A 263 -31.56 -8.36 -7.39
C LEU A 263 -33.01 -8.27 -6.92
N THR A 264 -33.60 -7.09 -6.91
CA THR A 264 -34.93 -6.94 -6.34
C THR A 264 -35.93 -6.37 -7.33
N VAL A 265 -35.51 -5.93 -8.51
CA VAL A 265 -36.39 -5.28 -9.48
C VAL A 265 -37.70 -6.07 -9.58
N PRO A 266 -38.87 -5.44 -9.37
CA PRO A 266 -40.12 -6.22 -9.39
C PRO A 266 -40.45 -6.80 -10.74
N PHE A 267 -40.18 -6.08 -11.82
CA PHE A 267 -40.56 -6.50 -13.18
C PHE A 267 -39.34 -6.31 -14.06
N GLY A 268 -38.46 -7.32 -14.06
CA GLY A 268 -37.21 -7.26 -14.79
C GLY A 268 -37.36 -7.16 -16.29
N GLN A 269 -38.52 -7.50 -16.84
CA GLN A 269 -38.66 -7.47 -18.29
C GLN A 269 -38.84 -6.05 -18.83
N LYS A 270 -39.21 -5.09 -18.00
CA LYS A 270 -39.51 -3.73 -18.46
C LYS A 270 -38.24 -2.96 -18.82
N PRO A 271 -38.36 -1.88 -19.61
CA PRO A 271 -37.18 -1.04 -19.85
C PRO A 271 -36.58 -0.66 -18.52
N ASN A 272 -35.24 -0.66 -18.46
CA ASN A 272 -34.55 -0.40 -17.21
C ASN A 272 -34.73 1.06 -16.81
N ILE A 273 -35.25 1.29 -15.60
CA ILE A 273 -35.28 2.64 -15.03
C ILE A 273 -33.96 3.01 -14.34
N ASP A 274 -33.06 2.05 -14.12
CA ASP A 274 -31.69 2.35 -13.74
C ASP A 274 -30.92 2.68 -15.00
N VAL A 275 -30.53 3.96 -15.15
CA VAL A 275 -30.07 4.46 -16.44
C VAL A 275 -28.56 4.43 -16.55
N THR A 276 -27.90 3.81 -15.57
CA THR A 276 -26.45 3.67 -15.62
C THR A 276 -25.97 3.28 -17.01
N ASP A 277 -26.50 2.16 -17.53
CA ASP A 277 -26.05 1.66 -18.82
C ASP A 277 -26.26 2.68 -19.93
N ALA A 278 -27.33 3.48 -19.87
CA ALA A 278 -27.55 4.48 -20.91
C ALA A 278 -26.53 5.61 -20.82
N MET A 279 -26.03 5.91 -19.61
CA MET A 279 -24.96 6.88 -19.47
C MET A 279 -23.66 6.34 -20.04
N VAL A 280 -23.37 5.06 -19.75
CA VAL A 280 -22.15 4.43 -20.25
C VAL A 280 -22.20 4.32 -21.77
N ASP A 281 -23.36 3.95 -22.33
CA ASP A 281 -23.48 3.73 -23.77
C ASP A 281 -23.41 5.03 -24.55
N GLN A 282 -23.79 6.14 -23.94
CA GLN A 282 -23.53 7.44 -24.53
C GLN A 282 -22.15 7.93 -24.08
N ALA A 283 -21.81 9.17 -24.43
CA ALA A 283 -20.51 9.69 -24.02
C ALA A 283 -20.71 10.56 -22.78
N TRP A 284 -21.02 9.91 -21.67
CA TRP A 284 -21.25 10.62 -20.41
C TRP A 284 -20.02 10.52 -19.52
N ASP A 285 -19.49 11.67 -19.16
CA ASP A 285 -18.40 11.83 -18.21
C ASP A 285 -18.92 12.67 -17.05
N ALA A 286 -18.01 13.07 -16.16
CA ALA A 286 -18.39 13.86 -15.00
C ALA A 286 -18.79 15.28 -15.42
N GLN A 287 -18.16 15.82 -16.46
CA GLN A 287 -18.58 17.10 -17.04
C GLN A 287 -20.05 17.05 -17.45
N ARG A 288 -20.40 16.11 -18.33
CA ARG A 288 -21.79 15.96 -18.75
C ARG A 288 -22.75 15.84 -17.56
N ILE A 289 -22.37 15.07 -16.54
CA ILE A 289 -23.24 14.85 -15.40
C ILE A 289 -23.52 16.16 -14.65
N PHE A 290 -22.46 16.91 -14.33
CA PHE A 290 -22.67 18.16 -13.61
C PHE A 290 -23.25 19.25 -14.51
N LYS A 291 -23.08 19.10 -15.83
CA LYS A 291 -23.76 20.03 -16.73
C LYS A 291 -25.24 19.73 -16.77
N GLU A 292 -25.62 18.46 -16.66
CA GLU A 292 -27.04 18.14 -16.65
C GLU A 292 -27.68 18.58 -15.33
N ALA A 293 -26.97 18.41 -14.21
CA ALA A 293 -27.49 18.88 -12.93
C ALA A 293 -27.68 20.38 -12.97
N GLU A 294 -26.75 21.10 -13.59
CA GLU A 294 -26.87 22.55 -13.73
C GLU A 294 -28.12 22.91 -14.51
N LYS A 295 -28.33 22.26 -15.66
CA LYS A 295 -29.52 22.51 -16.47
C LYS A 295 -30.76 22.47 -15.59
N PHE A 296 -30.86 21.47 -14.73
CA PHE A 296 -32.05 21.32 -13.91
C PHE A 296 -32.29 22.53 -13.03
N PHE A 297 -31.27 22.97 -12.28
CA PHE A 297 -31.48 24.13 -11.41
C PHE A 297 -31.76 25.39 -12.22
N VAL A 298 -31.19 25.50 -13.42
CA VAL A 298 -31.45 26.69 -14.22
C VAL A 298 -32.87 26.66 -14.79
N SER A 299 -33.35 25.48 -15.21
CA SER A 299 -34.74 25.35 -15.66
C SER A 299 -35.72 25.73 -14.56
N VAL A 300 -35.36 25.49 -13.31
CA VAL A 300 -36.18 25.86 -12.16
C VAL A 300 -36.04 27.33 -11.80
N GLY A 301 -35.15 28.06 -12.48
CA GLY A 301 -34.95 29.46 -12.16
C GLY A 301 -33.70 29.82 -11.35
N LEU A 302 -32.92 28.84 -10.98
CA LEU A 302 -31.78 29.12 -10.11
C LEU A 302 -30.57 29.47 -10.96
N PRO A 303 -29.59 30.17 -10.39
CA PRO A 303 -28.41 30.57 -11.18
C PRO A 303 -27.59 29.38 -11.64
N ASN A 304 -26.78 29.63 -12.67
CA ASN A 304 -25.74 28.71 -13.08
C ASN A 304 -24.70 28.58 -11.97
N MET A 305 -23.77 27.66 -12.15
CA MET A 305 -22.62 27.64 -11.26
C MET A 305 -21.67 28.78 -11.63
N THR A 306 -20.90 29.23 -10.65
CA THR A 306 -19.90 30.28 -10.84
C THR A 306 -18.74 29.77 -11.70
N GLN A 307 -17.98 30.72 -12.24
CA GLN A 307 -16.76 30.33 -12.95
C GLN A 307 -15.83 29.60 -12.01
N GLY A 308 -15.69 30.11 -10.78
CA GLY A 308 -14.80 29.48 -9.82
C GLY A 308 -15.18 28.03 -9.57
N PHE A 309 -16.48 27.73 -9.48
CA PHE A 309 -16.94 26.36 -9.27
C PHE A 309 -16.28 25.41 -10.26
N TRP A 310 -16.50 25.63 -11.56
CA TRP A 310 -15.84 24.80 -12.57
C TRP A 310 -14.33 24.89 -12.46
N GLU A 311 -13.78 26.07 -12.19
CA GLU A 311 -12.32 26.20 -12.15
C GLU A 311 -11.72 25.41 -10.99
N ASN A 312 -12.37 25.40 -9.84
CA ASN A 312 -11.73 24.94 -8.61
C ASN A 312 -12.31 23.65 -8.05
N SER A 313 -13.34 23.09 -8.65
CA SER A 313 -13.84 21.84 -8.13
C SER A 313 -12.96 20.68 -8.60
N MET A 314 -13.11 19.56 -7.92
CA MET A 314 -12.50 18.30 -8.32
C MET A 314 -13.66 17.33 -8.49
N LEU A 315 -14.04 17.09 -9.74
CA LEU A 315 -15.17 16.25 -10.07
C LEU A 315 -14.75 14.89 -10.60
N THR A 316 -13.45 14.59 -10.60
CA THR A 316 -12.95 13.29 -11.02
C THR A 316 -11.89 12.86 -10.01
N ASP A 317 -11.61 11.56 -9.99
CA ASP A 317 -10.50 11.08 -9.20
C ASP A 317 -9.20 11.65 -9.75
N PRO A 318 -8.35 12.26 -8.91
CA PRO A 318 -7.09 12.78 -9.44
C PRO A 318 -6.14 11.69 -9.93
N GLY A 319 -6.03 10.59 -9.19
CA GLY A 319 -5.24 9.46 -9.65
C GLY A 319 -4.35 8.87 -8.57
N ASN A 320 -3.18 8.39 -8.99
CA ASN A 320 -2.11 8.04 -8.08
C ASN A 320 -1.15 9.19 -7.85
N VAL A 321 -1.44 10.38 -8.40
CA VAL A 321 -0.63 11.56 -8.10
C VAL A 321 -0.99 12.19 -6.75
N GLN A 322 -2.22 11.97 -6.24
CA GLN A 322 -2.55 12.43 -4.89
C GLN A 322 -3.62 11.55 -4.27
N LYS A 323 -3.66 11.58 -2.94
CA LYS A 323 -4.73 10.94 -2.17
C LYS A 323 -5.75 12.00 -1.76
N ALA A 324 -7.00 11.80 -2.16
CA ALA A 324 -8.06 12.75 -1.82
C ALA A 324 -9.23 12.03 -1.19
N VAL A 325 -9.84 12.66 -0.18
CA VAL A 325 -11.14 12.23 0.33
C VAL A 325 -12.16 12.22 -0.80
N CYS A 326 -12.57 11.04 -1.24
CA CYS A 326 -13.44 10.98 -2.41
C CYS A 326 -14.91 11.20 -2.08
N HIS A 327 -15.28 11.20 -0.81
CA HIS A 327 -16.64 11.41 -0.40
C HIS A 327 -17.18 12.67 -1.07
N PRO A 328 -18.34 12.61 -1.71
CA PRO A 328 -18.93 13.83 -2.26
C PRO A 328 -19.15 14.82 -1.13
N THR A 329 -18.66 16.05 -1.33
CA THR A 329 -18.83 17.12 -0.36
C THR A 329 -18.97 18.40 -1.14
N ALA A 330 -19.85 19.27 -0.66
CA ALA A 330 -20.06 20.59 -1.22
C ALA A 330 -19.49 21.62 -0.26
N TRP A 331 -18.64 22.50 -0.79
CA TRP A 331 -17.90 23.45 0.01
C TRP A 331 -18.35 24.87 -0.30
N ASP A 332 -18.67 25.62 0.74
CA ASP A 332 -18.79 27.07 0.68
C ASP A 332 -17.62 27.66 1.48
N LEU A 333 -16.47 27.85 0.81
CA LEU A 333 -15.29 28.39 1.49
C LEU A 333 -15.51 29.82 1.97
N GLY A 334 -16.47 30.51 1.39
CA GLY A 334 -16.65 31.93 1.64
C GLY A 334 -16.18 32.77 0.46
N LYS A 335 -16.51 34.06 0.53
CA LYS A 335 -16.04 35.04 -0.44
C LYS A 335 -16.39 34.62 -1.87
N GLY A 336 -17.61 34.11 -2.07
CA GLY A 336 -18.05 33.68 -3.39
C GLY A 336 -17.36 32.45 -3.96
N ASP A 337 -16.68 31.67 -3.13
CA ASP A 337 -15.92 30.50 -3.55
C ASP A 337 -16.73 29.24 -3.20
N PHE A 338 -17.36 28.65 -4.22
CA PHE A 338 -18.18 27.45 -4.09
C PHE A 338 -17.52 26.33 -4.90
N ARG A 339 -17.42 25.14 -4.31
CA ARG A 339 -16.87 24.04 -5.08
C ARG A 339 -17.32 22.71 -4.52
N ILE A 340 -17.16 21.67 -5.33
CA ILE A 340 -17.60 20.33 -4.98
C ILE A 340 -16.40 19.39 -5.08
N LEU A 341 -16.30 18.48 -4.12
CA LEU A 341 -15.31 17.42 -4.18
C LEU A 341 -16.07 16.11 -4.40
N MET A 342 -15.82 15.46 -5.55
CA MET A 342 -16.47 14.21 -5.89
C MET A 342 -15.65 13.45 -6.91
N CYS A 343 -15.33 12.19 -6.62
CA CYS A 343 -14.62 11.30 -7.56
C CYS A 343 -15.67 10.61 -8.44
N THR A 344 -16.25 11.42 -9.32
CA THR A 344 -17.48 11.04 -10.00
C THR A 344 -17.28 9.89 -10.97
N LYS A 345 -18.16 8.89 -10.89
CA LYS A 345 -18.18 7.76 -11.81
C LYS A 345 -19.42 7.87 -12.69
N VAL A 346 -19.44 7.09 -13.76
CA VAL A 346 -20.57 7.13 -14.66
C VAL A 346 -21.56 6.06 -14.23
N THR A 347 -22.26 6.31 -13.13
CA THR A 347 -23.41 5.52 -12.72
C THR A 347 -24.58 6.46 -12.49
N MET A 348 -25.80 5.91 -12.52
CA MET A 348 -26.97 6.72 -12.16
C MET A 348 -26.86 7.25 -10.73
N ASP A 349 -26.16 6.54 -9.85
CA ASP A 349 -26.04 7.01 -8.47
C ASP A 349 -25.12 8.23 -8.36
N ASP A 350 -24.02 8.25 -9.12
CA ASP A 350 -23.22 9.46 -9.16
C ASP A 350 -23.99 10.61 -9.78
N PHE A 351 -25.02 10.29 -10.58
CA PHE A 351 -25.81 11.28 -11.30
C PHE A 351 -26.85 11.93 -10.40
N LEU A 352 -27.52 11.14 -9.57
CA LEU A 352 -28.42 11.75 -8.60
C LEU A 352 -27.64 12.44 -7.49
N THR A 353 -26.44 11.95 -7.19
CA THR A 353 -25.61 12.59 -6.17
C THR A 353 -25.10 13.95 -6.64
N ALA A 354 -24.80 14.09 -7.92
CA ALA A 354 -24.44 15.41 -8.44
C ALA A 354 -25.53 16.42 -8.15
N HIS A 355 -26.79 16.03 -8.42
CA HIS A 355 -27.92 16.91 -8.11
C HIS A 355 -27.98 17.23 -6.62
N HIS A 356 -27.74 16.23 -5.77
CA HIS A 356 -27.78 16.45 -4.34
C HIS A 356 -26.70 17.42 -3.92
N GLU A 357 -25.44 17.18 -4.34
CA GLU A 357 -24.34 18.05 -3.94
C GLU A 357 -24.50 19.45 -4.51
N MET A 358 -24.92 19.55 -5.76
CA MET A 358 -25.19 20.87 -6.32
C MET A 358 -26.34 21.55 -5.61
N GLY A 359 -27.21 20.79 -4.95
CA GLY A 359 -28.26 21.41 -4.16
C GLY A 359 -27.70 22.19 -2.99
N HIS A 360 -26.65 21.63 -2.36
CA HIS A 360 -25.97 22.32 -1.29
C HIS A 360 -25.40 23.64 -1.78
N ILE A 361 -24.73 23.60 -2.94
CA ILE A 361 -24.17 24.79 -3.54
C ILE A 361 -25.25 25.85 -3.73
N GLN A 362 -26.40 25.45 -4.29
CA GLN A 362 -27.42 26.42 -4.65
C GLN A 362 -28.02 27.09 -3.41
N TYR A 363 -28.11 26.34 -2.31
CA TYR A 363 -28.54 26.89 -1.04
C TYR A 363 -27.46 27.84 -0.51
N ASP A 364 -26.21 27.37 -0.51
CA ASP A 364 -25.08 28.24 -0.13
C ASP A 364 -25.11 29.55 -0.90
N MET A 365 -25.31 29.47 -2.20
CA MET A 365 -25.34 30.69 -3.02
C MET A 365 -26.46 31.63 -2.57
N ALA A 366 -27.64 31.09 -2.31
CA ALA A 366 -28.83 31.92 -2.11
C ALA A 366 -28.72 32.79 -0.87
N TYR A 367 -28.20 32.23 0.22
CA TYR A 367 -28.06 32.97 1.46
C TYR A 367 -26.65 33.58 1.62
N ALA A 368 -25.90 33.71 0.51
CA ALA A 368 -24.62 34.40 0.59
C ALA A 368 -24.80 35.85 1.04
N ALA A 369 -25.88 36.49 0.57
CA ALA A 369 -26.26 37.87 0.87
C ALA A 369 -26.67 38.08 2.34
N GLN A 370 -26.62 37.06 3.18
CA GLN A 370 -26.92 37.20 4.61
C GLN A 370 -25.64 37.44 5.38
N PRO A 371 -25.74 37.99 6.59
CA PRO A 371 -24.57 38.04 7.48
C PRO A 371 -23.88 36.69 7.59
N PHE A 372 -22.55 36.73 7.74
CA PHE A 372 -21.76 35.51 7.83
C PHE A 372 -22.28 34.57 8.92
N LEU A 373 -22.63 35.14 10.08
CA LEU A 373 -23.04 34.32 11.23
C LEU A 373 -24.32 33.53 10.95
N LEU A 374 -25.12 33.97 9.98
CA LEU A 374 -26.38 33.34 9.63
C LEU A 374 -26.32 32.62 8.29
N ARG A 375 -25.16 32.63 7.61
CA ARG A 375 -25.02 31.89 6.35
C ARG A 375 -24.94 30.40 6.63
N ASN A 376 -26.09 29.79 6.93
CA ASN A 376 -26.22 28.37 7.20
C ASN A 376 -27.62 27.93 6.80
N GLY A 377 -27.83 26.61 6.74
CA GLY A 377 -29.18 26.10 6.63
C GLY A 377 -30.01 26.48 7.86
N ALA A 378 -31.33 26.53 7.67
CA ALA A 378 -32.20 26.80 8.82
C ALA A 378 -32.08 25.67 9.84
N ASN A 379 -31.76 24.47 9.36
CA ASN A 379 -31.14 23.45 10.17
C ASN A 379 -30.45 22.52 9.19
N GLU A 380 -29.82 21.49 9.70
CA GLU A 380 -28.92 20.70 8.88
C GLU A 380 -29.69 19.83 7.92
N GLY A 381 -30.93 19.45 8.29
CA GLY A 381 -31.79 18.70 7.38
C GLY A 381 -32.26 19.52 6.19
N PHE A 382 -32.66 20.78 6.42
CA PHE A 382 -32.97 21.65 5.28
C PHE A 382 -31.85 21.59 4.25
N HIS A 383 -30.61 21.71 4.71
CA HIS A 383 -29.48 21.69 3.78
C HIS A 383 -29.40 20.37 3.01
N GLU A 384 -29.58 19.24 3.71
CA GLU A 384 -29.57 17.95 3.02
C GLU A 384 -30.82 17.74 2.18
N ALA A 385 -31.93 18.42 2.50
CA ALA A 385 -33.15 18.15 1.75
C ALA A 385 -33.15 18.80 0.37
N VAL A 386 -32.42 19.90 0.20
CA VAL A 386 -32.57 20.66 -1.03
C VAL A 386 -32.04 19.87 -2.22
N GLY A 387 -30.88 19.26 -2.08
CA GLY A 387 -30.39 18.41 -3.14
C GLY A 387 -31.33 17.27 -3.43
N GLU A 388 -32.02 16.76 -2.40
CA GLU A 388 -32.85 15.57 -2.58
C GLU A 388 -34.17 15.87 -3.24
N ILE A 389 -34.77 17.04 -2.94
CA ILE A 389 -35.93 17.52 -3.69
C ILE A 389 -35.63 17.36 -5.18
N MET A 390 -34.53 17.94 -5.62
CA MET A 390 -34.20 17.91 -7.04
C MET A 390 -33.97 16.48 -7.51
N SER A 391 -33.21 15.70 -6.73
CA SER A 391 -33.01 14.28 -7.00
C SER A 391 -34.33 13.52 -7.21
N LEU A 392 -35.38 13.88 -6.47
CA LEU A 392 -36.66 13.21 -6.67
C LEU A 392 -37.21 13.48 -8.06
N SER A 393 -37.14 14.74 -8.51
CA SER A 393 -37.60 15.05 -9.86
C SER A 393 -36.69 14.45 -10.91
N ALA A 394 -35.38 14.44 -10.68
CA ALA A 394 -34.46 13.96 -11.70
C ALA A 394 -34.49 12.45 -11.86
N ALA A 395 -34.96 11.70 -10.86
CA ALA A 395 -35.01 10.25 -11.00
C ALA A 395 -36.29 9.73 -11.66
N THR A 396 -37.37 10.53 -11.67
CA THR A 396 -38.61 10.16 -12.35
C THR A 396 -38.34 9.71 -13.79
N PRO A 397 -38.91 8.59 -14.22
CA PRO A 397 -38.77 8.20 -15.63
C PRO A 397 -39.18 9.27 -16.61
N LYS A 398 -40.22 10.07 -16.29
CA LYS A 398 -40.58 11.23 -17.10
C LYS A 398 -39.36 12.12 -17.36
N HIS A 399 -38.66 12.52 -16.30
CA HIS A 399 -37.49 13.37 -16.46
C HIS A 399 -36.39 12.65 -17.26
N LEU A 400 -36.10 11.40 -16.89
CA LEU A 400 -35.02 10.68 -17.56
C LEU A 400 -35.28 10.54 -19.06
N LYS A 401 -36.54 10.31 -19.43
CA LYS A 401 -36.90 10.27 -20.85
C LYS A 401 -36.53 11.58 -21.54
N SER A 402 -36.73 12.71 -20.86
CA SER A 402 -36.58 14.00 -21.48
C SER A 402 -35.11 14.40 -21.70
N ILE A 403 -34.18 13.86 -20.90
CA ILE A 403 -32.76 14.12 -21.11
C ILE A 403 -32.13 12.92 -21.82
N GLY A 404 -32.92 12.24 -22.65
CA GLY A 404 -32.38 11.24 -23.54
C GLY A 404 -31.82 9.98 -22.93
N LEU A 405 -32.10 9.68 -21.66
CA LEU A 405 -31.57 8.46 -21.05
C LEU A 405 -32.59 7.32 -21.01
N LEU A 406 -33.86 7.62 -21.28
CA LEU A 406 -34.85 6.60 -21.53
C LEU A 406 -35.34 6.81 -22.96
N SER A 407 -35.53 5.70 -23.67
CA SER A 407 -35.97 5.76 -25.05
C SER A 407 -37.16 6.70 -25.20
N PRO A 408 -37.27 7.41 -26.33
CA PRO A 408 -38.46 8.25 -26.56
C PRO A 408 -39.76 7.44 -26.65
N ASP A 409 -39.67 6.12 -26.73
CA ASP A 409 -40.83 5.26 -26.83
C ASP A 409 -41.16 4.60 -25.50
N PHE A 410 -40.43 4.92 -24.43
CA PHE A 410 -40.66 4.35 -23.09
C PHE A 410 -42.09 4.60 -22.65
N GLN A 411 -42.84 3.52 -22.47
CA GLN A 411 -44.24 3.60 -22.09
C GLN A 411 -44.37 3.47 -20.59
N GLU A 412 -44.90 4.51 -19.95
CA GLU A 412 -45.22 4.43 -18.54
C GLU A 412 -46.40 3.50 -18.37
N ASP A 413 -46.20 2.36 -17.73
CA ASP A 413 -47.33 1.56 -17.26
C ASP A 413 -47.24 1.40 -15.76
N ASN A 414 -48.09 0.53 -15.21
CA ASN A 414 -48.16 0.37 -13.78
C ASN A 414 -47.10 -0.58 -13.25
N GLU A 415 -46.40 -1.28 -14.13
CA GLU A 415 -45.27 -2.09 -13.71
C GLU A 415 -43.98 -1.29 -13.66
N THR A 416 -43.84 -0.29 -14.53
CA THR A 416 -42.68 0.58 -14.43
C THR A 416 -42.76 1.47 -13.19
N GLU A 417 -43.95 1.86 -12.76
CA GLU A 417 -44.02 2.66 -11.55
C GLU A 417 -43.75 1.81 -10.31
N ILE A 418 -44.18 0.55 -10.29
CA ILE A 418 -43.77 -0.32 -9.18
C ILE A 418 -42.26 -0.47 -9.19
N ASN A 419 -41.64 -0.51 -10.38
CA ASN A 419 -40.19 -0.55 -10.42
C ASN A 419 -39.57 0.73 -9.86
N PHE A 420 -40.06 1.88 -10.34
CA PHE A 420 -39.51 3.15 -9.90
C PHE A 420 -39.69 3.33 -8.39
N LEU A 421 -40.91 3.11 -7.90
CA LEU A 421 -41.14 3.21 -6.47
C LEU A 421 -40.29 2.25 -5.67
N LEU A 422 -40.00 1.05 -6.21
CA LEU A 422 -39.15 0.11 -5.49
C LEU A 422 -37.72 0.63 -5.37
N LYS A 423 -37.11 1.02 -6.50
CA LYS A 423 -35.78 1.60 -6.45
C LYS A 423 -35.71 2.78 -5.47
N GLN A 424 -36.65 3.72 -5.57
CA GLN A 424 -36.72 4.84 -4.64
C GLN A 424 -36.74 4.35 -3.20
N ALA A 425 -37.58 3.35 -2.91
CA ALA A 425 -37.68 2.84 -1.54
C ALA A 425 -36.36 2.26 -1.05
N LEU A 426 -35.61 1.58 -1.93
CA LEU A 426 -34.33 1.00 -1.53
C LEU A 426 -33.34 2.08 -1.09
N THR A 427 -33.50 3.28 -1.62
CA THR A 427 -32.67 4.38 -1.18
C THR A 427 -33.30 5.07 0.04
N ILE A 428 -34.50 5.60 -0.15
CA ILE A 428 -35.10 6.49 0.83
C ILE A 428 -35.57 5.71 2.05
N VAL A 429 -36.36 4.66 1.85
CA VAL A 429 -36.91 3.94 3.00
C VAL A 429 -35.86 3.03 3.63
N GLY A 430 -35.02 2.38 2.81
CA GLY A 430 -34.00 1.51 3.38
C GLY A 430 -33.02 2.22 4.30
N THR A 431 -32.81 3.52 4.09
CA THR A 431 -31.83 4.22 4.91
C THR A 431 -32.39 4.70 6.25
N LEU A 432 -33.70 4.86 6.37
CA LEU A 432 -34.27 5.46 7.58
C LEU A 432 -33.98 4.67 8.84
N PRO A 433 -34.19 3.33 8.90
CA PRO A 433 -33.76 2.59 10.10
C PRO A 433 -32.25 2.65 10.34
N PHE A 434 -31.45 2.45 9.29
CA PHE A 434 -30.00 2.61 9.41
C PHE A 434 -29.65 3.93 10.09
N THR A 435 -30.17 5.02 9.54
CA THR A 435 -29.83 6.35 10.03
C THR A 435 -30.28 6.55 11.47
N TYR A 436 -31.53 6.22 11.76
CA TYR A 436 -32.01 6.40 13.13
C TYR A 436 -31.17 5.59 14.10
N MET A 437 -30.82 4.36 13.72
CA MET A 437 -30.17 3.49 14.67
C MET A 437 -28.73 3.92 14.90
N LEU A 438 -28.07 4.37 13.84
CA LEU A 438 -26.72 4.91 13.98
C LEU A 438 -26.74 6.09 14.94
N GLU A 439 -27.60 7.08 14.70
CA GLU A 439 -27.59 8.23 15.58
C GLU A 439 -28.07 7.87 16.98
N LYS A 440 -29.11 7.03 17.09
CA LYS A 440 -29.56 6.59 18.40
C LYS A 440 -28.41 5.98 19.19
N TRP A 441 -27.49 5.29 18.52
CA TRP A 441 -26.35 4.74 19.21
C TRP A 441 -25.40 5.83 19.68
N ARG A 442 -24.99 6.74 18.77
CA ARG A 442 -24.06 7.81 19.18
C ARG A 442 -24.67 8.67 20.30
N TRP A 443 -25.94 9.05 20.15
CA TRP A 443 -26.62 9.80 21.22
C TRP A 443 -26.50 9.09 22.55
N MET A 444 -26.61 7.76 22.55
CA MET A 444 -26.56 7.01 23.80
C MET A 444 -25.13 6.93 24.34
N VAL A 445 -24.15 6.72 23.46
CA VAL A 445 -22.76 6.72 23.89
C VAL A 445 -22.40 8.05 24.54
N PHE A 446 -22.88 9.15 23.99
CA PHE A 446 -22.53 10.46 24.55
C PHE A 446 -23.27 10.73 25.85
N LYS A 447 -24.53 10.32 25.93
CA LYS A 447 -25.22 10.44 27.20
C LYS A 447 -24.54 9.62 28.29
N GLY A 448 -23.85 8.55 27.92
CA GLY A 448 -23.24 7.67 28.89
C GLY A 448 -24.01 6.43 29.19
N GLU A 449 -25.10 6.17 28.45
CA GLU A 449 -25.95 5.00 28.62
C GLU A 449 -25.32 3.71 28.11
N ILE A 450 -24.20 3.77 27.38
CA ILE A 450 -23.56 2.55 26.87
C ILE A 450 -22.10 2.50 27.28
N PRO A 451 -21.74 1.63 28.23
CA PRO A 451 -20.35 1.53 28.66
C PRO A 451 -19.45 1.06 27.52
N LYS A 452 -18.16 1.39 27.64
CA LYS A 452 -17.20 1.10 26.59
C LYS A 452 -17.03 -0.40 26.35
N ASP A 453 -17.24 -1.23 27.37
CA ASP A 453 -17.12 -2.67 27.22
C ASP A 453 -18.30 -3.29 26.50
N GLN A 454 -19.29 -2.48 26.10
CA GLN A 454 -20.52 -2.97 25.49
C GLN A 454 -20.86 -2.22 24.20
N TRP A 455 -19.99 -1.34 23.72
CA TRP A 455 -20.24 -0.57 22.51
C TRP A 455 -20.64 -1.47 21.35
N MET A 456 -19.77 -2.43 21.00
CA MET A 456 -20.10 -3.31 19.89
C MET A 456 -21.26 -4.24 20.22
N LYS A 457 -21.31 -4.77 21.45
CA LYS A 457 -22.45 -5.59 21.85
C LYS A 457 -23.75 -4.84 21.65
N LYS A 458 -23.85 -3.63 22.21
CA LYS A 458 -25.05 -2.84 22.03
C LYS A 458 -25.25 -2.45 20.58
N TRP A 459 -24.17 -2.11 19.86
CA TRP A 459 -24.30 -1.75 18.46
C TRP A 459 -24.96 -2.87 17.63
N TRP A 460 -24.52 -4.12 17.80
CA TRP A 460 -25.10 -5.17 16.98
C TRP A 460 -26.43 -5.67 17.54
N GLU A 461 -26.75 -5.41 18.82
CA GLU A 461 -28.12 -5.62 19.27
C GLU A 461 -29.06 -4.61 18.65
N MET A 462 -28.63 -3.36 18.52
CA MET A 462 -29.51 -2.38 17.91
C MET A 462 -29.62 -2.59 16.41
N LYS A 463 -28.59 -3.14 15.77
CA LYS A 463 -28.69 -3.47 14.36
C LYS A 463 -29.74 -4.56 14.14
N ARG A 464 -29.62 -5.66 14.88
CA ARG A 464 -30.60 -6.74 14.80
C ARG A 464 -32.01 -6.22 15.09
N GLU A 465 -32.16 -5.47 16.19
CA GLU A 465 -33.50 -5.14 16.65
C GLU A 465 -34.14 -4.08 15.78
N ILE A 466 -33.46 -2.95 15.59
CA ILE A 466 -34.09 -1.82 14.91
C ILE A 466 -34.01 -1.96 13.40
N VAL A 467 -32.90 -2.47 12.89
CA VAL A 467 -32.64 -2.44 11.46
C VAL A 467 -33.00 -3.75 10.77
N GLY A 468 -33.08 -4.86 11.50
CA GLY A 468 -33.29 -6.13 10.87
C GLY A 468 -32.07 -6.65 10.14
N VAL A 469 -30.89 -6.25 10.60
CA VAL A 469 -29.59 -6.58 10.02
C VAL A 469 -28.74 -7.23 11.11
N VAL A 470 -27.99 -8.26 10.73
CA VAL A 470 -27.18 -9.03 11.66
C VAL A 470 -25.77 -9.11 11.11
N GLU A 471 -24.79 -9.05 12.01
CA GLU A 471 -23.40 -9.15 11.61
C GLU A 471 -23.06 -10.59 11.21
N PRO A 472 -22.33 -10.80 10.11
CA PRO A 472 -22.04 -12.16 9.65
C PRO A 472 -20.92 -12.83 10.40
N VAL A 473 -20.21 -12.08 11.23
CA VAL A 473 -19.03 -12.49 12.00
C VAL A 473 -19.17 -11.81 13.36
N PRO A 474 -18.91 -12.49 14.48
CA PRO A 474 -19.03 -11.82 15.78
C PRO A 474 -17.89 -10.84 15.99
N HIS A 475 -18.21 -9.73 16.66
CA HIS A 475 -17.27 -8.63 16.83
C HIS A 475 -17.18 -8.28 18.30
N ASP A 476 -15.97 -8.25 18.84
CA ASP A 476 -15.75 -7.93 20.24
C ASP A 476 -15.31 -6.47 20.33
N GLU A 477 -14.94 -6.02 21.54
CA GLU A 477 -14.78 -4.59 21.79
C GLU A 477 -13.43 -4.05 21.33
N THR A 478 -12.70 -4.82 20.55
CA THR A 478 -11.58 -4.28 19.81
C THR A 478 -12.01 -3.72 18.47
N TYR A 479 -13.28 -3.83 18.12
CA TYR A 479 -13.83 -3.23 16.91
C TYR A 479 -14.49 -1.90 17.24
N CYS A 480 -14.59 -1.06 16.22
CA CYS A 480 -15.43 0.12 16.28
C CYS A 480 -16.15 0.24 14.94
N ASP A 481 -17.13 -0.65 14.73
CA ASP A 481 -17.86 -0.68 13.47
C ASP A 481 -18.56 0.63 13.13
N PRO A 482 -19.23 1.35 14.07
CA PRO A 482 -19.73 2.70 13.72
C PRO A 482 -18.71 3.59 13.01
N ALA A 483 -17.46 3.60 13.46
CA ALA A 483 -16.47 4.52 12.89
C ALA A 483 -15.98 4.08 11.51
N SER A 484 -16.33 2.87 11.04
CA SER A 484 -15.91 2.54 9.69
C SER A 484 -16.76 3.25 8.63
N LEU A 485 -17.72 4.08 9.04
CA LEU A 485 -18.47 4.90 8.11
C LEU A 485 -17.97 6.33 8.18
N PHE A 486 -17.87 6.97 7.02
CA PHE A 486 -17.29 8.31 6.89
C PHE A 486 -17.81 9.27 7.97
N HIS A 487 -19.11 9.38 8.10
CA HIS A 487 -19.66 10.43 8.96
C HIS A 487 -19.20 10.30 10.40
N VAL A 488 -18.88 9.09 10.85
CA VAL A 488 -18.56 8.89 12.26
C VAL A 488 -17.08 9.16 12.53
N SER A 489 -16.22 8.63 11.67
CA SER A 489 -14.81 8.89 11.83
C SER A 489 -14.44 10.32 11.42
N ASN A 490 -15.26 11.00 10.62
CA ASN A 490 -15.01 12.37 10.23
C ASN A 490 -15.91 13.37 10.97
N ASP A 491 -16.46 12.96 12.11
CA ASP A 491 -17.14 13.80 13.09
C ASP A 491 -18.22 14.68 12.46
N TYR A 492 -19.27 14.01 11.94
CA TYR A 492 -20.45 14.64 11.38
C TYR A 492 -21.68 14.06 12.06
N SER A 493 -22.66 14.90 12.29
CA SER A 493 -23.96 14.44 12.75
C SER A 493 -24.70 13.70 11.64
N PHE A 494 -25.62 12.81 12.04
CA PHE A 494 -26.28 11.91 11.10
C PHE A 494 -27.81 12.05 11.03
N ILE A 495 -28.47 12.60 12.06
CA ILE A 495 -29.91 12.81 11.97
C ILE A 495 -30.29 13.72 10.82
N ARG A 496 -29.38 14.60 10.41
CA ARG A 496 -29.67 15.35 9.20
C ARG A 496 -30.21 14.46 8.09
N TYR A 497 -29.85 13.17 8.05
CA TYR A 497 -30.32 12.30 6.96
C TYR A 497 -31.70 11.75 7.24
N TYR A 498 -32.03 11.55 8.52
CA TYR A 498 -33.39 11.23 8.87
C TYR A 498 -34.31 12.42 8.61
N THR A 499 -33.98 13.59 9.16
CA THR A 499 -34.92 14.72 9.06
C THR A 499 -35.04 15.22 7.63
N ARG A 500 -33.96 15.16 6.84
CA ARG A 500 -34.09 15.59 5.45
C ARG A 500 -35.07 14.71 4.68
N THR A 501 -35.23 13.44 5.10
CA THR A 501 -36.07 12.53 4.32
C THR A 501 -37.55 12.87 4.49
N LEU A 502 -37.96 13.18 5.71
CA LEU A 502 -39.28 13.72 5.93
C LEU A 502 -39.43 15.07 5.23
N TYR A 503 -38.50 15.99 5.45
CA TYR A 503 -38.61 17.33 4.88
C TYR A 503 -38.78 17.29 3.36
N GLN A 504 -38.06 16.38 2.70
CA GLN A 504 -37.96 16.46 1.25
C GLN A 504 -39.29 16.16 0.58
N PHE A 505 -40.09 15.27 1.16
CA PHE A 505 -41.40 15.00 0.55
C PHE A 505 -42.38 16.11 0.89
N GLN A 506 -42.32 16.65 2.12
CA GLN A 506 -43.09 17.83 2.41
C GLN A 506 -42.81 18.93 1.40
N PHE A 507 -41.53 19.25 1.18
CA PHE A 507 -41.19 20.28 0.21
C PHE A 507 -41.62 19.89 -1.18
N GLN A 508 -41.42 18.62 -1.56
CA GLN A 508 -41.84 18.16 -2.88
C GLN A 508 -43.34 18.33 -3.06
N GLU A 509 -44.12 18.04 -2.02
CA GLU A 509 -45.56 18.22 -2.12
C GLU A 509 -45.92 19.65 -2.44
N ALA A 510 -45.37 20.62 -1.70
CA ALA A 510 -45.74 22.00 -1.94
C ALA A 510 -45.14 22.53 -3.22
N LEU A 511 -44.01 22.01 -3.64
CA LEU A 511 -43.44 22.46 -4.90
C LEU A 511 -44.18 21.87 -6.10
N CYS A 512 -44.70 20.66 -5.97
CA CYS A 512 -45.44 20.09 -7.09
C CYS A 512 -46.78 20.78 -7.27
N GLN A 513 -47.39 21.22 -6.17
CA GLN A 513 -48.59 22.04 -6.30
C GLN A 513 -48.29 23.36 -6.99
N ALA A 514 -47.24 24.07 -6.53
CA ALA A 514 -46.89 25.32 -7.17
C ALA A 514 -46.47 25.13 -8.63
N ALA A 515 -45.96 23.95 -9.00
CA ALA A 515 -45.60 23.67 -10.37
C ALA A 515 -46.78 23.19 -11.21
N LYS A 516 -48.00 23.29 -10.67
CA LYS A 516 -49.22 22.87 -11.36
C LYS A 516 -49.17 21.38 -11.74
N HIS A 517 -48.64 20.56 -10.83
CA HIS A 517 -48.73 19.12 -11.00
C HIS A 517 -50.11 18.64 -10.62
N GLU A 518 -50.59 17.65 -11.37
CA GLU A 518 -51.80 16.94 -11.02
C GLU A 518 -51.51 15.45 -11.10
N GLY A 519 -51.92 14.71 -10.07
CA GLY A 519 -51.66 13.30 -10.02
C GLY A 519 -50.84 12.97 -8.79
N PRO A 520 -50.37 11.74 -8.71
CA PRO A 520 -49.61 11.32 -7.53
C PRO A 520 -48.26 12.05 -7.45
N LEU A 521 -47.75 12.11 -6.23
CA LEU A 521 -46.51 12.83 -5.99
C LEU A 521 -45.35 12.21 -6.75
N HIS A 522 -45.30 10.88 -6.82
CA HIS A 522 -44.13 10.23 -7.40
C HIS A 522 -44.00 10.44 -8.90
N LYS A 523 -45.05 10.88 -9.58
CA LYS A 523 -44.95 11.15 -11.01
C LYS A 523 -44.52 12.59 -11.28
N CYS A 524 -44.04 13.32 -10.28
CA CYS A 524 -43.90 14.76 -10.42
C CYS A 524 -42.45 15.14 -10.69
N ASP A 525 -42.28 16.06 -11.63
CA ASP A 525 -40.97 16.56 -12.03
C ASP A 525 -41.09 18.08 -12.08
N ILE A 526 -40.48 18.77 -11.11
CA ILE A 526 -40.64 20.22 -11.04
C ILE A 526 -39.76 20.96 -12.03
N SER A 527 -39.00 20.25 -12.86
CA SER A 527 -38.26 20.86 -13.95
C SER A 527 -39.12 21.87 -14.70
N ASN A 528 -38.49 22.97 -15.12
CA ASN A 528 -39.06 24.06 -15.91
C ASN A 528 -40.05 24.94 -15.16
N SER A 529 -40.20 24.77 -13.85
CA SER A 529 -41.20 25.54 -13.09
C SER A 529 -40.52 26.65 -12.29
N THR A 530 -40.48 27.85 -12.88
CA THR A 530 -39.99 29.01 -12.14
C THR A 530 -40.85 29.32 -10.92
N GLU A 531 -42.15 29.00 -10.97
CA GLU A 531 -42.96 29.17 -9.77
C GLU A 531 -42.48 28.25 -8.66
N ALA A 532 -42.10 27.01 -9.02
CA ALA A 532 -41.49 26.13 -8.04
C ALA A 532 -40.20 26.71 -7.52
N GLY A 533 -39.33 27.17 -8.43
CA GLY A 533 -38.02 27.68 -8.03
C GLY A 533 -38.12 28.87 -7.09
N GLN A 534 -38.96 29.85 -7.41
CA GLN A 534 -39.09 31.03 -6.56
C GLN A 534 -39.61 30.65 -5.17
N LYS A 535 -40.58 29.74 -5.10
CA LYS A 535 -41.09 29.30 -3.80
C LYS A 535 -39.96 28.76 -2.93
N LEU A 536 -39.07 27.98 -3.54
CA LEU A 536 -37.96 27.41 -2.80
C LEU A 536 -36.91 28.47 -2.48
N PHE A 537 -36.50 29.21 -3.51
CA PHE A 537 -35.47 30.24 -3.34
C PHE A 537 -35.82 31.18 -2.21
N ASN A 538 -37.04 31.73 -2.22
CA ASN A 538 -37.47 32.65 -1.18
C ASN A 538 -37.23 32.11 0.22
N MET A 539 -37.12 30.79 0.36
CA MET A 539 -36.80 30.18 1.64
C MET A 539 -35.29 29.99 1.81
N LEU A 540 -34.63 29.56 0.74
CA LEU A 540 -33.19 29.35 0.78
C LEU A 540 -32.45 30.64 1.15
N ARG A 541 -32.84 31.78 0.57
CA ARG A 541 -32.19 33.07 0.80
C ARG A 541 -32.26 33.53 2.24
N LEU A 542 -33.03 32.87 3.08
CA LEU A 542 -33.12 33.23 4.48
C LEU A 542 -31.97 32.68 5.31
N GLY A 543 -31.32 31.62 4.86
CA GLY A 543 -30.24 31.07 5.68
C GLY A 543 -30.81 30.60 7.01
N LYS A 544 -30.16 30.95 8.12
CA LYS A 544 -30.68 30.69 9.45
C LYS A 544 -31.26 31.93 10.13
N SER A 545 -31.69 32.92 9.35
CA SER A 545 -32.13 34.17 9.96
C SER A 545 -33.50 34.03 10.60
N GLU A 546 -34.35 33.16 10.05
CA GLU A 546 -35.63 32.74 10.59
C GLU A 546 -35.51 31.35 11.21
N PRO A 547 -36.21 31.08 12.31
CA PRO A 547 -36.27 29.70 12.84
C PRO A 547 -36.86 28.73 11.82
N TRP A 548 -36.37 27.48 11.83
CA TRP A 548 -36.71 26.51 10.80
C TRP A 548 -38.18 26.09 10.85
N THR A 549 -38.75 26.07 12.05
CA THR A 549 -40.18 25.80 12.17
C THR A 549 -41.00 26.81 11.37
N LEU A 550 -40.67 28.10 11.49
CA LEU A 550 -41.38 29.10 10.70
C LEU A 550 -40.98 29.03 9.23
N ALA A 551 -39.73 28.68 8.92
CA ALA A 551 -39.34 28.57 7.53
C ALA A 551 -40.08 27.42 6.86
N LEU A 552 -40.28 26.31 7.59
CA LEU A 552 -41.09 25.20 7.07
C LEU A 552 -42.53 25.66 6.80
N GLU A 553 -43.11 26.40 7.76
CA GLU A 553 -44.49 26.85 7.63
C GLU A 553 -44.68 27.70 6.39
N ASN A 554 -43.75 28.61 6.13
CA ASN A 554 -43.95 29.53 5.02
C ASN A 554 -43.84 28.84 3.67
N VAL A 555 -43.30 27.62 3.61
CA VAL A 555 -43.21 26.92 2.34
C VAL A 555 -44.27 25.83 2.21
N VAL A 556 -44.51 25.05 3.24
CA VAL A 556 -45.37 23.87 3.11
C VAL A 556 -46.58 23.93 4.04
N GLY A 557 -46.69 24.98 4.86
CA GLY A 557 -47.82 25.14 5.75
C GLY A 557 -47.83 24.25 6.98
N ALA A 558 -46.68 23.74 7.41
CA ALA A 558 -46.59 22.97 8.66
C ALA A 558 -45.39 23.46 9.47
N LYS A 559 -45.58 23.61 10.78
CA LYS A 559 -44.52 24.06 11.67
C LYS A 559 -43.44 23.00 11.90
N ASN A 560 -43.74 21.73 11.66
CA ASN A 560 -42.83 20.66 12.07
C ASN A 560 -42.71 19.61 10.97
N MET A 561 -41.81 18.66 11.20
CA MET A 561 -41.66 17.56 10.26
C MET A 561 -42.83 16.60 10.41
N ASN A 562 -43.28 16.07 9.28
CA ASN A 562 -44.48 15.25 9.20
C ASN A 562 -44.20 14.15 8.19
N VAL A 563 -44.51 12.91 8.57
CA VAL A 563 -44.20 11.78 7.73
C VAL A 563 -45.33 11.42 6.76
N ARG A 564 -46.50 12.03 6.92
CA ARG A 564 -47.60 11.79 5.99
C ARG A 564 -47.19 11.93 4.52
N PRO A 565 -46.45 12.96 4.10
CA PRO A 565 -46.10 13.03 2.67
C PRO A 565 -45.22 11.90 2.19
N LEU A 566 -44.26 11.43 2.99
CA LEU A 566 -43.37 10.35 2.56
C LEU A 566 -44.13 9.04 2.38
N LEU A 567 -45.19 8.83 3.19
CA LEU A 567 -45.96 7.60 3.07
C LEU A 567 -46.92 7.66 1.88
N ASN A 568 -47.48 8.84 1.60
CA ASN A 568 -48.32 8.97 0.42
C ASN A 568 -47.53 8.68 -0.83
N TYR A 569 -46.31 9.21 -0.90
CA TYR A 569 -45.42 8.91 -2.01
C TYR A 569 -45.29 7.41 -2.24
N PHE A 570 -45.16 6.63 -1.17
CA PHE A 570 -44.93 5.20 -1.30
C PHE A 570 -46.20 4.37 -1.13
N GLU A 571 -47.39 5.00 -1.14
CA GLU A 571 -48.63 4.23 -1.02
C GLU A 571 -48.79 3.19 -2.12
N PRO A 572 -48.59 3.50 -3.41
CA PRO A 572 -48.72 2.41 -4.40
C PRO A 572 -47.80 1.24 -4.09
N LEU A 573 -46.54 1.51 -3.78
CA LEU A 573 -45.59 0.43 -3.53
C LEU A 573 -45.96 -0.34 -2.26
N PHE A 574 -46.50 0.34 -1.25
CA PHE A 574 -46.88 -0.32 -0.01
C PHE A 574 -47.94 -1.39 -0.27
N THR A 575 -49.06 -0.98 -0.88
CA THR A 575 -50.10 -1.91 -1.29
C THR A 575 -49.49 -3.12 -1.98
N TRP A 576 -48.68 -2.88 -3.02
CA TRP A 576 -48.13 -3.97 -3.80
C TRP A 576 -47.25 -4.87 -2.94
N LEU A 577 -46.50 -4.27 -2.00
CA LEU A 577 -45.62 -5.07 -1.14
C LEU A 577 -46.43 -5.94 -0.19
N LYS A 578 -47.51 -5.41 0.39
CA LYS A 578 -48.35 -6.25 1.24
C LYS A 578 -48.84 -7.46 0.46
N ASP A 579 -49.19 -7.27 -0.80
CA ASP A 579 -49.62 -8.38 -1.65
C ASP A 579 -48.48 -9.37 -1.89
N GLN A 580 -47.30 -8.86 -2.27
CA GLN A 580 -46.18 -9.75 -2.58
C GLN A 580 -45.67 -10.51 -1.37
N ASN A 581 -46.06 -10.12 -0.16
CA ASN A 581 -45.53 -10.70 1.05
C ASN A 581 -46.52 -11.59 1.78
N LYS A 582 -47.74 -11.77 1.24
CA LYS A 582 -48.74 -12.59 1.92
C LYS A 582 -48.20 -13.97 2.28
N ASN A 583 -47.23 -14.49 1.51
CA ASN A 583 -46.62 -15.79 1.78
C ASN A 583 -45.19 -15.65 2.29
N SER A 584 -44.86 -14.51 2.88
CA SER A 584 -43.57 -14.27 3.48
C SER A 584 -43.78 -13.98 4.96
N PHE A 585 -42.74 -14.18 5.77
CA PHE A 585 -42.78 -13.64 7.11
C PHE A 585 -42.49 -12.15 7.02
N VAL A 586 -43.11 -11.36 7.89
CA VAL A 586 -42.95 -9.90 7.88
C VAL A 586 -42.51 -9.47 9.26
N GLY A 587 -41.31 -8.90 9.34
CA GLY A 587 -40.59 -8.78 10.58
C GLY A 587 -39.38 -9.69 10.58
N TRP A 588 -38.68 -9.69 11.71
CA TRP A 588 -37.46 -10.48 11.81
C TRP A 588 -37.26 -10.94 13.25
N SER A 589 -36.59 -12.07 13.39
CA SER A 589 -36.15 -12.54 14.69
C SER A 589 -34.69 -12.16 14.86
N THR A 590 -34.34 -11.64 16.03
CA THR A 590 -32.98 -11.17 16.29
C THR A 590 -32.03 -12.31 16.60
N ASP A 591 -32.52 -13.54 16.65
CA ASP A 591 -31.72 -14.63 17.22
C ASP A 591 -30.87 -15.33 16.18
N TRP A 592 -31.39 -15.55 14.98
CA TRP A 592 -30.58 -16.20 13.95
C TRP A 592 -29.38 -15.32 13.60
N SER A 593 -28.26 -15.96 13.28
CA SER A 593 -27.08 -15.28 12.76
C SER A 593 -26.37 -16.25 11.83
N PRO A 594 -25.71 -15.75 10.79
CA PRO A 594 -25.12 -16.66 9.79
C PRO A 594 -24.19 -17.69 10.38
N TYR A 595 -23.61 -17.43 11.55
CA TYR A 595 -22.50 -18.23 12.08
C TYR A 595 -22.89 -19.09 13.26
N ALA A 596 -24.15 -19.01 13.72
CA ALA A 596 -24.56 -19.72 14.93
C ALA A 596 -24.83 -21.19 14.69
N ASP A 597 -24.97 -21.60 13.43
CA ASP A 597 -25.23 -23.00 13.13
C ASP A 597 -23.95 -23.83 13.09
N GLN A 598 -22.79 -23.19 13.30
CA GLN A 598 -21.53 -23.90 13.40
C GLN A 598 -20.88 -23.77 14.77
N SER A 599 -21.44 -22.95 15.65
CA SER A 599 -20.84 -22.60 16.92
C SER A 599 -20.92 -23.77 17.91
N ILE A 600 -20.23 -23.59 19.05
CA ILE A 600 -20.16 -24.57 20.13
C ILE A 600 -20.22 -23.81 21.45
N LYS A 601 -21.09 -24.27 22.39
CA LYS A 601 -21.15 -23.65 23.72
C LYS A 601 -20.04 -24.22 24.61
N VAL A 602 -19.83 -23.60 25.79
CA VAL A 602 -18.68 -23.91 26.62
C VAL A 602 -19.02 -24.03 28.10
N ARG A 603 -18.23 -24.83 28.80
CA ARG A 603 -18.50 -25.25 30.17
C ARG A 603 -18.23 -24.10 31.15
N GLU A 616 -9.41 -17.66 38.53
CA GLU A 616 -9.70 -16.33 38.00
C GLU A 616 -9.52 -16.29 36.47
N TRP A 617 -10.61 -16.00 35.76
CA TRP A 617 -10.67 -16.07 34.31
C TRP A 617 -10.58 -14.67 33.70
N ASN A 618 -9.60 -14.48 32.81
CA ASN A 618 -9.35 -13.19 32.17
C ASN A 618 -9.23 -13.39 30.67
N ASP A 619 -8.98 -12.29 29.96
CA ASP A 619 -8.80 -12.36 28.51
C ASP A 619 -7.61 -13.24 28.14
N ASN A 620 -6.60 -13.30 29.01
CA ASN A 620 -5.44 -14.14 28.71
C ASN A 620 -5.83 -15.61 28.71
N GLU A 621 -6.72 -16.01 29.62
CA GLU A 621 -7.30 -17.34 29.54
C GLU A 621 -7.99 -17.54 28.19
N MET A 622 -8.78 -16.56 27.77
CA MET A 622 -9.34 -16.62 26.43
C MET A 622 -8.26 -16.71 25.37
N TYR A 623 -7.09 -16.11 25.62
CA TYR A 623 -6.00 -16.19 24.66
C TYR A 623 -5.38 -17.60 24.64
N LEU A 624 -5.14 -18.18 25.82
CA LEU A 624 -4.65 -19.56 25.82
C LEU A 624 -5.69 -20.50 25.23
N PHE A 625 -6.97 -20.21 25.46
CA PHE A 625 -8.03 -21.04 24.91
C PHE A 625 -8.02 -21.03 23.38
N ARG A 626 -8.15 -19.83 22.79
CA ARG A 626 -8.13 -19.72 21.33
C ARG A 626 -6.87 -20.35 20.77
N SER A 627 -5.72 -20.10 21.41
CA SER A 627 -4.45 -20.65 20.94
C SER A 627 -4.46 -22.17 21.02
N SER A 628 -5.07 -22.74 22.06
CA SER A 628 -5.15 -24.19 22.17
C SER A 628 -6.02 -24.78 21.07
N VAL A 629 -7.23 -24.26 20.92
CA VAL A 629 -8.13 -24.72 19.86
C VAL A 629 -7.42 -24.65 18.51
N ALA A 630 -6.74 -23.53 18.25
CA ALA A 630 -5.99 -23.41 17.01
C ALA A 630 -4.93 -24.51 16.90
N TYR A 631 -4.28 -24.83 18.01
CA TYR A 631 -3.27 -25.88 18.02
C TYR A 631 -3.90 -27.23 17.79
N ALA A 632 -4.96 -27.54 18.56
CA ALA A 632 -5.75 -28.74 18.33
C ALA A 632 -6.09 -28.89 16.85
N MET A 633 -6.70 -27.86 16.26
CA MET A 633 -7.01 -27.89 14.85
C MET A 633 -5.78 -28.22 14.00
N ARG A 634 -4.64 -27.59 14.30
CA ARG A 634 -3.43 -27.85 13.52
C ARG A 634 -3.09 -29.33 13.50
N GLN A 635 -3.20 -29.99 14.67
CA GLN A 635 -2.96 -31.42 14.77
C GLN A 635 -3.98 -32.22 13.96
N TYR A 636 -5.28 -32.02 14.24
CA TYR A 636 -6.34 -32.79 13.63
C TYR A 636 -6.33 -32.74 12.12
N PHE A 637 -5.66 -31.76 11.53
CA PHE A 637 -5.49 -31.76 10.09
C PHE A 637 -4.15 -32.33 9.67
N LEU A 638 -3.16 -32.34 10.56
CA LEU A 638 -1.94 -33.09 10.33
C LEU A 638 -2.12 -34.57 10.67
N LYS A 639 -3.13 -34.92 11.48
CA LYS A 639 -3.38 -36.30 11.90
C LYS A 639 -4.54 -36.92 11.11
N VAL A 640 -5.77 -36.61 11.48
CA VAL A 640 -6.97 -37.27 10.95
C VAL A 640 -7.22 -36.81 9.51
N LYS A 641 -6.35 -35.97 8.97
CA LYS A 641 -6.53 -35.49 7.60
C LYS A 641 -5.24 -35.35 6.79
N ASN A 642 -4.07 -35.25 7.43
CA ASN A 642 -2.77 -35.15 6.75
C ASN A 642 -2.67 -33.84 5.93
N GLN A 643 -2.73 -32.73 6.66
CA GLN A 643 -2.57 -31.39 6.12
C GLN A 643 -1.94 -30.50 7.17
N MET A 644 -1.19 -29.50 6.74
CA MET A 644 -0.67 -28.50 7.67
C MET A 644 -1.41 -27.19 7.43
N ILE A 645 -2.09 -26.72 8.47
CA ILE A 645 -2.94 -25.53 8.40
C ILE A 645 -2.58 -24.64 9.58
N LEU A 646 -2.08 -23.44 9.28
CA LEU A 646 -1.67 -22.52 10.34
C LEU A 646 -2.90 -21.84 10.93
N PHE A 647 -3.68 -22.61 11.69
CA PHE A 647 -4.74 -22.05 12.52
C PHE A 647 -4.16 -21.14 13.61
N GLY A 648 -4.60 -19.89 13.64
CA GLY A 648 -4.18 -18.97 14.67
C GLY A 648 -5.23 -18.81 15.75
N GLU A 649 -4.85 -18.07 16.80
CA GLU A 649 -5.84 -17.68 17.79
C GLU A 649 -6.90 -16.79 17.17
N GLU A 650 -6.52 -16.01 16.16
CA GLU A 650 -7.46 -15.13 15.48
C GLU A 650 -8.55 -15.89 14.74
N ASP A 651 -8.24 -17.11 14.28
CA ASP A 651 -9.23 -17.91 13.57
C ASP A 651 -10.27 -18.54 14.47
N VAL A 652 -10.15 -18.37 15.79
CA VAL A 652 -11.15 -18.90 16.72
C VAL A 652 -12.08 -17.76 17.08
N ARG A 653 -13.33 -17.82 16.62
CA ARG A 653 -14.26 -16.71 16.72
C ARG A 653 -15.22 -16.96 17.87
N VAL A 654 -15.15 -16.12 18.89
CA VAL A 654 -15.93 -16.33 20.09
C VAL A 654 -17.05 -15.30 20.16
N ALA A 655 -18.24 -15.77 20.51
CA ALA A 655 -19.44 -14.95 20.59
C ALA A 655 -20.18 -15.30 21.87
N ASN A 656 -21.20 -14.48 22.17
CA ASN A 656 -22.11 -14.72 23.30
C ASN A 656 -21.35 -14.99 24.60
N LEU A 657 -20.42 -14.10 24.93
CA LEU A 657 -19.59 -14.30 26.13
C LEU A 657 -20.23 -13.64 27.36
N ILE A 661 -19.82 -16.64 33.01
CA ILE A 661 -19.08 -17.87 32.74
C ILE A 661 -19.78 -18.72 31.66
N SER A 662 -19.70 -18.27 30.39
CA SER A 662 -20.23 -19.00 29.24
C SER A 662 -19.94 -18.28 27.92
N PHE A 663 -19.66 -19.04 26.85
CA PHE A 663 -19.39 -18.46 25.54
C PHE A 663 -19.54 -19.51 24.45
N ASN A 664 -19.77 -19.03 23.22
CA ASN A 664 -19.94 -19.83 22.02
C ASN A 664 -18.84 -19.49 21.02
N PHE A 665 -18.30 -20.51 20.34
CA PHE A 665 -17.19 -20.29 19.43
C PHE A 665 -17.34 -21.16 18.18
N PHE A 666 -16.69 -20.73 17.10
CA PHE A 666 -16.52 -21.51 15.88
C PHE A 666 -15.18 -21.16 15.26
N VAL A 667 -14.74 -21.97 14.31
CA VAL A 667 -13.40 -21.86 13.75
C VAL A 667 -13.50 -21.64 12.26
N THR A 668 -12.67 -20.76 11.74
CA THR A 668 -12.62 -20.45 10.33
C THR A 668 -11.23 -20.76 9.83
N ALA A 669 -11.13 -21.10 8.55
CA ALA A 669 -9.81 -21.33 7.97
C ALA A 669 -9.08 -19.99 7.85
N PRO A 670 -7.79 -19.94 8.14
CA PRO A 670 -7.08 -18.66 8.06
C PRO A 670 -7.01 -18.19 6.62
N LYS A 671 -7.19 -16.88 6.44
CA LYS A 671 -7.23 -16.18 5.16
C LYS A 671 -8.52 -16.44 4.38
N ASN A 672 -9.58 -16.97 5.01
CA ASN A 672 -10.84 -17.07 4.28
C ASN A 672 -12.03 -16.55 5.06
N VAL A 673 -12.07 -16.79 6.37
CA VAL A 673 -13.12 -16.25 7.24
C VAL A 673 -14.47 -16.88 6.93
N SER A 674 -14.92 -16.77 5.68
CA SER A 674 -16.16 -17.44 5.29
C SER A 674 -16.05 -18.95 5.45
N ASP A 675 -14.85 -19.52 5.26
CA ASP A 675 -14.64 -20.96 5.39
C ASP A 675 -14.78 -21.43 6.82
N ILE A 676 -16.01 -21.45 7.34
CA ILE A 676 -16.21 -22.02 8.66
C ILE A 676 -15.82 -23.49 8.62
N ILE A 677 -15.31 -23.99 9.74
CA ILE A 677 -14.96 -25.40 9.84
C ILE A 677 -16.19 -26.14 10.33
N PRO A 678 -16.55 -27.26 9.71
CA PRO A 678 -17.72 -28.03 10.18
C PRO A 678 -17.72 -28.32 11.68
N ARG A 679 -18.76 -27.88 12.38
CA ARG A 679 -18.84 -28.02 13.84
C ARG A 679 -18.51 -29.44 14.28
N THR A 680 -18.97 -30.43 13.53
CA THR A 680 -18.63 -31.81 13.87
C THR A 680 -17.12 -32.04 13.79
N GLU A 681 -16.43 -31.41 12.84
CA GLU A 681 -14.97 -31.61 12.70
C GLU A 681 -14.21 -31.06 13.90
N VAL A 682 -14.47 -29.81 14.25
CA VAL A 682 -13.82 -29.17 15.39
C VAL A 682 -14.02 -30.02 16.64
N GLU A 683 -15.19 -30.63 16.78
CA GLU A 683 -15.48 -31.45 17.95
C GLU A 683 -14.52 -32.63 18.05
N LYS A 684 -14.31 -33.34 16.94
CA LYS A 684 -13.34 -34.44 16.93
C LYS A 684 -11.95 -33.95 17.29
N ALA A 685 -11.55 -32.79 16.73
CA ALA A 685 -10.28 -32.17 17.09
C ALA A 685 -10.20 -31.90 18.58
N ILE A 686 -11.26 -31.29 19.14
CA ILE A 686 -11.30 -31.03 20.58
C ILE A 686 -11.24 -32.34 21.35
N ARG A 687 -11.98 -33.36 20.91
CA ARG A 687 -11.88 -34.66 21.55
C ARG A 687 -10.47 -35.22 21.41
N MET A 688 -9.94 -35.23 20.18
CA MET A 688 -8.60 -35.75 19.93
C MET A 688 -7.56 -35.14 20.87
N SER A 689 -7.66 -33.84 21.15
CA SER A 689 -6.74 -33.18 22.06
C SER A 689 -7.33 -32.97 23.45
N ARG A 690 -8.50 -33.55 23.73
CA ARG A 690 -9.11 -33.40 25.06
C ARG A 690 -8.15 -33.83 26.16
N SER A 691 -7.24 -34.77 25.83
CA SER A 691 -6.27 -35.23 26.81
C SER A 691 -5.40 -34.07 27.32
N ARG A 692 -4.91 -33.24 26.41
CA ARG A 692 -4.12 -32.09 26.85
C ARG A 692 -5.04 -31.04 27.48
N ILE A 693 -4.69 -30.57 28.67
CA ILE A 693 -5.55 -29.61 29.37
C ILE A 693 -4.73 -28.48 29.98
N THR B 2 27.61 -29.88 -48.64
CA THR B 2 28.42 -29.90 -47.42
C THR B 2 27.59 -29.49 -46.21
N ILE B 3 27.39 -30.43 -45.28
CA ILE B 3 26.61 -30.12 -44.08
C ILE B 3 27.09 -28.83 -43.43
N GLU B 4 28.38 -28.51 -43.61
CA GLU B 4 28.90 -27.25 -43.08
C GLU B 4 28.31 -26.05 -43.80
N GLU B 5 28.54 -25.96 -45.12
CA GLU B 5 27.97 -24.85 -45.88
C GLU B 5 26.46 -24.77 -45.71
N GLN B 6 25.80 -25.87 -45.36
CA GLN B 6 24.38 -25.79 -45.02
C GLN B 6 24.18 -25.09 -43.68
N ALA B 7 24.94 -25.50 -42.66
CA ALA B 7 24.85 -24.88 -41.34
C ALA B 7 25.20 -23.40 -41.38
N LYS B 8 26.08 -22.99 -42.29
CA LYS B 8 26.43 -21.58 -42.41
C LYS B 8 25.24 -20.74 -42.91
N THR B 9 24.42 -21.29 -43.80
CA THR B 9 23.25 -20.53 -44.24
C THR B 9 22.13 -20.61 -43.21
N PHE B 10 21.96 -21.77 -42.56
CA PHE B 10 21.02 -21.91 -41.46
C PHE B 10 21.29 -20.85 -40.39
N LEU B 11 22.56 -20.72 -39.97
CA LEU B 11 22.92 -19.76 -38.94
C LEU B 11 22.71 -18.33 -39.40
N ASP B 12 23.12 -18.03 -40.64
CA ASP B 12 22.83 -16.73 -41.23
C ASP B 12 21.34 -16.43 -41.17
N LYS B 13 20.51 -17.41 -41.51
CA LYS B 13 19.06 -17.24 -41.41
C LYS B 13 18.67 -17.01 -39.95
N PHE B 14 19.14 -17.88 -39.06
CA PHE B 14 18.79 -17.75 -37.65
C PHE B 14 19.23 -16.40 -37.10
N ASN B 15 20.46 -16.00 -37.39
CA ASN B 15 20.99 -14.79 -36.77
C ASN B 15 20.14 -13.58 -37.11
N HIS B 16 19.74 -13.46 -38.37
CA HIS B 16 19.04 -12.25 -38.79
C HIS B 16 17.57 -12.28 -38.41
N GLU B 17 16.94 -13.45 -38.44
CA GLU B 17 15.59 -13.55 -37.90
C GLU B 17 15.59 -13.32 -36.40
N ALA B 18 16.63 -13.82 -35.71
CA ALA B 18 16.67 -13.72 -34.25
C ALA B 18 16.79 -12.27 -33.80
N GLU B 19 17.63 -11.48 -34.46
CA GLU B 19 17.81 -10.09 -34.08
C GLU B 19 16.49 -9.34 -34.10
N ASP B 20 15.69 -9.51 -35.17
CA ASP B 20 14.41 -8.80 -35.28
C ASP B 20 13.40 -9.31 -34.26
N LEU B 21 13.32 -10.63 -34.06
CA LEU B 21 12.41 -11.17 -33.06
C LEU B 21 12.84 -10.77 -31.64
N PHE B 22 14.16 -10.79 -31.37
CA PHE B 22 14.67 -10.34 -30.07
C PHE B 22 14.24 -8.90 -29.79
N TYR B 23 14.40 -8.01 -30.78
CA TYR B 23 13.98 -6.61 -30.65
C TYR B 23 12.51 -6.48 -30.25
N GLN B 24 11.67 -7.48 -30.57
CA GLN B 24 10.26 -7.46 -30.16
C GLN B 24 10.05 -7.99 -28.74
N SER B 25 10.65 -9.14 -28.41
CA SER B 25 10.60 -9.61 -27.03
C SER B 25 11.23 -8.60 -26.09
N SER B 26 12.29 -7.91 -26.55
CA SER B 26 12.98 -6.94 -25.71
C SER B 26 12.15 -5.70 -25.48
N LEU B 27 11.37 -5.28 -26.49
CA LEU B 27 10.57 -4.07 -26.34
C LEU B 27 9.33 -4.32 -25.48
N ALA B 28 8.73 -5.51 -25.55
CA ALA B 28 7.65 -5.85 -24.64
C ALA B 28 8.17 -6.06 -23.23
N SER B 29 9.36 -6.66 -23.12
CA SER B 29 10.03 -6.74 -21.81
C SER B 29 10.46 -5.35 -21.33
N TRP B 30 10.95 -4.51 -22.25
CA TRP B 30 11.31 -3.13 -21.90
C TRP B 30 10.13 -2.37 -21.34
N ASN B 31 9.02 -2.36 -22.08
CA ASN B 31 7.87 -1.56 -21.69
C ASN B 31 7.18 -2.15 -20.47
N TYR B 32 7.33 -3.47 -20.25
CA TYR B 32 6.86 -4.06 -18.99
C TYR B 32 7.74 -3.64 -17.81
N ASN B 33 9.08 -3.64 -17.99
CA ASN B 33 9.96 -3.30 -16.89
C ASN B 33 10.00 -1.80 -16.64
N THR B 34 9.69 -0.99 -17.66
CA THR B 34 9.53 0.45 -17.42
C THR B 34 8.14 0.78 -16.89
N ASN B 35 7.16 -0.09 -17.16
CA ASN B 35 5.77 0.16 -16.76
C ASN B 35 5.14 -1.22 -16.52
N ILE B 36 5.08 -1.64 -15.25
CA ILE B 36 4.62 -2.98 -14.91
C ILE B 36 3.09 -2.97 -14.87
N THR B 37 2.47 -3.60 -15.87
CA THR B 37 1.02 -3.68 -15.96
C THR B 37 0.64 -5.08 -16.40
N GLU B 38 -0.54 -5.54 -15.94
CA GLU B 38 -1.06 -6.83 -16.41
C GLU B 38 -1.18 -6.87 -17.93
N GLU B 39 -1.49 -5.72 -18.55
CA GLU B 39 -1.43 -5.59 -20.00
C GLU B 39 -0.04 -5.95 -20.53
N ASN B 40 1.00 -5.31 -19.98
CA ASN B 40 2.36 -5.54 -20.47
C ASN B 40 2.88 -6.93 -20.09
N VAL B 41 2.31 -7.55 -19.05
CA VAL B 41 2.62 -8.95 -18.77
C VAL B 41 2.26 -9.82 -19.97
N GLN B 42 1.07 -9.60 -20.54
CA GLN B 42 0.58 -10.46 -21.62
C GLN B 42 1.31 -10.18 -22.93
N ASN B 43 1.42 -8.91 -23.33
CA ASN B 43 2.24 -8.55 -24.49
C ASN B 43 3.61 -9.21 -24.41
N MET B 44 4.33 -8.98 -23.29
CA MET B 44 5.61 -9.62 -23.09
C MET B 44 5.48 -11.14 -23.17
N ASN B 45 4.49 -11.70 -22.46
CA ASN B 45 4.32 -13.15 -22.50
C ASN B 45 4.01 -13.64 -23.90
N ASN B 46 3.25 -12.87 -24.68
CA ASN B 46 3.07 -13.20 -26.09
C ASN B 46 4.42 -13.16 -26.82
N ALA B 47 5.07 -11.98 -26.80
CA ALA B 47 6.33 -11.81 -27.52
C ALA B 47 7.41 -12.78 -27.05
N GLY B 48 7.41 -13.10 -25.75
CA GLY B 48 8.42 -14.00 -25.23
C GLY B 48 8.17 -15.45 -25.61
N ASP B 49 6.91 -15.88 -25.48
CA ASP B 49 6.53 -17.19 -26.02
C ASP B 49 6.78 -17.25 -27.51
N LYS B 50 6.45 -16.19 -28.24
CA LYS B 50 6.81 -16.12 -29.65
C LYS B 50 8.31 -16.33 -29.79
N TRP B 51 9.11 -15.56 -29.05
CA TRP B 51 10.55 -15.78 -29.01
C TRP B 51 10.87 -17.19 -28.55
N SER B 52 10.12 -17.72 -27.58
CA SER B 52 10.37 -19.08 -27.10
C SER B 52 10.11 -20.11 -28.19
N ALA B 53 9.00 -19.97 -28.93
CA ALA B 53 8.70 -20.89 -30.02
C ALA B 53 9.82 -20.90 -31.06
N PHE B 54 10.30 -19.71 -31.44
CA PHE B 54 11.43 -19.57 -32.35
C PHE B 54 12.61 -20.40 -31.89
N LEU B 55 13.10 -20.12 -30.67
CA LEU B 55 14.23 -20.86 -30.14
C LEU B 55 13.98 -22.36 -30.15
N LYS B 56 12.80 -22.77 -29.65
CA LYS B 56 12.41 -24.17 -29.65
C LYS B 56 12.46 -24.75 -31.06
N GLU B 57 11.72 -24.13 -32.00
CA GLU B 57 11.69 -24.58 -33.39
C GLU B 57 13.08 -24.68 -33.98
N GLN B 58 13.90 -23.64 -33.75
CA GLN B 58 15.21 -23.58 -34.37
C GLN B 58 16.27 -24.38 -33.60
N SER B 59 16.15 -24.46 -32.27
CA SER B 59 17.08 -25.32 -31.54
C SER B 59 17.00 -26.75 -32.04
N THR B 60 15.78 -27.27 -32.16
CA THR B 60 15.63 -28.65 -32.62
C THR B 60 15.92 -28.75 -34.11
N LEU B 61 15.49 -27.76 -34.88
CA LEU B 61 15.87 -27.69 -36.29
C LEU B 61 17.38 -27.73 -36.45
N ALA B 62 18.10 -27.04 -35.56
CA ALA B 62 19.57 -27.06 -35.59
C ALA B 62 20.12 -28.46 -35.29
N GLN B 63 19.40 -29.25 -34.48
CA GLN B 63 19.89 -30.58 -34.12
C GLN B 63 20.25 -31.41 -35.35
N MET B 64 19.63 -31.14 -36.50
CA MET B 64 19.94 -31.89 -37.72
C MET B 64 21.21 -31.40 -38.40
N TYR B 65 22.14 -30.86 -37.63
CA TYR B 65 23.48 -30.51 -38.13
C TYR B 65 24.49 -31.08 -37.14
N PRO B 66 25.13 -32.20 -37.46
CA PRO B 66 26.02 -32.86 -36.48
C PRO B 66 27.33 -32.10 -36.30
N LEU B 67 27.57 -31.61 -35.08
CA LEU B 67 28.78 -30.84 -34.79
C LEU B 67 30.04 -31.58 -35.20
N GLN B 68 29.94 -32.89 -35.42
CA GLN B 68 31.04 -33.67 -35.97
C GLN B 68 31.57 -33.06 -37.26
N GLU B 69 30.73 -32.97 -38.29
CA GLU B 69 31.20 -32.51 -39.60
C GLU B 69 31.34 -31.00 -39.67
N ILE B 70 30.99 -30.28 -38.61
CA ILE B 70 31.23 -28.83 -38.56
C ILE B 70 32.58 -28.60 -37.88
N GLN B 71 33.52 -28.00 -38.63
CA GLN B 71 34.90 -27.77 -38.21
C GLN B 71 35.17 -26.34 -37.78
N ASN B 72 34.67 -25.35 -38.54
CA ASN B 72 34.75 -23.93 -38.16
C ASN B 72 34.32 -23.74 -36.71
N LEU B 73 35.26 -23.32 -35.85
CA LEU B 73 35.00 -23.19 -34.42
C LEU B 73 33.78 -22.30 -34.15
N THR B 74 33.76 -21.11 -34.75
CA THR B 74 32.65 -20.19 -34.60
C THR B 74 31.32 -20.87 -34.95
N VAL B 75 31.28 -21.54 -36.11
CA VAL B 75 30.06 -22.22 -36.55
C VAL B 75 29.67 -23.33 -35.58
N LYS B 76 30.67 -24.11 -35.12
CA LYS B 76 30.39 -25.16 -34.14
C LYS B 76 30.01 -24.58 -32.79
N LEU B 77 30.47 -23.36 -32.48
CA LEU B 77 30.03 -22.68 -31.26
C LEU B 77 28.58 -22.25 -31.38
N GLN B 78 28.23 -21.56 -32.47
CA GLN B 78 26.86 -21.09 -32.66
C GLN B 78 25.89 -22.25 -32.71
N LEU B 79 26.24 -23.31 -33.42
CA LEU B 79 25.40 -24.50 -33.43
C LEU B 79 25.28 -25.08 -32.02
N GLN B 80 26.37 -25.01 -31.25
CA GLN B 80 26.36 -25.50 -29.87
C GLN B 80 25.25 -24.86 -29.06
N ALA B 81 25.28 -23.52 -28.95
CA ALA B 81 24.29 -22.81 -28.16
C ALA B 81 22.88 -23.08 -28.68
N LEU B 82 22.73 -23.17 -30.00
CA LEU B 82 21.41 -23.38 -30.57
C LEU B 82 20.96 -24.82 -30.44
N GLN B 83 21.87 -25.78 -30.50
CA GLN B 83 21.45 -27.16 -30.26
C GLN B 83 21.15 -27.43 -28.79
N GLN B 84 21.41 -26.48 -27.88
CA GLN B 84 21.17 -26.65 -26.45
C GLN B 84 19.69 -26.47 -26.13
N ASN B 85 18.97 -27.60 -25.97
CA ASN B 85 17.51 -27.60 -25.91
C ASN B 85 16.94 -26.62 -24.87
N GLY B 86 17.52 -26.58 -23.68
CA GLY B 86 17.09 -25.64 -22.65
C GLY B 86 15.82 -26.02 -21.90
N SER B 87 15.02 -25.02 -21.49
CA SER B 87 13.72 -25.18 -20.84
C SER B 87 12.71 -25.92 -21.71
N SER B 88 13.04 -26.26 -22.96
CA SER B 88 12.19 -27.12 -23.77
C SER B 88 12.10 -28.51 -23.18
N VAL B 89 13.17 -28.98 -22.51
CA VAL B 89 13.15 -30.29 -21.86
C VAL B 89 11.97 -30.41 -20.92
N LEU B 90 11.50 -29.30 -20.38
CA LEU B 90 10.43 -29.35 -19.40
C LEU B 90 9.12 -29.67 -20.09
N SER B 91 8.23 -30.32 -19.34
CA SER B 91 6.88 -30.56 -19.82
C SER B 91 6.20 -29.22 -20.09
N GLU B 92 5.01 -29.27 -20.70
CA GLU B 92 4.27 -28.03 -20.91
C GLU B 92 3.76 -27.49 -19.58
N ASP B 93 3.22 -28.38 -18.72
CA ASP B 93 2.88 -28.01 -17.35
C ASP B 93 4.05 -27.31 -16.66
N LYS B 94 5.21 -27.96 -16.67
CA LYS B 94 6.39 -27.43 -15.98
C LYS B 94 6.76 -26.05 -16.51
N SER B 95 6.98 -25.95 -17.82
CA SER B 95 7.39 -24.67 -18.41
C SER B 95 6.44 -23.54 -18.05
N LYS B 96 5.14 -23.79 -18.03
CA LYS B 96 4.21 -22.73 -17.67
C LYS B 96 4.33 -22.40 -16.18
N ARG B 97 4.47 -23.42 -15.34
CA ARG B 97 4.61 -23.21 -13.92
C ARG B 97 5.87 -22.42 -13.60
N LEU B 98 7.00 -22.83 -14.17
CA LEU B 98 8.26 -22.15 -13.86
C LEU B 98 8.16 -20.67 -14.18
N ASN B 99 7.67 -20.33 -15.38
CA ASN B 99 7.58 -18.91 -15.74
C ASN B 99 6.61 -18.16 -14.85
N THR B 100 5.57 -18.83 -14.38
CA THR B 100 4.67 -18.25 -13.41
C THR B 100 5.42 -17.89 -12.13
N ILE B 101 6.29 -18.81 -11.68
CA ILE B 101 7.07 -18.56 -10.48
C ILE B 101 8.05 -17.42 -10.70
N LEU B 102 8.71 -17.39 -11.85
CA LEU B 102 9.65 -16.31 -12.11
C LEU B 102 8.94 -14.96 -12.08
N ASN B 103 7.82 -14.83 -12.79
CA ASN B 103 7.08 -13.57 -12.80
C ASN B 103 6.57 -13.22 -11.40
N THR B 104 6.13 -14.22 -10.63
CA THR B 104 5.64 -13.93 -9.30
C THR B 104 6.76 -13.41 -8.40
N MET B 105 7.93 -14.05 -8.45
CA MET B 105 9.02 -13.63 -7.58
C MET B 105 9.51 -12.25 -7.97
N SER B 106 9.67 -12.00 -9.26
CA SER B 106 10.01 -10.67 -9.69
C SER B 106 8.97 -9.65 -9.24
N THR B 107 7.70 -10.04 -9.19
CA THR B 107 6.69 -9.05 -8.84
C THR B 107 6.63 -8.82 -7.34
N ILE B 108 6.74 -9.88 -6.55
CA ILE B 108 6.83 -9.73 -5.11
C ILE B 108 8.01 -8.81 -4.74
N TYR B 109 9.17 -9.03 -5.37
CA TYR B 109 10.35 -8.24 -5.04
C TYR B 109 10.11 -6.76 -5.27
N SER B 110 9.47 -6.41 -6.38
CA SER B 110 9.45 -5.03 -6.78
C SER B 110 8.19 -4.30 -6.35
N THR B 111 7.20 -5.00 -5.77
CA THR B 111 6.01 -4.33 -5.26
C THR B 111 5.69 -4.67 -3.80
N GLY B 112 6.45 -5.57 -3.17
CA GLY B 112 6.34 -5.78 -1.74
C GLY B 112 6.49 -4.48 -0.98
N LYS B 113 5.67 -4.31 0.05
CA LYS B 113 5.74 -3.13 0.90
C LYS B 113 5.79 -3.57 2.34
N VAL B 114 6.31 -2.71 3.20
CA VAL B 114 6.26 -2.91 4.63
C VAL B 114 5.65 -1.65 5.25
N CYS B 115 5.01 -1.81 6.39
CA CYS B 115 4.24 -0.72 6.95
C CYS B 115 4.76 -0.40 8.35
N ASN B 116 4.60 0.85 8.72
CA ASN B 116 5.07 1.26 10.04
C ASN B 116 4.17 0.65 11.09
N PRO B 117 4.71 -0.14 12.03
CA PRO B 117 3.84 -0.72 13.07
C PRO B 117 3.18 0.34 13.94
N ASP B 118 3.65 1.58 13.90
CA ASP B 118 2.99 2.68 14.58
C ASP B 118 1.97 3.39 13.69
N ASN B 119 1.97 3.14 12.37
CA ASN B 119 1.06 3.82 11.46
C ASN B 119 0.85 2.89 10.27
N PRO B 120 -0.14 2.00 10.36
CA PRO B 120 -0.32 0.98 9.31
C PRO B 120 -0.57 1.55 7.91
N GLN B 121 -0.91 2.83 7.78
CA GLN B 121 -1.07 3.45 6.48
C GLN B 121 0.21 4.04 5.92
N GLU B 122 1.34 3.92 6.61
CA GLU B 122 2.63 4.39 6.12
C GLU B 122 3.43 3.17 5.69
N CYS B 123 3.47 2.92 4.37
CA CYS B 123 4.02 1.68 3.83
C CYS B 123 5.09 2.02 2.80
N LEU B 124 6.23 1.36 2.92
CA LEU B 124 7.42 1.65 2.13
C LEU B 124 7.72 0.51 1.18
N LEU B 125 8.00 0.84 -0.07
CA LEU B 125 8.59 -0.11 -0.99
C LEU B 125 10.08 -0.26 -0.68
N LEU B 126 10.67 -1.33 -1.20
CA LEU B 126 12.11 -1.52 -1.10
C LEU B 126 12.86 -0.31 -1.64
N GLU B 127 12.52 0.10 -2.86
CA GLU B 127 13.12 1.22 -3.57
C GLU B 127 12.01 2.24 -3.83
N PRO B 128 12.14 3.51 -3.40
CA PRO B 128 13.26 4.14 -2.67
C PRO B 128 13.21 3.95 -1.16
N GLY B 129 12.06 3.59 -0.60
CA GLY B 129 11.83 3.71 0.82
C GLY B 129 12.78 2.96 1.73
N LEU B 130 12.72 1.63 1.69
CA LEU B 130 13.59 0.83 2.56
C LEU B 130 15.06 1.05 2.25
N ASN B 131 15.38 1.37 0.99
CA ASN B 131 16.76 1.67 0.64
C ASN B 131 17.22 2.99 1.23
N GLU B 132 16.32 3.99 1.27
CA GLU B 132 16.75 5.24 1.89
C GLU B 132 17.02 5.07 3.38
N ILE B 133 16.28 4.18 4.06
CA ILE B 133 16.60 3.93 5.46
C ILE B 133 17.96 3.24 5.56
N MET B 134 18.18 2.18 4.79
CA MET B 134 19.40 1.36 4.95
C MET B 134 20.64 2.03 4.40
N ALA B 135 20.51 2.97 3.47
CA ALA B 135 21.69 3.75 3.09
C ALA B 135 21.99 4.87 4.08
N ASN B 136 20.99 5.41 4.76
CA ASN B 136 21.13 6.72 5.36
C ASN B 136 20.70 6.84 6.81
N SER B 137 20.15 5.81 7.43
CA SER B 137 19.71 5.93 8.80
C SER B 137 20.82 5.51 9.73
N LEU B 138 21.10 6.35 10.74
CA LEU B 138 21.98 6.04 11.86
C LEU B 138 21.22 5.47 13.06
N ASP B 139 19.91 5.32 12.96
CA ASP B 139 19.13 4.80 14.06
C ASP B 139 19.11 3.27 14.02
N TYR B 140 19.63 2.65 15.07
CA TYR B 140 19.74 1.20 15.13
C TYR B 140 18.38 0.53 14.96
N ASN B 141 17.37 1.00 15.70
CA ASN B 141 16.11 0.29 15.76
C ASN B 141 15.32 0.44 14.47
N GLU B 142 15.48 1.56 13.78
CA GLU B 142 14.79 1.75 12.51
C GLU B 142 15.46 0.96 11.39
N ARG B 143 16.79 0.87 11.43
CA ARG B 143 17.45 -0.04 10.51
C ARG B 143 16.98 -1.48 10.76
N LEU B 144 16.83 -1.84 12.04
CA LEU B 144 16.46 -3.20 12.36
C LEU B 144 15.03 -3.51 11.90
N TRP B 145 14.14 -2.51 11.99
CA TRP B 145 12.77 -2.71 11.50
C TRP B 145 12.76 -2.97 10.00
N ALA B 146 13.45 -2.16 9.21
CA ALA B 146 13.37 -2.29 7.76
C ALA B 146 14.07 -3.57 7.30
N TRP B 147 15.23 -3.86 7.87
CA TRP B 147 15.94 -5.09 7.58
C TRP B 147 15.07 -6.32 7.83
N GLU B 148 14.25 -6.27 8.88
CA GLU B 148 13.47 -7.44 9.29
C GLU B 148 12.10 -7.44 8.62
N SER B 149 11.46 -6.27 8.55
CA SER B 149 10.28 -6.12 7.73
C SER B 149 10.49 -6.75 6.38
N TRP B 150 11.52 -6.28 5.67
CA TRP B 150 11.73 -6.73 4.30
C TRP B 150 11.81 -8.25 4.21
N ARG B 151 12.55 -8.89 5.12
CA ARG B 151 12.65 -10.34 5.05
C ARG B 151 11.45 -11.05 5.64
N SER B 152 10.74 -10.41 6.57
CA SER B 152 9.64 -11.09 7.25
C SER B 152 8.37 -11.05 6.41
N GLU B 153 8.14 -9.95 5.70
CA GLU B 153 6.87 -9.82 5.01
C GLU B 153 6.95 -10.07 3.52
N VAL B 154 8.08 -9.79 2.89
CA VAL B 154 8.26 -10.08 1.48
C VAL B 154 9.09 -11.33 1.26
N GLY B 155 10.20 -11.47 1.98
CA GLY B 155 11.01 -12.66 1.86
C GLY B 155 10.27 -13.95 2.20
N LYS B 156 9.26 -13.87 3.07
CA LYS B 156 8.49 -15.06 3.41
C LYS B 156 7.56 -15.49 2.27
N GLN B 157 6.98 -14.53 1.55
CA GLN B 157 6.17 -14.88 0.37
C GLN B 157 7.00 -15.64 -0.66
N LEU B 158 8.32 -15.54 -0.58
CA LEU B 158 9.21 -16.04 -1.62
C LEU B 158 9.72 -17.44 -1.34
N ARG B 159 9.66 -17.89 -0.09
CA ARG B 159 10.30 -19.15 0.29
C ARG B 159 9.71 -20.32 -0.47
N PRO B 160 8.39 -20.57 -0.44
CA PRO B 160 7.85 -21.74 -1.16
C PRO B 160 7.97 -21.64 -2.67
N LEU B 161 7.86 -20.43 -3.23
CA LEU B 161 8.12 -20.26 -4.66
C LEU B 161 9.56 -20.64 -4.99
N TYR B 162 10.51 -20.17 -4.17
CA TYR B 162 11.92 -20.45 -4.41
C TYR B 162 12.19 -21.95 -4.34
N GLU B 163 11.56 -22.66 -3.40
CA GLU B 163 11.69 -24.10 -3.32
C GLU B 163 11.24 -24.76 -4.63
N GLU B 164 10.09 -24.35 -5.16
CA GLU B 164 9.66 -24.88 -6.44
C GLU B 164 10.64 -24.48 -7.56
N TYR B 165 11.01 -23.20 -7.60
CA TYR B 165 11.99 -22.73 -8.57
C TYR B 165 13.23 -23.61 -8.62
N VAL B 166 13.76 -24.02 -7.47
CA VAL B 166 14.98 -24.81 -7.44
C VAL B 166 14.75 -26.18 -8.06
N VAL B 167 13.62 -26.82 -7.72
CA VAL B 167 13.26 -28.13 -8.28
C VAL B 167 13.14 -28.05 -9.80
N LEU B 168 12.35 -27.08 -10.28
CA LEU B 168 12.14 -26.95 -11.72
C LEU B 168 13.43 -26.63 -12.47
N LYS B 169 14.26 -25.74 -11.91
CA LYS B 169 15.47 -25.33 -12.62
C LYS B 169 16.50 -26.44 -12.67
N ASN B 170 16.62 -27.21 -11.58
CA ASN B 170 17.50 -28.36 -11.56
C ASN B 170 17.02 -29.44 -12.52
N GLU B 171 15.69 -29.64 -12.58
CA GLU B 171 15.08 -30.55 -13.52
C GLU B 171 15.42 -30.18 -14.97
N MET B 172 15.30 -28.88 -15.30
CA MET B 172 15.70 -28.44 -16.65
C MET B 172 17.19 -28.63 -16.88
N ALA B 173 18.02 -28.22 -15.91
CA ALA B 173 19.46 -28.28 -16.10
C ALA B 173 19.95 -29.71 -16.28
N ARG B 174 19.49 -30.61 -15.40
CA ARG B 174 19.92 -32.00 -15.49
C ARG B 174 19.44 -32.65 -16.79
N ALA B 175 18.25 -32.28 -17.27
CA ALA B 175 17.82 -32.80 -18.56
C ALA B 175 18.64 -32.22 -19.71
N ASN B 176 19.42 -31.17 -19.48
CA ASN B 176 20.35 -30.65 -20.47
C ASN B 176 21.78 -31.08 -20.20
N HIS B 177 21.98 -32.10 -19.37
CA HIS B 177 23.26 -32.77 -19.11
C HIS B 177 24.20 -31.97 -18.21
N TYR B 178 23.68 -31.05 -17.40
CA TYR B 178 24.45 -30.45 -16.32
C TYR B 178 24.12 -31.18 -15.04
N GLU B 179 25.04 -31.10 -14.08
CA GLU B 179 24.79 -31.69 -12.78
C GLU B 179 23.57 -31.08 -12.11
N ASP B 180 23.37 -29.76 -12.28
CA ASP B 180 22.29 -29.01 -11.66
C ASP B 180 22.27 -27.61 -12.27
N TYR B 181 21.35 -26.77 -11.77
CA TYR B 181 21.26 -25.41 -12.25
C TYR B 181 22.55 -24.64 -11.97
N GLY B 182 23.14 -24.83 -10.78
CA GLY B 182 24.42 -24.22 -10.48
C GLY B 182 25.46 -24.56 -11.54
N ASP B 183 25.64 -25.85 -11.80
CA ASP B 183 26.57 -26.29 -12.84
C ASP B 183 26.24 -25.63 -14.18
N TYR B 184 24.95 -25.57 -14.54
CA TYR B 184 24.54 -24.87 -15.76
C TYR B 184 25.08 -23.45 -15.82
N TRP B 185 25.03 -22.74 -14.70
CA TRP B 185 25.47 -21.35 -14.68
C TRP B 185 26.98 -21.27 -14.92
N ARG B 186 27.77 -22.10 -14.23
CA ARG B 186 29.21 -22.11 -14.45
C ARG B 186 29.58 -22.36 -15.91
N GLY B 187 28.67 -22.95 -16.70
CA GLY B 187 28.94 -23.12 -18.12
C GLY B 187 29.28 -21.84 -18.85
N ASP B 188 28.85 -20.68 -18.34
CA ASP B 188 29.18 -19.42 -18.98
C ASP B 188 30.68 -19.23 -19.12
N TYR B 189 31.47 -19.80 -18.22
CA TYR B 189 32.91 -19.68 -18.29
C TYR B 189 33.57 -20.85 -19.01
N GLU B 190 32.83 -21.87 -19.42
CA GLU B 190 33.48 -23.06 -19.95
C GLU B 190 34.03 -22.82 -21.35
N VAL B 191 35.23 -23.33 -21.60
CA VAL B 191 35.84 -23.30 -22.93
C VAL B 191 36.33 -24.71 -23.24
N ASN B 192 35.99 -25.21 -24.43
CA ASN B 192 36.47 -26.51 -24.91
C ASN B 192 37.04 -26.35 -26.31
N GLY B 193 37.84 -27.35 -26.69
CA GLY B 193 38.27 -27.47 -28.08
C GLY B 193 39.23 -26.41 -28.56
N VAL B 194 39.96 -25.77 -27.65
CA VAL B 194 41.01 -24.81 -28.00
C VAL B 194 42.19 -25.09 -27.09
N ASP B 195 43.14 -25.90 -27.56
CA ASP B 195 44.29 -26.33 -26.77
C ASP B 195 44.91 -25.17 -26.01
N GLY B 196 45.24 -25.41 -24.75
CA GLY B 196 45.85 -24.41 -23.91
C GLY B 196 44.96 -23.23 -23.53
N TYR B 197 43.68 -23.25 -23.92
CA TYR B 197 42.74 -22.22 -23.54
C TYR B 197 41.45 -22.77 -22.94
N ASP B 198 41.33 -24.08 -22.80
CA ASP B 198 40.13 -24.67 -22.24
C ASP B 198 39.95 -24.22 -20.79
N TYR B 199 38.78 -24.52 -20.25
CA TYR B 199 38.46 -24.09 -18.90
C TYR B 199 37.18 -24.81 -18.49
N SER B 200 37.24 -25.70 -17.51
CA SER B 200 36.09 -26.52 -17.16
C SER B 200 35.22 -25.83 -16.10
N ARG B 201 33.97 -26.29 -16.01
CA ARG B 201 33.05 -25.68 -15.07
C ARG B 201 33.55 -25.82 -13.64
N GLY B 202 34.18 -26.95 -13.32
CA GLY B 202 34.68 -27.14 -11.96
C GLY B 202 35.84 -26.24 -11.61
N GLN B 203 36.74 -26.01 -12.58
CA GLN B 203 37.83 -25.05 -12.42
C GLN B 203 37.34 -23.69 -11.95
N LEU B 204 36.09 -23.34 -12.25
CA LEU B 204 35.58 -22.05 -11.80
C LEU B 204 35.49 -22.02 -10.28
N ILE B 205 35.06 -23.13 -9.67
CA ILE B 205 34.96 -23.20 -8.21
C ILE B 205 36.34 -23.20 -7.58
N GLU B 206 37.30 -23.95 -8.15
CA GLU B 206 38.66 -23.92 -7.62
C GLU B 206 39.25 -22.51 -7.69
N ASP B 207 39.21 -21.88 -8.87
CA ASP B 207 39.84 -20.58 -8.95
C ASP B 207 39.09 -19.52 -8.11
N VAL B 208 37.78 -19.68 -7.90
CA VAL B 208 37.12 -18.72 -7.03
C VAL B 208 37.60 -18.91 -5.60
N GLU B 209 37.74 -20.16 -5.16
CA GLU B 209 38.19 -20.39 -3.80
C GLU B 209 39.69 -20.14 -3.66
N HIS B 210 40.48 -20.55 -4.64
CA HIS B 210 41.91 -20.32 -4.55
C HIS B 210 42.20 -18.82 -4.44
N THR B 211 41.54 -18.01 -5.26
CA THR B 211 41.74 -16.58 -5.19
C THR B 211 41.05 -15.96 -4.00
N PHE B 212 39.99 -16.57 -3.50
CA PHE B 212 39.33 -15.97 -2.34
C PHE B 212 40.21 -16.08 -1.10
N GLU B 213 40.93 -17.19 -0.97
CA GLU B 213 41.85 -17.38 0.13
C GLU B 213 42.85 -16.23 0.23
N GLU B 214 43.34 -15.73 -0.91
CA GLU B 214 44.34 -14.67 -0.90
C GLU B 214 43.74 -13.30 -0.59
N ILE B 215 42.43 -13.17 -0.61
CA ILE B 215 41.76 -11.91 -0.31
C ILE B 215 41.33 -11.84 1.16
N LYS B 216 41.27 -12.98 1.85
CA LYS B 216 40.84 -13.02 3.23
C LYS B 216 41.59 -12.04 4.12
N PRO B 217 42.94 -11.98 4.09
CA PRO B 217 43.63 -11.05 4.98
C PRO B 217 43.19 -9.62 4.77
N LEU B 218 43.21 -9.12 3.53
CA LEU B 218 42.78 -7.74 3.30
C LEU B 218 41.34 -7.53 3.78
N TYR B 219 40.47 -8.52 3.60
CA TYR B 219 39.08 -8.34 4.03
C TYR B 219 38.98 -8.29 5.55
N GLU B 220 39.53 -9.31 6.23
CA GLU B 220 39.57 -9.35 7.68
C GLU B 220 40.07 -8.04 8.29
N HIS B 221 41.08 -7.42 7.68
CA HIS B 221 41.59 -6.15 8.20
C HIS B 221 40.61 -5.01 7.97
N LEU B 222 39.99 -4.98 6.79
CA LEU B 222 38.89 -4.03 6.55
C LEU B 222 37.73 -4.28 7.50
N HIS B 223 37.40 -5.56 7.73
CA HIS B 223 36.33 -5.91 8.65
C HIS B 223 36.57 -5.35 10.05
N ALA B 224 37.79 -5.55 10.58
CA ALA B 224 38.14 -5.14 11.94
C ALA B 224 38.20 -3.62 12.08
N TYR B 225 38.69 -2.94 11.04
CA TYR B 225 38.69 -1.47 11.04
C TYR B 225 37.26 -0.92 11.03
N VAL B 226 36.42 -1.47 10.15
CA VAL B 226 35.02 -1.02 10.02
C VAL B 226 34.25 -1.34 11.30
N ARG B 227 34.46 -2.54 11.86
CA ARG B 227 33.85 -2.89 13.14
C ARG B 227 34.10 -1.80 14.18
N ALA B 228 35.36 -1.37 14.31
CA ALA B 228 35.71 -0.40 15.35
C ALA B 228 35.04 0.94 15.12
N LYS B 229 35.03 1.43 13.87
CA LYS B 229 34.32 2.67 13.59
C LYS B 229 32.83 2.52 13.81
N LEU B 230 32.30 1.30 13.63
CA LEU B 230 30.88 1.07 13.86
C LEU B 230 30.56 1.06 15.34
N MET B 231 31.45 0.49 16.17
CA MET B 231 31.28 0.55 17.62
C MET B 231 31.12 1.98 18.10
N ASN B 232 31.93 2.90 17.57
CA ASN B 232 31.73 4.30 17.88
C ASN B 232 30.38 4.78 17.41
N ALA B 233 29.95 4.34 16.22
CA ALA B 233 28.71 4.83 15.64
C ALA B 233 27.47 4.26 16.33
N TYR B 234 27.54 3.02 16.82
CA TYR B 234 26.42 2.36 17.50
C TYR B 234 26.93 1.82 18.82
N PRO B 235 27.13 2.69 19.80
CA PRO B 235 27.76 2.26 21.06
C PRO B 235 26.88 1.30 21.84
N SER B 236 27.52 0.27 22.42
CA SER B 236 26.92 -0.80 23.21
C SER B 236 26.17 -1.81 22.35
N TYR B 237 26.23 -1.69 21.03
CA TYR B 237 25.51 -2.63 20.19
C TYR B 237 26.41 -3.69 19.56
N ILE B 238 27.70 -3.43 19.38
CA ILE B 238 28.58 -4.33 18.62
C ILE B 238 29.64 -4.90 19.54
N SER B 239 29.73 -6.23 19.57
CA SER B 239 30.85 -6.86 20.26
C SER B 239 32.13 -6.64 19.47
N PRO B 240 33.26 -6.41 20.15
CA PRO B 240 34.53 -6.20 19.46
C PRO B 240 35.26 -7.47 19.03
N ILE B 241 34.67 -8.64 19.22
CA ILE B 241 35.24 -9.89 18.74
C ILE B 241 34.20 -10.67 17.94
N GLY B 242 33.11 -10.02 17.57
CA GLY B 242 32.07 -10.73 16.88
C GLY B 242 31.77 -10.21 15.49
N CYS B 243 30.70 -10.73 14.90
CA CYS B 243 30.30 -10.31 13.56
C CYS B 243 29.54 -9.00 13.57
N LEU B 244 29.54 -8.33 12.43
CA LEU B 244 28.77 -7.09 12.27
C LEU B 244 27.28 -7.41 12.13
N PRO B 245 26.41 -6.77 12.89
CA PRO B 245 24.97 -6.92 12.66
C PRO B 245 24.58 -6.57 11.23
N ALA B 246 23.77 -7.45 10.63
CA ALA B 246 23.53 -7.38 9.20
C ALA B 246 22.78 -6.11 8.78
N HIS B 247 22.10 -5.44 9.70
CA HIS B 247 21.29 -4.29 9.33
C HIS B 247 22.07 -2.99 9.41
N LEU B 248 23.38 -3.07 9.59
CA LEU B 248 24.20 -1.91 9.87
C LEU B 248 25.25 -1.68 8.79
N LEU B 249 25.08 -2.30 7.62
CA LEU B 249 26.13 -2.31 6.63
C LEU B 249 25.94 -1.33 5.48
N GLY B 250 24.94 -0.45 5.54
CA GLY B 250 24.77 0.57 4.52
C GLY B 250 23.87 0.22 3.35
N ASP B 251 23.44 -1.03 3.20
CA ASP B 251 22.34 -1.29 2.30
C ASP B 251 21.53 -2.43 2.91
N MET B 252 20.49 -2.86 2.20
CA MET B 252 19.53 -3.81 2.74
C MET B 252 20.20 -5.14 3.04
N TRP B 253 21.29 -5.46 2.36
CA TRP B 253 21.96 -6.73 2.57
C TRP B 253 23.39 -6.63 3.07
N GLY B 254 24.02 -5.46 2.97
CA GLY B 254 25.46 -5.48 3.09
C GLY B 254 26.16 -6.00 1.85
N ARG B 255 25.51 -5.92 0.69
CA ARG B 255 26.16 -6.27 -0.57
C ARG B 255 27.38 -5.38 -0.83
N PHE B 256 27.25 -4.08 -0.57
CA PHE B 256 28.35 -3.11 -0.62
C PHE B 256 28.35 -2.40 0.73
N TRP B 257 29.54 -2.04 1.22
CA TRP B 257 29.69 -1.28 2.46
C TRP B 257 29.85 0.21 2.21
N THR B 258 29.59 0.66 0.97
CA THR B 258 29.87 2.01 0.50
C THR B 258 29.25 3.12 1.34
N ASN B 259 28.19 2.87 2.08
CA ASN B 259 27.54 3.94 2.81
C ASN B 259 28.03 4.04 4.25
N LEU B 260 28.97 3.18 4.62
CA LEU B 260 29.72 3.34 5.87
C LEU B 260 30.87 4.32 5.74
N TYR B 261 31.04 4.95 4.57
CA TYR B 261 32.18 5.84 4.42
C TYR B 261 32.05 7.03 5.35
N SER B 262 30.86 7.61 5.43
CA SER B 262 30.65 8.72 6.36
C SER B 262 31.01 8.31 7.78
N LEU B 263 30.85 7.03 8.10
CA LEU B 263 31.16 6.51 9.42
C LEU B 263 32.57 5.99 9.55
N THR B 264 33.28 5.77 8.45
CA THR B 264 34.56 5.07 8.52
C THR B 264 35.69 5.87 7.87
N VAL B 265 35.42 7.10 7.43
CA VAL B 265 36.43 7.94 6.81
C VAL B 265 37.62 8.05 7.75
N PRO B 266 38.83 7.66 7.33
CA PRO B 266 39.96 7.68 8.27
C PRO B 266 40.37 9.08 8.67
N PHE B 267 40.34 10.03 7.73
CA PHE B 267 40.79 11.42 7.96
C PHE B 267 39.66 12.33 7.53
N GLY B 268 38.66 12.47 8.39
CA GLY B 268 37.42 13.12 8.00
C GLY B 268 37.56 14.59 7.65
N GLN B 269 38.63 15.25 8.09
CA GLN B 269 38.68 16.69 7.88
C GLN B 269 39.39 17.06 6.58
N LYS B 270 39.92 16.08 5.85
CA LYS B 270 40.41 16.31 4.49
C LYS B 270 39.23 16.61 3.56
N PRO B 271 39.49 17.23 2.41
CA PRO B 271 38.39 17.52 1.48
C PRO B 271 37.71 16.24 1.02
N ASN B 272 36.39 16.32 0.92
CA ASN B 272 35.55 15.15 0.71
C ASN B 272 35.71 14.66 -0.71
N ILE B 273 36.32 13.49 -0.89
CA ILE B 273 36.39 12.89 -2.22
C ILE B 273 35.15 12.02 -2.44
N ASP B 274 34.12 12.22 -1.61
CA ASP B 274 32.77 11.74 -1.89
C ASP B 274 32.01 12.94 -2.45
N VAL B 275 31.92 13.00 -3.79
CA VAL B 275 31.52 14.23 -4.44
C VAL B 275 30.02 14.45 -4.44
N THR B 276 29.26 13.57 -3.78
CA THR B 276 27.81 13.70 -3.69
C THR B 276 27.38 15.15 -3.49
N ASP B 277 27.86 15.78 -2.43
CA ASP B 277 27.38 17.11 -2.07
C ASP B 277 27.82 18.15 -3.10
N ALA B 278 29.05 18.03 -3.63
CA ALA B 278 29.49 18.94 -4.67
C ALA B 278 28.66 18.81 -5.93
N MET B 279 28.03 17.65 -6.13
CA MET B 279 27.06 17.52 -7.21
C MET B 279 25.76 18.23 -6.88
N VAL B 280 25.31 18.11 -5.63
CA VAL B 280 24.05 18.71 -5.22
C VAL B 280 24.13 20.23 -5.21
N ASP B 281 25.34 20.79 -5.02
CA ASP B 281 25.54 22.24 -4.98
C ASP B 281 25.99 22.81 -6.33
N GLN B 282 25.96 22.00 -7.39
CA GLN B 282 26.13 22.50 -8.76
C GLN B 282 24.91 22.19 -9.63
N ALA B 283 23.81 21.72 -9.01
CA ALA B 283 22.54 21.40 -9.68
C ALA B 283 22.70 20.33 -10.76
N TRP B 284 23.34 19.22 -10.39
CA TRP B 284 23.50 18.09 -11.30
C TRP B 284 22.23 17.24 -11.28
N ASP B 285 21.81 16.80 -12.47
CA ASP B 285 20.62 15.97 -12.63
C ASP B 285 21.01 14.58 -13.14
N ALA B 286 20.13 13.93 -13.89
CA ALA B 286 20.47 12.70 -14.57
C ALA B 286 21.16 12.93 -15.91
N GLN B 287 20.92 14.10 -16.54
CA GLN B 287 21.40 14.37 -17.89
C GLN B 287 22.82 14.91 -17.91
N ARG B 288 23.25 15.61 -16.86
CA ARG B 288 24.66 15.97 -16.72
C ARG B 288 25.50 14.79 -16.24
N ILE B 289 24.92 13.90 -15.42
CA ILE B 289 25.60 12.67 -15.03
C ILE B 289 25.84 11.78 -16.25
N PHE B 290 24.80 11.58 -17.07
CA PHE B 290 24.95 10.69 -18.22
C PHE B 290 25.61 11.39 -19.40
N LYS B 291 25.44 12.70 -19.56
CA LYS B 291 26.29 13.41 -20.51
C LYS B 291 27.75 13.34 -20.09
N GLU B 292 28.03 13.50 -18.79
CA GLU B 292 29.40 13.46 -18.31
C GLU B 292 30.05 12.10 -18.56
N ALA B 293 29.35 11.02 -18.18
CA ALA B 293 29.84 9.66 -18.43
C ALA B 293 30.14 9.44 -19.91
N GLU B 294 29.31 10.02 -20.79
CA GLU B 294 29.56 9.95 -22.22
C GLU B 294 30.92 10.57 -22.57
N LYS B 295 31.26 11.67 -21.90
CA LYS B 295 32.51 12.36 -22.22
C LYS B 295 33.71 11.44 -22.05
N PHE B 296 33.66 10.56 -21.03
CA PHE B 296 34.86 9.78 -20.71
C PHE B 296 35.21 8.83 -21.84
N PHE B 297 34.21 8.13 -22.40
CA PHE B 297 34.51 7.09 -23.39
C PHE B 297 34.94 7.68 -24.71
N VAL B 298 34.43 8.85 -25.08
CA VAL B 298 34.94 9.49 -26.28
C VAL B 298 36.40 9.92 -26.06
N SER B 299 36.77 10.25 -24.82
CA SER B 299 38.17 10.60 -24.52
C SER B 299 39.11 9.49 -24.95
N VAL B 300 38.80 8.26 -24.55
CA VAL B 300 39.63 7.11 -24.90
C VAL B 300 39.40 6.64 -26.33
N GLY B 301 38.41 7.21 -27.03
CA GLY B 301 38.22 6.96 -28.43
C GLY B 301 37.04 6.08 -28.78
N LEU B 302 36.04 5.98 -27.91
CA LEU B 302 34.87 5.14 -28.14
C LEU B 302 33.71 5.98 -28.63
N PRO B 303 32.69 5.36 -29.23
CA PRO B 303 31.63 6.15 -29.86
C PRO B 303 30.86 7.01 -28.87
N ASN B 304 29.97 7.82 -29.42
CA ASN B 304 28.96 8.58 -28.69
C ASN B 304 27.72 7.71 -28.52
N MET B 305 26.91 8.04 -27.51
CA MET B 305 25.64 7.33 -27.35
C MET B 305 24.73 7.62 -28.54
N THR B 306 23.76 6.72 -28.76
CA THR B 306 22.88 6.88 -29.90
C THR B 306 21.87 7.99 -29.61
N GLN B 307 21.40 8.64 -30.69
CA GLN B 307 20.28 9.55 -30.53
C GLN B 307 19.09 8.84 -29.94
N GLY B 308 18.94 7.54 -30.27
CA GLY B 308 17.87 6.74 -29.69
C GLY B 308 18.06 6.42 -28.22
N PHE B 309 19.32 6.26 -27.78
CA PHE B 309 19.58 6.06 -26.35
C PHE B 309 19.05 7.21 -25.53
N TRP B 310 19.41 8.44 -25.88
CA TRP B 310 18.81 9.58 -25.20
C TRP B 310 17.30 9.55 -25.34
N GLU B 311 16.80 9.10 -26.50
CA GLU B 311 15.37 9.17 -26.80
C GLU B 311 14.57 8.21 -25.94
N ASN B 312 14.94 6.93 -25.93
CA ASN B 312 14.08 5.91 -25.31
C ASN B 312 14.69 5.26 -24.05
N SER B 313 15.52 6.00 -23.31
CA SER B 313 16.07 5.52 -22.04
C SER B 313 15.47 6.29 -20.85
N MET B 314 15.03 5.54 -19.83
CA MET B 314 14.45 6.10 -18.61
C MET B 314 15.57 6.33 -17.59
N LEU B 315 15.90 7.61 -17.34
CA LEU B 315 16.94 7.98 -16.39
C LEU B 315 16.45 8.81 -15.22
N THR B 316 15.21 9.27 -15.24
CA THR B 316 14.62 10.05 -14.16
C THR B 316 13.54 9.23 -13.49
N ASP B 317 12.35 9.78 -13.19
CA ASP B 317 11.33 9.02 -12.47
C ASP B 317 9.93 9.62 -12.60
N PRO B 318 8.90 8.80 -12.89
CA PRO B 318 7.48 9.18 -12.78
C PRO B 318 7.02 9.26 -11.32
N ALA B 324 8.61 1.50 -11.03
CA ALA B 324 9.02 0.61 -12.11
C ALA B 324 9.94 -0.48 -11.59
N VAL B 325 10.71 -1.10 -12.49
CA VAL B 325 11.83 -1.92 -12.05
C VAL B 325 13.05 -1.00 -12.05
N CYS B 326 13.09 -0.12 -11.05
CA CYS B 326 14.08 0.96 -11.00
C CYS B 326 15.51 0.46 -10.97
N HIS B 327 15.72 -0.81 -10.65
CA HIS B 327 17.06 -1.38 -10.61
C HIS B 327 17.81 -1.07 -11.91
N PRO B 328 19.05 -0.56 -11.84
CA PRO B 328 19.73 -0.08 -13.04
C PRO B 328 20.10 -1.23 -13.97
N THR B 329 19.73 -1.09 -15.25
CA THR B 329 19.99 -2.10 -16.26
C THR B 329 20.35 -1.42 -17.59
N ALA B 330 21.13 -2.14 -18.40
CA ALA B 330 21.50 -1.72 -19.75
C ALA B 330 20.93 -2.72 -20.75
N TRP B 331 20.49 -2.20 -21.90
CA TRP B 331 19.70 -2.98 -22.86
C TRP B 331 20.29 -2.80 -24.26
N ASP B 332 20.55 -3.93 -24.92
CA ASP B 332 20.87 -3.98 -26.35
C ASP B 332 19.74 -4.74 -27.06
N LEU B 333 18.61 -4.07 -27.30
CA LEU B 333 17.45 -4.75 -27.86
C LEU B 333 17.73 -5.25 -29.27
N GLY B 334 18.62 -4.57 -29.99
CA GLY B 334 18.95 -4.91 -31.35
C GLY B 334 18.86 -3.71 -32.25
N LYS B 335 19.19 -3.93 -33.52
CA LYS B 335 19.04 -2.90 -34.55
C LYS B 335 19.47 -1.51 -34.09
N GLY B 336 20.58 -1.43 -33.34
CA GLY B 336 21.03 -0.17 -32.78
C GLY B 336 20.15 0.38 -31.69
N ASP B 337 19.33 -0.48 -31.07
CA ASP B 337 18.51 -0.09 -29.92
C ASP B 337 19.31 -0.40 -28.66
N PHE B 338 20.14 0.56 -28.27
CA PHE B 338 20.86 0.56 -26.99
C PHE B 338 20.15 1.51 -26.03
N ARG B 339 19.67 1.00 -24.90
CA ARG B 339 19.02 1.86 -23.91
C ARG B 339 19.24 1.34 -22.49
N ILE B 340 19.15 2.25 -21.51
CA ILE B 340 19.39 1.96 -20.09
C ILE B 340 18.21 2.44 -19.26
N LEU B 341 17.83 1.62 -18.26
CA LEU B 341 16.71 1.89 -17.36
C LEU B 341 17.23 1.97 -15.93
N MET B 342 17.07 3.14 -15.30
CA MET B 342 17.71 3.39 -14.00
C MET B 342 17.21 4.68 -13.38
N CYS B 343 16.68 4.61 -12.15
CA CYS B 343 16.06 5.75 -11.49
C CYS B 343 17.16 6.59 -10.82
N THR B 344 17.90 7.30 -11.67
CA THR B 344 19.19 7.88 -11.27
C THR B 344 18.99 9.00 -10.26
N LYS B 345 19.56 8.84 -9.07
CA LYS B 345 19.62 9.88 -8.05
C LYS B 345 20.90 10.68 -8.23
N VAL B 346 20.95 11.85 -7.59
CA VAL B 346 22.13 12.71 -7.66
C VAL B 346 23.07 12.37 -6.50
N THR B 347 23.87 11.32 -6.68
CA THR B 347 24.86 10.88 -5.73
C THR B 347 26.07 10.37 -6.50
N MET B 348 27.22 10.27 -5.79
CA MET B 348 28.43 9.72 -6.39
C MET B 348 28.24 8.27 -6.82
N ASP B 349 27.43 7.52 -6.07
CA ASP B 349 27.14 6.14 -6.42
C ASP B 349 26.49 6.05 -7.79
N ASP B 350 25.55 6.95 -8.08
CA ASP B 350 24.90 7.00 -9.39
C ASP B 350 25.84 7.50 -10.48
N PHE B 351 26.64 8.53 -10.19
CA PHE B 351 27.64 9.00 -11.13
C PHE B 351 28.60 7.88 -11.53
N LEU B 352 28.95 7.01 -10.57
CA LEU B 352 29.80 5.87 -10.88
C LEU B 352 29.00 4.65 -11.34
N THR B 353 27.72 4.51 -10.94
CA THR B 353 26.86 3.52 -11.60
C THR B 353 26.52 3.94 -13.02
N ALA B 354 26.55 5.24 -13.34
CA ALA B 354 26.42 5.68 -14.73
C ALA B 354 27.49 5.06 -15.63
N HIS B 355 28.78 5.30 -15.31
CA HIS B 355 29.88 4.77 -16.13
C HIS B 355 29.81 3.25 -16.24
N HIS B 356 29.43 2.58 -15.15
CA HIS B 356 29.29 1.13 -15.20
C HIS B 356 28.22 0.74 -16.21
N GLU B 357 26.99 1.27 -16.06
CA GLU B 357 25.93 0.94 -17.00
C GLU B 357 26.26 1.44 -18.40
N MET B 358 26.81 2.65 -18.52
CA MET B 358 27.21 3.11 -19.85
C MET B 358 28.25 2.22 -20.45
N GLY B 359 29.25 1.81 -19.67
CA GLY B 359 30.26 0.91 -20.18
C GLY B 359 29.64 -0.35 -20.77
N HIS B 360 28.56 -0.84 -20.14
CA HIS B 360 27.78 -1.93 -20.71
C HIS B 360 27.42 -1.61 -22.16
N ILE B 361 26.80 -0.45 -22.37
CA ILE B 361 26.34 -0.05 -23.70
C ILE B 361 27.50 0.05 -24.69
N GLN B 362 28.67 0.46 -24.23
CA GLN B 362 29.80 0.60 -25.15
C GLN B 362 30.29 -0.76 -25.64
N TYR B 363 30.21 -1.77 -24.78
CA TYR B 363 30.65 -3.10 -25.13
C TYR B 363 29.69 -3.69 -26.16
N ASP B 364 28.38 -3.45 -25.96
CA ASP B 364 27.34 -3.82 -26.93
C ASP B 364 27.61 -3.23 -28.31
N MET B 365 27.91 -1.95 -28.38
CA MET B 365 28.12 -1.29 -29.66
C MET B 365 29.36 -1.80 -30.39
N ALA B 366 30.35 -2.35 -29.69
CA ALA B 366 31.59 -2.81 -30.32
C ALA B 366 31.47 -4.22 -30.91
N TYR B 367 30.70 -5.10 -30.28
CA TYR B 367 30.49 -6.41 -30.88
C TYR B 367 29.21 -6.49 -31.71
N ALA B 368 28.65 -5.34 -32.09
CA ALA B 368 27.43 -5.36 -32.91
C ALA B 368 27.71 -5.88 -34.31
N ALA B 369 28.92 -5.68 -34.85
CA ALA B 369 29.30 -6.21 -36.16
C ALA B 369 29.49 -7.71 -36.17
N GLN B 370 29.28 -8.42 -35.02
CA GLN B 370 29.37 -9.86 -34.80
C GLN B 370 28.01 -10.50 -35.05
N PRO B 371 28.01 -11.75 -35.52
CA PRO B 371 26.78 -12.55 -35.53
C PRO B 371 26.02 -12.47 -34.21
N PHE B 372 24.70 -12.58 -34.32
CA PHE B 372 23.82 -12.46 -33.17
C PHE B 372 24.24 -13.38 -32.03
N LEU B 373 24.49 -14.64 -32.34
CA LEU B 373 24.79 -15.64 -31.33
C LEU B 373 26.11 -15.41 -30.60
N LEU B 374 26.97 -14.51 -31.11
CA LEU B 374 28.22 -14.17 -30.45
C LEU B 374 28.20 -12.75 -29.89
N ARG B 375 27.02 -12.12 -29.80
CA ARG B 375 26.91 -10.77 -29.26
C ARG B 375 26.71 -10.88 -27.75
N ASN B 376 27.84 -10.91 -27.04
CA ASN B 376 27.86 -11.06 -25.60
C ASN B 376 29.28 -10.75 -25.13
N GLY B 377 29.40 -10.43 -23.85
CA GLY B 377 30.72 -10.39 -23.26
C GLY B 377 31.41 -11.74 -23.39
N ALA B 378 32.75 -11.69 -23.43
CA ALA B 378 33.52 -12.94 -23.53
C ALA B 378 33.10 -13.94 -22.45
N ASN B 379 32.78 -13.43 -21.27
CA ASN B 379 31.96 -14.14 -20.30
C ASN B 379 31.24 -13.07 -19.48
N GLU B 380 30.40 -13.51 -18.57
CA GLU B 380 29.52 -12.60 -17.85
C GLU B 380 30.28 -11.62 -16.96
N GLY B 381 31.51 -11.96 -16.58
CA GLY B 381 32.36 -11.08 -15.80
C GLY B 381 32.97 -9.97 -16.63
N PHE B 382 33.45 -10.30 -17.83
CA PHE B 382 33.93 -9.30 -18.78
C PHE B 382 32.98 -8.12 -18.90
N HIS B 383 31.68 -8.41 -18.96
CA HIS B 383 30.71 -7.34 -19.14
C HIS B 383 30.69 -6.40 -17.95
N GLU B 384 30.59 -6.96 -16.74
CA GLU B 384 30.54 -6.13 -15.54
C GLU B 384 31.87 -5.45 -15.29
N ALA B 385 32.95 -5.98 -15.85
CA ALA B 385 34.27 -5.41 -15.60
C ALA B 385 34.49 -4.15 -16.43
N VAL B 386 34.02 -4.16 -17.67
CA VAL B 386 34.31 -3.06 -18.59
C VAL B 386 33.75 -1.75 -18.04
N GLY B 387 32.56 -1.81 -17.45
CA GLY B 387 32.03 -0.62 -16.81
C GLY B 387 32.88 -0.19 -15.62
N GLU B 388 33.37 -1.17 -14.85
CA GLU B 388 34.07 -0.82 -13.62
C GLU B 388 35.41 -0.16 -13.91
N ILE B 389 36.19 -0.68 -14.86
CA ILE B 389 37.47 -0.04 -15.15
C ILE B 389 37.27 1.40 -15.60
N MET B 390 36.07 1.75 -16.07
CA MET B 390 35.78 3.13 -16.38
C MET B 390 35.56 3.95 -15.12
N SER B 391 34.74 3.44 -14.19
CA SER B 391 34.56 4.19 -12.94
C SER B 391 35.81 4.17 -12.07
N LEU B 392 36.67 3.17 -12.23
CA LEU B 392 37.96 3.21 -11.54
C LEU B 392 38.70 4.49 -11.87
N SER B 393 38.80 4.82 -13.16
CA SER B 393 39.38 6.10 -13.53
C SER B 393 38.49 7.25 -13.07
N ALA B 394 37.17 7.10 -13.20
CA ALA B 394 36.30 8.23 -12.95
C ALA B 394 36.25 8.61 -11.49
N ALA B 395 36.53 7.66 -10.59
CA ALA B 395 36.49 7.95 -9.16
C ALA B 395 37.79 8.58 -8.65
N THR B 396 38.91 8.45 -9.37
CA THR B 396 40.17 8.95 -8.85
C THR B 396 40.01 10.43 -8.54
N PRO B 397 40.65 10.93 -7.47
CA PRO B 397 40.55 12.38 -7.17
C PRO B 397 41.11 13.24 -8.27
N LYS B 398 42.13 12.76 -9.01
CA LYS B 398 42.68 13.54 -10.12
C LYS B 398 41.61 13.81 -11.18
N HIS B 399 40.86 12.78 -11.59
CA HIS B 399 39.79 12.96 -12.59
C HIS B 399 38.70 13.87 -12.06
N LEU B 400 38.16 13.55 -10.87
CA LEU B 400 37.15 14.41 -10.25
C LEU B 400 37.60 15.86 -10.09
N LYS B 401 38.91 16.09 -10.03
CA LYS B 401 39.39 17.48 -9.98
C LYS B 401 39.21 18.14 -11.34
N SER B 402 39.69 17.48 -12.40
CA SER B 402 39.61 18.02 -13.75
C SER B 402 38.20 18.10 -14.32
N ILE B 403 37.18 17.56 -13.64
CA ILE B 403 35.80 17.80 -14.05
C ILE B 403 35.11 18.63 -12.99
N GLY B 404 35.89 19.41 -12.24
CA GLY B 404 35.36 20.45 -11.38
C GLY B 404 34.50 19.96 -10.25
N LEU B 405 34.81 18.78 -9.71
CA LEU B 405 34.08 18.23 -8.57
C LEU B 405 34.85 18.33 -7.26
N LEU B 406 36.17 18.46 -7.34
CA LEU B 406 36.99 18.92 -6.24
C LEU B 406 37.54 20.28 -6.65
N SER B 407 37.84 21.12 -5.64
CA SER B 407 38.33 22.46 -5.92
C SER B 407 39.55 22.40 -6.82
N PRO B 408 39.80 23.43 -7.63
CA PRO B 408 40.99 23.39 -8.49
C PRO B 408 42.29 23.27 -7.72
N ASP B 409 42.32 23.75 -6.47
CA ASP B 409 43.50 23.75 -5.62
C ASP B 409 43.59 22.52 -4.71
N PHE B 410 42.70 21.53 -4.90
CA PHE B 410 42.80 20.28 -4.15
C PHE B 410 44.17 19.66 -4.36
N GLN B 411 44.75 19.12 -3.29
CA GLN B 411 46.06 18.47 -3.36
C GLN B 411 46.01 17.11 -2.69
N GLU B 412 46.42 16.08 -3.40
CA GLU B 412 46.52 14.76 -2.80
C GLU B 412 47.66 14.73 -1.77
N ASP B 413 47.59 13.75 -0.89
CA ASP B 413 48.69 13.46 0.04
C ASP B 413 48.50 12.05 0.58
N ASN B 414 49.34 11.67 1.53
CA ASN B 414 49.23 10.38 2.21
C ASN B 414 47.80 10.13 2.72
N GLU B 415 47.11 11.19 3.15
CA GLU B 415 45.85 11.05 3.88
C GLU B 415 44.65 11.03 2.95
N THR B 416 44.66 11.84 1.89
CA THR B 416 43.61 11.72 0.90
C THR B 416 43.68 10.36 0.21
N GLU B 417 44.90 9.83 0.00
CA GLU B 417 45.03 8.49 -0.59
C GLU B 417 44.39 7.42 0.28
N ILE B 418 44.66 7.45 1.60
CA ILE B 418 44.00 6.46 2.45
C ILE B 418 42.49 6.66 2.41
N ASN B 419 42.03 7.90 2.23
CA ASN B 419 40.58 8.14 2.16
C ASN B 419 39.98 7.53 0.89
N PHE B 420 40.61 7.79 -0.26
CA PHE B 420 40.15 7.21 -1.53
C PHE B 420 40.18 5.68 -1.48
N LEU B 421 41.32 5.09 -1.18
CA LEU B 421 41.43 3.63 -1.11
C LEU B 421 40.43 3.03 -0.13
N LEU B 422 40.12 3.73 0.97
CA LEU B 422 39.20 3.18 1.96
C LEU B 422 37.79 3.07 1.39
N LYS B 423 37.32 4.14 0.74
CA LYS B 423 36.01 4.15 0.12
C LYS B 423 35.92 3.09 -0.98
N GLN B 424 36.89 3.09 -1.89
CA GLN B 424 36.99 2.05 -2.89
C GLN B 424 36.92 0.66 -2.26
N ALA B 425 37.69 0.45 -1.19
CA ALA B 425 37.67 -0.86 -0.54
C ALA B 425 36.28 -1.19 0.00
N LEU B 426 35.58 -0.18 0.54
CA LEU B 426 34.25 -0.39 1.08
C LEU B 426 33.31 -0.95 0.00
N THR B 427 33.46 -0.51 -1.23
CA THR B 427 32.67 -1.07 -2.31
C THR B 427 33.29 -2.39 -2.78
N ILE B 428 34.53 -2.32 -3.27
CA ILE B 428 35.14 -3.44 -3.99
C ILE B 428 35.54 -4.61 -3.07
N VAL B 429 36.13 -4.34 -1.90
CA VAL B 429 36.60 -5.45 -1.08
C VAL B 429 35.48 -5.99 -0.22
N GLY B 430 34.61 -5.11 0.26
CA GLY B 430 33.44 -5.55 1.02
C GLY B 430 32.51 -6.51 0.30
N THR B 431 32.43 -6.44 -1.04
CA THR B 431 31.48 -7.37 -1.65
C THR B 431 32.04 -8.75 -1.85
N LEU B 432 33.36 -8.90 -2.01
CA LEU B 432 33.90 -10.21 -2.37
C LEU B 432 33.42 -11.34 -1.46
N PRO B 433 33.49 -11.23 -0.13
CA PRO B 433 32.94 -12.32 0.69
C PRO B 433 31.42 -12.43 0.57
N PHE B 434 30.71 -11.30 0.56
CA PHE B 434 29.28 -11.32 0.27
C PHE B 434 29.01 -12.09 -1.01
N THR B 435 29.58 -11.61 -2.12
CA THR B 435 29.37 -12.23 -3.42
C THR B 435 29.78 -13.70 -3.44
N TYR B 436 30.89 -14.04 -2.80
CA TYR B 436 31.33 -15.43 -2.84
C TYR B 436 30.39 -16.32 -2.03
N MET B 437 29.89 -15.82 -0.89
CA MET B 437 29.13 -16.69 0.01
C MET B 437 27.72 -16.90 -0.49
N LEU B 438 27.14 -15.86 -1.08
CA LEU B 438 25.84 -15.99 -1.71
C LEU B 438 25.91 -17.01 -2.83
N GLU B 439 26.87 -16.87 -3.73
CA GLU B 439 26.86 -17.78 -4.87
C GLU B 439 27.19 -19.19 -4.41
N LYS B 440 28.00 -19.35 -3.36
CA LYS B 440 28.28 -20.70 -2.88
C LYS B 440 27.06 -21.32 -2.20
N TRP B 441 26.26 -20.52 -1.50
CA TRP B 441 25.04 -21.08 -0.94
C TRP B 441 24.12 -21.56 -2.05
N ARG B 442 23.97 -20.76 -3.12
CA ARG B 442 23.16 -21.17 -4.26
C ARG B 442 23.72 -22.43 -4.92
N TRP B 443 24.99 -22.41 -5.30
CA TRP B 443 25.55 -23.61 -5.89
C TRP B 443 25.37 -24.81 -4.98
N MET B 444 25.30 -24.59 -3.67
CA MET B 444 25.13 -25.74 -2.78
C MET B 444 23.69 -26.22 -2.75
N VAL B 445 22.71 -25.31 -2.70
CA VAL B 445 21.30 -25.67 -2.78
C VAL B 445 21.00 -26.40 -4.07
N PHE B 446 21.37 -25.80 -5.20
CA PHE B 446 21.24 -26.44 -6.50
C PHE B 446 21.89 -27.82 -6.52
N LYS B 447 23.09 -27.95 -5.99
CA LYS B 447 23.78 -29.23 -6.01
C LYS B 447 23.08 -30.26 -5.15
N GLY B 448 22.24 -29.82 -4.22
CA GLY B 448 21.59 -30.72 -3.28
C GLY B 448 22.32 -30.94 -1.97
N GLU B 449 23.39 -30.21 -1.70
CA GLU B 449 24.15 -30.39 -0.48
C GLU B 449 23.53 -29.72 0.74
N ILE B 450 22.43 -28.98 0.59
CA ILE B 450 21.77 -28.34 1.74
C ILE B 450 20.30 -28.72 1.72
N PRO B 451 19.85 -29.59 2.61
CA PRO B 451 18.42 -29.91 2.63
C PRO B 451 17.60 -28.69 3.01
N LYS B 452 16.33 -28.70 2.56
CA LYS B 452 15.43 -27.55 2.70
C LYS B 452 15.22 -27.14 4.15
N ASP B 453 15.18 -28.11 5.06
CA ASP B 453 15.05 -27.85 6.49
C ASP B 453 16.22 -27.09 7.08
N GLN B 454 17.30 -26.84 6.33
CA GLN B 454 18.49 -26.19 6.86
C GLN B 454 18.99 -25.06 5.97
N TRP B 455 18.20 -24.67 4.96
CA TRP B 455 18.54 -23.57 4.07
C TRP B 455 18.96 -22.33 4.83
N MET B 456 18.03 -21.75 5.60
CA MET B 456 18.36 -20.58 6.39
C MET B 456 19.36 -20.92 7.47
N LYS B 457 19.35 -22.15 7.99
CA LYS B 457 20.39 -22.52 8.95
C LYS B 457 21.76 -22.35 8.32
N LYS B 458 21.96 -22.96 7.14
CA LYS B 458 23.25 -22.85 6.46
C LYS B 458 23.55 -21.43 6.02
N TRP B 459 22.54 -20.70 5.56
CA TRP B 459 22.77 -19.33 5.12
C TRP B 459 23.39 -18.48 6.23
N TRP B 460 22.85 -18.55 7.43
CA TRP B 460 23.43 -17.69 8.45
C TRP B 460 24.73 -18.26 9.01
N GLU B 461 24.90 -19.59 9.02
CA GLU B 461 26.21 -20.14 9.33
C GLU B 461 27.25 -19.63 8.34
N MET B 462 26.89 -19.58 7.07
CA MET B 462 27.85 -19.11 6.08
C MET B 462 28.07 -17.61 6.21
N LYS B 463 27.00 -16.86 6.51
CA LYS B 463 27.12 -15.43 6.75
C LYS B 463 28.11 -15.14 7.87
N ARG B 464 27.94 -15.83 9.01
CA ARG B 464 28.86 -15.63 10.11
C ARG B 464 30.29 -16.03 9.73
N GLU B 465 30.46 -17.27 9.28
CA GLU B 465 31.80 -17.80 9.07
C GLU B 465 32.51 -17.11 7.93
N ILE B 466 31.87 -16.99 6.76
CA ILE B 466 32.60 -16.50 5.59
C ILE B 466 32.64 -14.98 5.55
N VAL B 467 31.55 -14.31 5.93
CA VAL B 467 31.45 -12.87 5.73
C VAL B 467 31.69 -12.11 7.02
N GLY B 468 31.57 -12.76 8.18
CA GLY B 468 31.75 -12.02 9.41
C GLY B 468 30.59 -11.13 9.73
N VAL B 469 29.39 -11.52 9.30
CA VAL B 469 28.14 -10.80 9.45
C VAL B 469 27.15 -11.71 10.16
N VAL B 470 26.37 -11.14 11.09
CA VAL B 470 25.43 -11.92 11.88
C VAL B 470 24.05 -11.27 11.85
N GLU B 471 23.00 -12.13 11.80
CA GLU B 471 21.60 -11.71 11.73
C GLU B 471 21.15 -11.17 13.10
N PRO B 472 20.42 -10.05 13.15
CA PRO B 472 20.05 -9.47 14.45
C PRO B 472 18.81 -10.11 15.04
N VAL B 473 18.15 -11.00 14.30
CA VAL B 473 16.94 -11.72 14.68
C VAL B 473 17.12 -13.13 14.14
N PRO B 474 16.83 -14.22 14.88
CA PRO B 474 16.97 -15.55 14.30
C PRO B 474 15.89 -15.85 13.27
N HIS B 475 16.26 -16.67 12.28
CA HIS B 475 15.38 -16.95 11.14
C HIS B 475 15.22 -18.44 10.95
N ASP B 476 13.98 -18.92 11.05
CA ASP B 476 13.67 -20.33 10.76
C ASP B 476 13.47 -20.51 9.25
N GLU B 477 12.94 -21.67 8.85
CA GLU B 477 12.87 -22.03 7.44
C GLU B 477 11.57 -21.58 6.78
N THR B 478 10.84 -20.69 7.42
CA THR B 478 9.77 -19.97 6.75
C THR B 478 10.28 -18.71 6.05
N TYR B 479 11.54 -18.33 6.31
CA TYR B 479 12.19 -17.21 5.63
C TYR B 479 12.96 -17.67 4.40
N CYS B 480 13.30 -16.70 3.57
CA CYS B 480 14.14 -16.97 2.41
C CYS B 480 14.99 -15.74 2.16
N ASP B 481 15.92 -15.51 3.09
CA ASP B 481 16.76 -14.31 3.04
C ASP B 481 17.57 -14.18 1.75
N PRO B 482 18.18 -15.24 1.20
CA PRO B 482 18.80 -15.09 -0.14
C PRO B 482 17.87 -14.44 -1.15
N ALA B 483 16.58 -14.80 -1.12
CA ALA B 483 15.65 -14.34 -2.14
C ALA B 483 15.25 -12.87 -1.96
N SER B 484 15.48 -12.28 -0.78
CA SER B 484 15.11 -10.87 -0.65
C SER B 484 16.03 -9.93 -1.44
N LEU B 485 16.98 -10.46 -2.20
CA LEU B 485 17.89 -9.64 -2.98
C LEU B 485 17.59 -9.83 -4.46
N PHE B 486 17.59 -8.72 -5.20
CA PHE B 486 17.20 -8.69 -6.60
C PHE B 486 17.65 -9.90 -7.43
N HIS B 487 18.94 -10.20 -7.43
CA HIS B 487 19.46 -11.18 -8.38
C HIS B 487 18.97 -12.57 -8.13
N VAL B 488 18.58 -12.86 -6.88
CA VAL B 488 18.24 -14.23 -6.50
C VAL B 488 16.78 -14.51 -6.86
N SER B 489 15.88 -13.59 -6.51
CA SER B 489 14.49 -13.75 -6.86
C SER B 489 14.22 -13.48 -8.34
N ASN B 490 15.09 -12.74 -9.03
CA ASN B 490 14.97 -12.47 -10.47
C ASN B 490 15.88 -13.35 -11.31
N ASP B 491 16.45 -14.40 -10.72
CA ASP B 491 17.10 -15.48 -11.48
C ASP B 491 18.34 -15.03 -12.26
N TYR B 492 19.25 -14.32 -11.58
CA TYR B 492 20.53 -13.92 -12.14
C TYR B 492 21.68 -14.56 -11.38
N SER B 493 22.71 -14.98 -12.10
CA SER B 493 23.90 -15.51 -11.46
C SER B 493 24.68 -14.39 -10.80
N PHE B 494 25.28 -14.70 -9.65
CA PHE B 494 25.95 -13.67 -8.88
C PHE B 494 27.47 -13.77 -8.99
N ILE B 495 28.00 -14.92 -9.43
CA ILE B 495 29.44 -15.08 -9.52
C ILE B 495 30.08 -14.04 -10.46
N ARG B 496 29.31 -13.50 -11.41
CA ARG B 496 29.82 -12.44 -12.27
C ARG B 496 30.47 -11.30 -11.50
N TYR B 497 29.90 -10.92 -10.34
CA TYR B 497 30.46 -9.80 -9.58
C TYR B 497 31.74 -10.19 -8.89
N TYR B 498 31.94 -11.47 -8.61
CA TYR B 498 33.24 -11.90 -8.15
C TYR B 498 34.26 -11.77 -9.27
N THR B 499 34.02 -12.47 -10.39
CA THR B 499 35.05 -12.51 -11.44
C THR B 499 35.26 -11.15 -12.09
N ARG B 500 34.21 -10.33 -12.22
CA ARG B 500 34.46 -9.02 -12.80
C ARG B 500 35.44 -8.22 -11.94
N THR B 501 35.47 -8.49 -10.63
CA THR B 501 36.33 -7.71 -9.73
C THR B 501 37.81 -8.05 -9.92
N LEU B 502 38.14 -9.33 -10.04
CA LEU B 502 39.48 -9.70 -10.44
C LEU B 502 39.82 -9.15 -11.82
N TYR B 503 38.93 -9.36 -12.80
CA TYR B 503 39.16 -8.87 -14.16
C TYR B 503 39.43 -7.37 -14.19
N GLN B 504 38.70 -6.59 -13.40
CA GLN B 504 38.77 -5.14 -13.61
C GLN B 504 40.13 -4.58 -13.20
N PHE B 505 40.83 -5.22 -12.27
CA PHE B 505 42.15 -4.70 -11.97
C PHE B 505 43.19 -5.25 -12.92
N GLN B 506 43.02 -6.50 -13.38
CA GLN B 506 43.91 -7.00 -14.43
C GLN B 506 43.84 -6.12 -15.68
N PHE B 507 42.63 -5.67 -16.04
CA PHE B 507 42.46 -4.75 -17.15
C PHE B 507 43.10 -3.40 -16.87
N GLN B 508 42.92 -2.88 -15.66
CA GLN B 508 43.47 -1.56 -15.34
C GLN B 508 44.99 -1.55 -15.39
N GLU B 509 45.64 -2.57 -14.82
CA GLU B 509 47.08 -2.71 -15.00
C GLU B 509 47.45 -2.53 -16.46
N ALA B 510 47.03 -3.45 -17.32
CA ALA B 510 47.49 -3.41 -18.70
C ALA B 510 47.08 -2.12 -19.40
N LEU B 511 45.94 -1.55 -19.03
CA LEU B 511 45.52 -0.33 -19.72
C LEU B 511 46.37 0.86 -19.28
N CYS B 512 46.55 1.02 -17.96
CA CYS B 512 47.39 2.12 -17.45
C CYS B 512 48.82 1.99 -17.92
N GLN B 513 49.35 0.76 -17.98
CA GLN B 513 50.64 0.55 -18.61
C GLN B 513 50.62 0.98 -20.07
N ALA B 514 49.48 0.83 -20.76
CA ALA B 514 49.38 1.28 -22.13
C ALA B 514 49.12 2.77 -22.24
N ALA B 515 48.78 3.43 -21.13
CA ALA B 515 48.61 4.87 -21.07
C ALA B 515 49.83 5.59 -20.49
N LYS B 516 51.00 4.95 -20.60
CA LYS B 516 52.28 5.49 -20.10
C LYS B 516 52.19 5.94 -18.65
N HIS B 517 51.28 5.36 -17.87
CA HIS B 517 51.11 5.75 -16.48
C HIS B 517 52.36 5.43 -15.68
N GLU B 518 52.76 6.38 -14.82
CA GLU B 518 53.82 6.17 -13.85
C GLU B 518 53.23 6.34 -12.46
N GLY B 519 53.38 5.33 -11.63
CA GLY B 519 52.99 5.43 -10.25
C GLY B 519 52.14 4.27 -9.83
N PRO B 520 51.64 4.32 -8.60
CA PRO B 520 50.72 3.30 -8.12
C PRO B 520 49.47 3.21 -9.00
N LEU B 521 48.97 1.99 -9.17
CA LEU B 521 47.81 1.78 -10.00
C LEU B 521 46.61 2.63 -9.56
N HIS B 522 46.46 2.85 -8.26
CA HIS B 522 45.27 3.55 -7.80
C HIS B 522 45.22 4.99 -8.23
N LYS B 523 46.32 5.57 -8.71
CA LYS B 523 46.32 6.96 -9.11
C LYS B 523 46.07 7.13 -10.59
N CYS B 524 45.81 6.03 -11.28
CA CYS B 524 45.76 6.05 -12.73
C CYS B 524 44.40 6.48 -13.23
N ASP B 525 44.40 7.28 -14.30
CA ASP B 525 43.20 7.73 -15.01
C ASP B 525 43.52 7.65 -16.49
N ILE B 526 42.73 6.87 -17.24
CA ILE B 526 43.03 6.63 -18.65
C ILE B 526 42.34 7.66 -19.55
N SER B 527 41.70 8.67 -18.94
CA SER B 527 41.02 9.71 -19.71
C SER B 527 41.93 10.26 -20.79
N ASN B 528 41.33 10.62 -21.94
CA ASN B 528 42.05 11.20 -23.07
C ASN B 528 43.22 10.32 -23.53
N SER B 529 43.17 9.01 -23.26
CA SER B 529 44.15 8.07 -23.79
C SER B 529 43.45 7.24 -24.86
N THR B 530 43.87 7.43 -26.11
CA THR B 530 43.33 6.62 -27.20
C THR B 530 44.06 5.29 -27.31
N GLU B 531 45.36 5.25 -26.99
CA GLU B 531 46.10 3.99 -27.01
C GLU B 531 45.50 2.99 -26.02
N ALA B 532 44.98 3.47 -24.88
CA ALA B 532 44.25 2.59 -23.97
C ALA B 532 42.91 2.17 -24.58
N GLY B 533 42.17 3.12 -25.16
CA GLY B 533 40.91 2.78 -25.79
C GLY B 533 41.06 1.74 -26.87
N GLN B 534 42.03 1.94 -27.77
CA GLN B 534 42.28 0.98 -28.84
C GLN B 534 42.54 -0.40 -28.28
N LYS B 535 43.37 -0.49 -27.23
CA LYS B 535 43.70 -1.79 -26.65
C LYS B 535 42.45 -2.46 -26.08
N LEU B 536 41.58 -1.68 -25.46
CA LEU B 536 40.35 -2.26 -24.92
C LEU B 536 39.37 -2.63 -26.02
N PHE B 537 39.20 -1.74 -27.00
CA PHE B 537 38.23 -1.97 -28.07
C PHE B 537 38.54 -3.26 -28.83
N ASN B 538 39.80 -3.50 -29.19
CA ASN B 538 40.12 -4.73 -29.90
C ASN B 538 39.75 -5.97 -29.11
N MET B 539 39.60 -5.85 -27.79
CA MET B 539 38.99 -6.97 -27.09
C MET B 539 37.48 -6.89 -27.09
N LEU B 540 36.91 -5.71 -26.85
CA LEU B 540 35.45 -5.59 -26.82
C LEU B 540 34.80 -6.10 -28.11
N ARG B 541 35.38 -5.78 -29.26
CA ARG B 541 34.71 -6.11 -30.51
C ARG B 541 34.61 -7.61 -30.74
N LEU B 542 35.33 -8.40 -29.97
CA LEU B 542 35.29 -9.85 -30.20
C LEU B 542 33.96 -10.49 -29.78
N GLY B 543 33.17 -9.80 -28.97
CA GLY B 543 31.97 -10.42 -28.42
C GLY B 543 32.32 -11.74 -27.75
N LYS B 544 31.49 -12.74 -27.98
CA LYS B 544 31.80 -14.09 -27.52
C LYS B 544 32.48 -14.94 -28.59
N SER B 545 33.09 -14.30 -29.61
CA SER B 545 33.59 -15.10 -30.73
C SER B 545 34.85 -15.86 -30.35
N GLU B 546 35.66 -15.28 -29.46
CA GLU B 546 36.84 -15.96 -28.96
C GLU B 546 36.61 -16.43 -27.54
N PRO B 547 37.28 -17.49 -27.11
CA PRO B 547 37.16 -17.93 -25.72
C PRO B 547 37.73 -16.87 -24.76
N TRP B 548 37.13 -16.80 -23.56
CA TRP B 548 37.46 -15.68 -22.68
C TRP B 548 38.91 -15.75 -22.19
N THR B 549 39.44 -16.96 -22.03
CA THR B 549 40.83 -17.09 -21.61
C THR B 549 41.77 -16.48 -22.64
N LEU B 550 41.52 -16.71 -23.92
CA LEU B 550 42.35 -16.09 -24.95
C LEU B 550 42.08 -14.59 -25.04
N ALA B 551 40.82 -14.18 -24.97
CA ALA B 551 40.51 -12.75 -24.97
C ALA B 551 41.18 -12.06 -23.79
N LEU B 552 41.20 -12.72 -22.63
CA LEU B 552 41.85 -12.13 -21.48
C LEU B 552 43.33 -11.99 -21.70
N GLU B 553 43.95 -13.03 -22.27
CA GLU B 553 45.40 -13.02 -22.47
C GLU B 553 45.84 -11.95 -23.44
N ASN B 554 45.11 -11.74 -24.53
CA ASN B 554 45.55 -10.73 -25.46
C ASN B 554 45.42 -9.32 -24.90
N VAL B 555 44.69 -9.13 -23.81
CA VAL B 555 44.67 -7.80 -23.21
C VAL B 555 45.71 -7.66 -22.10
N VAL B 556 45.87 -8.69 -21.25
CA VAL B 556 46.66 -8.56 -20.03
C VAL B 556 47.78 -9.59 -19.94
N GLY B 557 47.94 -10.46 -20.92
CA GLY B 557 49.04 -11.40 -20.86
C GLY B 557 48.81 -12.63 -20.00
N ALA B 558 47.64 -12.78 -19.39
CA ALA B 558 47.31 -13.92 -18.54
C ALA B 558 46.08 -14.65 -19.07
N LYS B 559 46.09 -15.98 -18.96
CA LYS B 559 44.95 -16.79 -19.38
C LYS B 559 43.85 -16.87 -18.34
N ASN B 560 44.06 -16.38 -17.13
CA ASN B 560 43.09 -16.64 -16.09
C ASN B 560 43.03 -15.45 -15.17
N MET B 561 41.91 -15.36 -14.45
CA MET B 561 41.73 -14.28 -13.50
C MET B 561 42.78 -14.39 -12.40
N ASN B 562 43.23 -13.23 -11.94
CA ASN B 562 44.37 -13.12 -11.06
C ASN B 562 44.11 -12.00 -10.06
N VAL B 563 44.43 -12.26 -8.80
CA VAL B 563 44.15 -11.31 -7.73
C VAL B 563 45.30 -10.34 -7.46
N ARG B 564 46.51 -10.63 -7.92
CA ARG B 564 47.61 -9.71 -7.65
C ARG B 564 47.24 -8.27 -7.98
N PRO B 565 46.73 -7.93 -9.16
CA PRO B 565 46.42 -6.52 -9.41
C PRO B 565 45.43 -5.91 -8.42
N LEU B 566 44.42 -6.66 -7.98
CA LEU B 566 43.50 -6.17 -6.95
C LEU B 566 44.25 -5.87 -5.65
N LEU B 567 44.97 -6.86 -5.10
CA LEU B 567 45.73 -6.67 -3.87
C LEU B 567 46.77 -5.55 -4.01
N ASN B 568 47.43 -5.46 -5.17
CA ASN B 568 48.43 -4.43 -5.38
C ASN B 568 47.80 -3.04 -5.44
N TYR B 569 46.58 -2.93 -5.97
CA TYR B 569 45.83 -1.68 -5.96
C TYR B 569 45.57 -1.19 -4.53
N PHE B 570 45.36 -2.11 -3.60
CA PHE B 570 44.93 -1.81 -2.25
C PHE B 570 46.06 -1.87 -1.24
N GLU B 571 47.30 -2.11 -1.70
CA GLU B 571 48.41 -2.29 -0.76
C GLU B 571 48.66 -1.09 0.13
N PRO B 572 48.60 0.16 -0.33
CA PRO B 572 48.76 1.29 0.61
C PRO B 572 47.75 1.23 1.75
N LEU B 573 46.52 0.82 1.45
CA LEU B 573 45.48 0.69 2.46
C LEU B 573 45.70 -0.53 3.33
N PHE B 574 46.09 -1.66 2.73
CA PHE B 574 46.36 -2.86 3.51
C PHE B 574 47.36 -2.56 4.61
N THR B 575 48.46 -1.90 4.25
CA THR B 575 49.52 -1.56 5.19
C THR B 575 49.01 -0.66 6.30
N TRP B 576 48.34 0.44 5.94
CA TRP B 576 47.78 1.35 6.92
C TRP B 576 46.83 0.62 7.86
N LEU B 577 46.04 -0.30 7.33
CA LEU B 577 45.06 -1.02 8.14
C LEU B 577 45.76 -1.96 9.11
N LYS B 578 46.87 -2.56 8.68
CA LYS B 578 47.59 -3.48 9.56
C LYS B 578 48.13 -2.75 10.77
N ASP B 579 48.59 -1.52 10.59
CA ASP B 579 49.07 -0.71 11.71
C ASP B 579 47.91 -0.20 12.57
N GLN B 580 46.79 0.17 11.92
CA GLN B 580 45.61 0.62 12.65
C GLN B 580 45.00 -0.50 13.49
N ASN B 581 45.25 -1.76 13.14
CA ASN B 581 44.73 -2.89 13.91
C ASN B 581 45.84 -3.64 14.62
N LYS B 582 46.97 -2.96 14.89
CA LYS B 582 48.10 -3.62 15.53
C LYS B 582 47.73 -4.17 16.90
N ASN B 583 46.89 -3.45 17.65
CA ASN B 583 46.48 -3.89 18.99
C ASN B 583 44.99 -4.14 19.02
N SER B 584 44.47 -4.80 17.99
CA SER B 584 43.05 -5.06 17.85
C SER B 584 42.87 -6.48 17.34
N PHE B 585 41.71 -7.06 17.67
CA PHE B 585 41.40 -8.38 17.17
C PHE B 585 41.01 -8.31 15.70
N VAL B 586 41.73 -9.07 14.87
CA VAL B 586 41.45 -9.15 13.44
C VAL B 586 40.90 -10.53 13.19
N GLY B 587 39.66 -10.56 12.70
CA GLY B 587 38.87 -11.77 12.62
C GLY B 587 37.64 -11.63 13.50
N TRP B 588 36.90 -12.73 13.60
CA TRP B 588 35.64 -12.64 14.31
C TRP B 588 35.28 -14.00 14.88
N SER B 589 34.55 -13.97 16.00
CA SER B 589 33.90 -15.15 16.51
C SER B 589 32.50 -15.26 15.91
N THR B 590 32.09 -16.47 15.58
CA THR B 590 30.76 -16.70 15.06
C THR B 590 29.73 -16.89 16.16
N ASP B 591 30.15 -16.90 17.43
CA ASP B 591 29.22 -17.23 18.51
C ASP B 591 28.32 -16.05 18.86
N TRP B 592 28.90 -14.87 19.06
CA TRP B 592 28.14 -13.70 19.45
C TRP B 592 27.02 -13.41 18.47
N SER B 593 25.88 -12.99 19.01
CA SER B 593 24.79 -12.41 18.23
C SER B 593 24.21 -11.26 19.02
N PRO B 594 23.50 -10.34 18.36
CA PRO B 594 22.80 -9.28 19.11
C PRO B 594 21.80 -9.79 20.13
N TYR B 595 21.31 -11.02 20.00
CA TYR B 595 20.24 -11.52 20.84
C TYR B 595 20.65 -12.70 21.69
N ALA B 596 21.93 -13.06 21.69
CA ALA B 596 22.35 -14.30 22.33
C ALA B 596 22.24 -14.22 23.85
N ASP B 597 22.47 -13.03 24.41
CA ASP B 597 22.49 -12.92 25.86
C ASP B 597 21.11 -13.05 26.47
N GLN B 598 20.13 -12.30 25.94
CA GLN B 598 18.78 -12.23 26.50
C GLN B 598 17.96 -13.51 26.33
N SER B 599 18.46 -14.53 25.63
CA SER B 599 17.66 -15.71 25.40
C SER B 599 17.77 -16.68 26.56
N ILE B 600 17.04 -17.78 26.47
CA ILE B 600 17.00 -18.82 27.48
C ILE B 600 17.07 -20.16 26.77
N LYS B 601 17.73 -21.14 27.39
CA LYS B 601 17.72 -22.49 26.84
C LYS B 601 16.49 -23.24 27.39
N VAL B 602 16.19 -24.41 26.81
CA VAL B 602 14.91 -25.08 27.07
C VAL B 602 15.09 -26.55 27.41
N ARG B 603 14.36 -27.01 28.43
CA ARG B 603 14.43 -28.38 28.94
C ARG B 603 13.90 -29.38 27.91
N ILE B 604 14.69 -30.41 27.63
CA ILE B 604 14.41 -31.42 26.59
C ILE B 604 14.34 -30.75 25.23
N TRP B 617 6.72 -34.28 18.64
CA TRP B 617 6.97 -32.85 18.78
C TRP B 617 6.98 -32.17 17.39
N ASN B 618 5.83 -32.13 16.74
CA ASN B 618 5.76 -31.42 15.46
C ASN B 618 5.68 -29.92 15.71
N ASP B 619 5.78 -29.16 14.62
CA ASP B 619 5.77 -27.70 14.70
C ASP B 619 4.60 -27.19 15.52
N ASN B 620 3.49 -27.94 15.55
CA ASN B 620 2.34 -27.54 16.36
C ASN B 620 2.74 -27.45 17.83
N GLU B 621 3.52 -28.41 18.32
CA GLU B 621 3.98 -28.35 19.70
C GLU B 621 4.83 -27.10 19.92
N MET B 622 5.67 -26.77 18.94
CA MET B 622 6.41 -25.52 18.99
C MET B 622 5.46 -24.31 19.00
N TYR B 623 4.43 -24.36 18.14
CA TYR B 623 3.44 -23.28 18.11
C TYR B 623 2.74 -23.13 19.45
N LEU B 624 2.37 -24.25 20.08
CA LEU B 624 1.75 -24.14 21.40
C LEU B 624 2.76 -23.65 22.43
N PHE B 625 4.03 -24.00 22.24
CA PHE B 625 5.05 -23.52 23.16
C PHE B 625 5.15 -22.00 23.12
N ARG B 626 5.32 -21.42 21.92
CA ARG B 626 5.40 -19.96 21.82
C ARG B 626 4.15 -19.29 22.38
N SER B 627 2.98 -19.82 22.02
CA SER B 627 1.72 -19.24 22.48
C SER B 627 1.62 -19.27 24.00
N SER B 628 1.98 -20.41 24.59
CA SER B 628 1.93 -20.54 26.05
C SER B 628 2.89 -19.57 26.72
N VAL B 629 4.09 -19.42 26.15
CA VAL B 629 5.02 -18.41 26.66
C VAL B 629 4.40 -17.02 26.55
N ALA B 630 3.77 -16.71 25.42
CA ALA B 630 3.15 -15.40 25.23
C ALA B 630 2.06 -15.14 26.25
N TYR B 631 1.30 -16.18 26.62
CA TYR B 631 0.31 -16.07 27.68
C TYR B 631 0.96 -15.69 29.01
N ALA B 632 2.02 -16.42 29.39
CA ALA B 632 2.76 -16.10 30.61
C ALA B 632 3.28 -14.66 30.58
N MET B 633 3.76 -14.21 29.42
CA MET B 633 4.18 -12.82 29.29
C MET B 633 3.02 -11.88 29.50
N ARG B 634 1.88 -12.16 28.85
CA ARG B 634 0.70 -11.33 29.01
C ARG B 634 0.26 -11.27 30.47
N GLN B 635 0.36 -12.40 31.18
CA GLN B 635 -0.02 -12.45 32.59
C GLN B 635 0.94 -11.65 33.45
N TYR B 636 2.24 -11.91 33.30
CA TYR B 636 3.25 -11.28 34.13
C TYR B 636 3.24 -9.76 33.98
N PHE B 637 3.09 -9.26 32.76
CA PHE B 637 3.03 -7.82 32.58
C PHE B 637 1.68 -7.26 33.02
N LEU B 638 0.63 -8.08 33.02
CA LEU B 638 -0.67 -7.61 33.52
C LEU B 638 -0.63 -7.39 35.03
N LYS B 639 -0.04 -8.33 35.77
CA LYS B 639 -0.01 -8.20 37.23
C LYS B 639 1.20 -7.40 37.69
N VAL B 640 2.39 -8.03 37.68
CA VAL B 640 3.61 -7.50 38.27
C VAL B 640 3.96 -6.10 37.76
N LYS B 641 3.36 -5.67 36.65
CA LYS B 641 3.61 -4.33 36.15
C LYS B 641 2.37 -3.53 35.76
N ASN B 642 1.18 -4.13 35.83
CA ASN B 642 -0.07 -3.49 35.37
C ASN B 642 0.08 -3.01 33.92
N GLN B 643 0.20 -4.01 33.03
CA GLN B 643 0.47 -3.75 31.61
C GLN B 643 -0.34 -4.72 30.77
N MET B 644 -1.11 -4.18 29.82
CA MET B 644 -1.81 -5.01 28.84
C MET B 644 -0.98 -4.97 27.56
N ILE B 645 -0.18 -6.01 27.35
CA ILE B 645 0.68 -6.11 26.18
C ILE B 645 0.27 -7.38 25.44
N LEU B 646 -0.23 -7.20 24.22
CA LEU B 646 -0.77 -8.32 23.45
C LEU B 646 0.36 -9.08 22.76
N PHE B 647 1.17 -9.75 23.57
CA PHE B 647 2.18 -10.67 23.04
C PHE B 647 1.53 -11.76 22.22
N GLY B 648 2.22 -12.20 21.16
CA GLY B 648 1.75 -13.29 20.33
C GLY B 648 2.83 -14.32 20.11
N GLU B 649 2.45 -15.42 19.45
CA GLU B 649 3.40 -16.46 19.11
C GLU B 649 4.54 -15.91 18.25
N GLU B 650 4.25 -14.92 17.40
CA GLU B 650 5.29 -14.29 16.59
C GLU B 650 6.33 -13.58 17.45
N ASP B 651 6.04 -13.32 18.72
CA ASP B 651 6.96 -12.57 19.57
C ASP B 651 7.91 -13.45 20.37
N VAL B 652 7.62 -14.74 20.49
CA VAL B 652 8.56 -15.69 21.09
C VAL B 652 9.50 -16.17 19.98
N ARG B 653 10.77 -15.72 20.04
CA ARG B 653 11.73 -15.95 18.96
C ARG B 653 12.70 -17.06 19.34
N VAL B 654 12.49 -18.25 18.77
CA VAL B 654 13.31 -19.42 19.07
C VAL B 654 14.46 -19.50 18.08
N ALA B 655 15.59 -19.97 18.60
CA ALA B 655 16.83 -20.14 17.85
C ALA B 655 17.44 -21.48 18.23
N ASN B 656 18.15 -22.08 17.27
CA ASN B 656 18.83 -23.38 17.46
C ASN B 656 17.86 -24.49 17.88
N ARG B 660 17.89 -29.97 16.92
CA ARG B 660 16.48 -29.92 17.24
C ARG B 660 16.20 -30.41 18.66
N ILE B 661 17.06 -31.29 19.17
CA ILE B 661 16.79 -31.98 20.43
C ILE B 661 16.47 -31.00 21.56
N SER B 662 17.04 -29.79 21.50
CA SER B 662 16.64 -28.67 22.34
C SER B 662 16.61 -27.41 21.47
N PHE B 663 16.55 -26.25 22.13
CA PHE B 663 16.57 -24.96 21.46
C PHE B 663 16.73 -23.87 22.52
N ASN B 664 16.82 -22.63 22.04
CA ASN B 664 16.85 -21.42 22.85
C ASN B 664 15.73 -20.50 22.36
N PHE B 665 15.41 -19.49 23.17
CA PHE B 665 14.31 -18.60 22.81
C PHE B 665 14.44 -17.30 23.60
N PHE B 666 14.00 -16.21 22.99
CA PHE B 666 13.80 -14.95 23.69
C PHE B 666 12.48 -14.34 23.22
N VAL B 667 12.13 -13.20 23.83
CA VAL B 667 10.82 -12.56 23.68
C VAL B 667 11.03 -11.09 23.36
N THR B 668 10.12 -10.53 22.56
CA THR B 668 10.20 -9.17 22.08
C THR B 668 8.82 -8.52 22.14
N ALA B 669 8.79 -7.24 22.49
CA ALA B 669 7.52 -6.54 22.53
C ALA B 669 6.90 -6.51 21.13
N PRO B 670 5.58 -6.69 21.01
CA PRO B 670 4.95 -6.66 19.68
C PRO B 670 5.02 -5.28 19.07
N LYS B 671 5.28 -5.23 17.76
CA LYS B 671 5.51 -4.04 16.94
C LYS B 671 6.85 -3.35 17.20
N ASN B 672 7.73 -3.94 18.03
CA ASN B 672 9.08 -3.41 18.26
C ASN B 672 10.00 -4.61 18.37
N VAL B 673 10.58 -5.01 17.23
CA VAL B 673 11.46 -6.16 17.24
C VAL B 673 12.79 -5.80 17.91
N SER B 674 13.08 -4.52 18.07
CA SER B 674 14.29 -4.09 18.77
C SER B 674 14.10 -3.95 20.27
N ASP B 675 12.99 -4.46 20.82
CA ASP B 675 12.66 -4.35 22.24
C ASP B 675 12.64 -5.76 22.82
N ILE B 676 13.83 -6.28 23.12
CA ILE B 676 13.89 -7.57 23.78
C ILE B 676 13.50 -7.39 25.24
N ILE B 677 12.59 -8.25 25.71
CA ILE B 677 12.27 -8.29 27.15
C ILE B 677 13.46 -8.85 27.89
N PRO B 678 13.85 -8.28 29.03
CA PRO B 678 15.02 -8.79 29.76
C PRO B 678 14.84 -10.25 30.14
N ARG B 679 15.90 -11.03 29.98
CA ARG B 679 15.88 -12.44 30.40
C ARG B 679 15.49 -12.57 31.86
N THR B 680 15.90 -11.60 32.68
CA THR B 680 15.49 -11.57 34.08
C THR B 680 13.97 -11.66 34.20
N GLU B 681 13.25 -10.81 33.46
CA GLU B 681 11.80 -10.74 33.58
C GLU B 681 11.10 -11.97 32.99
N VAL B 682 11.54 -12.44 31.82
CA VAL B 682 10.88 -13.60 31.21
C VAL B 682 11.06 -14.83 32.08
N GLU B 683 12.24 -15.00 32.70
CA GLU B 683 12.42 -16.11 33.63
C GLU B 683 11.39 -16.05 34.75
N LYS B 684 11.14 -14.86 35.30
CA LYS B 684 10.10 -14.71 36.32
C LYS B 684 8.72 -15.04 35.74
N ALA B 685 8.39 -14.48 34.58
CA ALA B 685 7.08 -14.70 33.99
C ALA B 685 6.75 -16.18 33.88
N ILE B 686 7.72 -16.99 33.41
CA ILE B 686 7.47 -18.42 33.27
C ILE B 686 7.22 -19.07 34.62
N ARG B 687 7.79 -18.51 35.70
CA ARG B 687 7.48 -19.02 37.03
C ARG B 687 5.99 -18.92 37.31
N MET B 688 5.40 -17.74 37.11
CA MET B 688 3.99 -17.53 37.41
C MET B 688 3.05 -18.43 36.60
N SER B 689 3.54 -19.22 35.66
CA SER B 689 2.67 -20.04 34.84
C SER B 689 3.25 -21.45 34.71
N ARG B 690 2.44 -22.37 34.16
CA ARG B 690 2.87 -23.76 33.96
C ARG B 690 2.24 -24.36 32.70
#